data_6ZTH
#
_entry.id   6ZTH
#
_cell.length_a   75.806
_cell.length_b   170.578
_cell.length_c   93.485
_cell.angle_alpha   90.000
_cell.angle_beta   92.860
_cell.angle_gamma   90.000
#
_symmetry.space_group_name_H-M   'P 1 21 1'
#
loop_
_entity.id
_entity.type
_entity.pdbx_description
1 polymer 'PlaB phospholipase'
2 non-polymer NICOTINAMIDE-ADENINE-DINUCLEOTIDE
3 water water
#
_entity_poly.entity_id   1
_entity_poly.type   'polypeptide(L)'
_entity_poly.pdbx_seq_one_letter_code
;(MSE)ASWSHPQFEKGAGT(MSE)IVIFVHGWSVTHTNTYGELPQWLENQSKQGKLDIQVGNIYLGRYISFDDTVTVDDI
ARAFDQAVRDEIADKLRDGQRFACITHSTGGPIVRKW(MSE)DLYFKNNLAKCPLSHLI(MSE)LAPANHGSALAQLGKS
RLGRIKSFFEGIEPGKCVLDWLELGSD(MSE)SWQLNESWLDYDCTANGVYSFVLTGQKIDRQFYDAVNSYTGESGSNGV
VRVAATN(MSE)NYSLLKLHQEGDNGESLVVAK(MSE)TRTQP(MSE)AFGVLPGLSHSGKNIGIIRSIT(MSE)ANAAT
HPTAIWILRCLQVKSRDSYNKLVKELDNITKETQKNEHKEFVKTLVFTREYITNRYS(MSE)IIFRLIDDRGNHLIDYDL
YLTAGPQYSEQALPAGFFVDRQRNLNNRGKLTYFLDYDI(MSE)EGGINTPK(MSE)QGNLGFRVKAYPESSDQALAYYR
LLDFHSSLADIHKILHPNETV(MSE)VEI(MSE)LQRRVDRTVFRISNNLTPAKISGKPTGKKID
;
_entity_poly.pdbx_strand_id   A,B,C,D
#
# COMPACT_ATOMS: atom_id res chain seq x y z
N ALA A 13 -43.49 -0.82 -36.69
CA ALA A 13 -42.95 -0.50 -38.05
C ALA A 13 -42.96 1.01 -38.30
N GLY A 14 -43.17 1.79 -37.25
CA GLY A 14 -43.19 3.23 -37.41
C GLY A 14 -43.33 3.99 -36.10
N THR A 15 -42.51 5.05 -35.95
CA THR A 15 -42.52 5.97 -34.82
C THR A 15 -41.12 6.06 -34.23
N ILE A 17 -38.83 6.87 -30.57
CA ILE A 17 -38.68 7.12 -29.14
C ILE A 17 -37.30 7.72 -28.92
N VAL A 18 -37.20 8.64 -27.97
CA VAL A 18 -35.95 9.31 -27.64
C VAL A 18 -35.70 9.19 -26.15
N ILE A 19 -34.51 8.73 -25.78
CA ILE A 19 -34.12 8.55 -24.39
C ILE A 19 -32.82 9.30 -24.16
N PHE A 20 -32.82 10.20 -23.18
CA PHE A 20 -31.63 10.96 -22.82
C PHE A 20 -30.88 10.27 -21.69
N VAL A 21 -29.56 10.24 -21.80
CA VAL A 21 -28.69 9.66 -20.78
C VAL A 21 -27.61 10.67 -20.45
N HIS A 22 -27.44 10.94 -19.15
CA HIS A 22 -26.53 11.98 -18.70
C HIS A 22 -25.15 11.41 -18.39
N GLY A 23 -24.27 12.25 -17.83
CA GLY A 23 -22.92 11.87 -17.51
C GLY A 23 -22.69 11.66 -16.03
N TRP A 24 -21.42 11.58 -15.66
CA TRP A 24 -21.05 11.23 -14.29
C TRP A 24 -21.23 12.41 -13.34
N SER A 25 -21.33 12.09 -12.05
CA SER A 25 -21.52 13.09 -11.01
C SER A 25 -22.67 14.03 -11.32
N VAL A 26 -23.66 13.54 -12.07
CA VAL A 26 -24.86 14.32 -12.40
C VAL A 26 -25.95 13.94 -11.43
N THR A 27 -26.52 14.94 -10.75
CA THR A 27 -27.57 14.72 -9.77
C THR A 27 -28.85 15.48 -10.10
N HIS A 28 -28.94 16.08 -11.29
CA HIS A 28 -30.12 16.84 -11.69
C HIS A 28 -30.27 16.70 -13.19
N THR A 29 -31.51 16.51 -13.64
CA THR A 29 -31.77 16.27 -15.06
C THR A 29 -31.69 17.53 -15.90
N ASN A 30 -31.52 18.71 -15.29
CA ASN A 30 -31.21 19.90 -16.06
C ASN A 30 -29.87 19.78 -16.77
N THR A 31 -29.07 18.77 -16.42
CA THR A 31 -27.87 18.46 -17.18
C THR A 31 -28.13 18.41 -18.68
N TYR A 32 -29.34 18.00 -19.08
CA TYR A 32 -29.71 17.92 -20.48
C TYR A 32 -30.08 19.28 -21.07
N GLY A 33 -29.87 20.36 -20.33
CA GLY A 33 -30.29 21.66 -20.81
C GLY A 33 -31.78 21.66 -21.10
N GLU A 34 -32.17 22.33 -22.19
CA GLU A 34 -33.54 22.33 -22.66
C GLU A 34 -33.71 21.51 -23.94
N LEU A 35 -32.73 20.66 -24.25
CA LEU A 35 -32.81 19.88 -25.49
C LEU A 35 -34.02 18.97 -25.53
N PRO A 36 -34.45 18.32 -24.45
CA PRO A 36 -35.72 17.56 -24.53
C PRO A 36 -36.91 18.42 -24.90
N GLN A 37 -37.07 19.57 -24.26
CA GLN A 37 -38.15 20.48 -24.62
C GLN A 37 -38.08 20.87 -26.09
N TRP A 38 -36.87 21.05 -26.62
CA TRP A 38 -36.73 21.48 -28.00
C TRP A 38 -37.18 20.40 -28.97
N LEU A 39 -36.75 19.15 -28.74
CA LEU A 39 -37.07 18.08 -29.68
C LEU A 39 -38.57 17.80 -29.69
N GLU A 40 -39.22 17.89 -28.53
CA GLU A 40 -40.68 17.72 -28.49
C GLU A 40 -41.36 18.74 -29.39
N ASN A 41 -40.93 20.00 -29.32
CA ASN A 41 -41.54 21.03 -30.15
C ASN A 41 -41.17 20.86 -31.62
N GLN A 42 -39.91 20.51 -31.89
CA GLN A 42 -39.50 20.28 -33.27
C GLN A 42 -40.30 19.15 -33.90
N SER A 43 -40.56 18.08 -33.13
CA SER A 43 -41.42 17.01 -33.63
C SER A 43 -42.86 17.49 -33.82
N LYS A 44 -43.29 18.48 -33.02
CA LYS A 44 -44.62 19.02 -33.18
C LYS A 44 -44.74 19.83 -34.46
N GLN A 45 -43.64 20.39 -34.94
CA GLN A 45 -43.64 21.18 -36.17
C GLN A 45 -43.42 20.34 -37.42
N GLY A 46 -43.27 19.02 -37.27
CA GLY A 46 -43.14 18.13 -38.41
C GLY A 46 -41.72 17.80 -38.83
N LYS A 47 -40.72 18.24 -38.07
CA LYS A 47 -39.33 17.94 -38.40
C LYS A 47 -38.89 16.58 -37.87
N LEU A 48 -39.61 16.01 -36.92
CA LEU A 48 -39.35 14.65 -36.46
C LEU A 48 -40.68 13.96 -36.19
N ASP A 49 -40.63 12.63 -36.14
CA ASP A 49 -41.81 11.81 -35.90
C ASP A 49 -41.71 11.22 -34.49
N ILE A 50 -41.97 12.07 -33.50
CA ILE A 50 -41.91 11.68 -32.09
C ILE A 50 -43.25 12.06 -31.46
N GLN A 51 -44.04 11.05 -31.12
CA GLN A 51 -45.32 11.31 -30.49
C GLN A 51 -45.13 11.97 -29.13
N VAL A 52 -46.16 12.73 -28.71
CA VAL A 52 -46.13 13.34 -27.39
C VAL A 52 -45.98 12.26 -26.34
N GLY A 53 -45.01 12.42 -25.46
CA GLY A 53 -44.76 11.47 -24.40
C GLY A 53 -43.76 10.40 -24.71
N ASN A 54 -43.10 10.45 -25.87
CA ASN A 54 -42.10 9.46 -26.26
C ASN A 54 -40.68 10.00 -26.16
N ILE A 55 -40.48 11.13 -25.48
CA ILE A 55 -39.16 11.65 -25.16
C ILE A 55 -38.94 11.44 -23.66
N TYR A 56 -37.82 10.83 -23.29
CA TYR A 56 -37.59 10.38 -21.93
C TYR A 56 -36.31 10.98 -21.38
N LEU A 57 -36.35 11.31 -20.09
CA LEU A 57 -35.17 11.75 -19.35
C LEU A 57 -34.66 10.58 -18.53
N GLY A 58 -33.43 10.14 -18.83
CA GLY A 58 -32.80 9.09 -18.05
C GLY A 58 -32.07 9.67 -16.86
N ARG A 59 -32.17 8.97 -15.72
CA ARG A 59 -31.47 9.35 -14.51
C ARG A 59 -30.90 8.09 -13.88
N TYR A 60 -29.57 8.02 -13.76
CA TYR A 60 -28.89 6.88 -13.18
C TYR A 60 -27.89 7.36 -12.14
N ILE A 61 -27.54 6.45 -11.24
CA ILE A 61 -26.71 6.77 -10.07
C ILE A 61 -25.25 6.59 -10.46
N SER A 62 -24.49 7.69 -10.47
CA SER A 62 -23.07 7.67 -10.78
C SER A 62 -22.21 8.04 -9.58
N PHE A 63 -22.82 8.41 -8.46
CA PHE A 63 -22.08 8.84 -7.27
C PHE A 63 -22.09 7.78 -6.18
N ASP A 64 -22.25 6.51 -6.54
CA ASP A 64 -22.30 5.42 -5.58
C ASP A 64 -21.02 4.59 -5.72
N ASP A 65 -20.28 4.46 -4.62
CA ASP A 65 -19.04 3.71 -4.64
C ASP A 65 -19.25 2.23 -4.93
N THR A 66 -20.46 1.71 -4.65
CA THR A 66 -20.73 0.28 -4.83
C THR A 66 -21.23 -0.08 -6.22
N VAL A 67 -21.62 0.90 -7.03
CA VAL A 67 -22.30 0.65 -8.29
C VAL A 67 -21.28 0.69 -9.43
N THR A 68 -21.28 -0.36 -10.24
CA THR A 68 -20.38 -0.47 -11.37
C THR A 68 -21.03 0.10 -12.63
N VAL A 69 -20.25 0.15 -13.71
CA VAL A 69 -20.82 0.48 -15.02
C VAL A 69 -21.69 -0.66 -15.52
N ASP A 70 -21.21 -1.90 -15.33
CA ASP A 70 -22.04 -3.06 -15.65
C ASP A 70 -23.37 -3.00 -14.89
N ASP A 71 -23.33 -2.54 -13.63
CA ASP A 71 -24.58 -2.39 -12.87
C ASP A 71 -25.52 -1.41 -13.56
N ILE A 72 -24.99 -0.28 -14.02
CA ILE A 72 -25.85 0.76 -14.59
C ILE A 72 -26.39 0.32 -15.94
N ALA A 73 -25.53 -0.26 -16.79
CA ALA A 73 -26.01 -0.77 -18.07
C ALA A 73 -27.11 -1.81 -17.88
N ARG A 74 -26.93 -2.70 -16.92
CA ARG A 74 -27.98 -3.65 -16.57
C ARG A 74 -29.24 -2.92 -16.10
N ALA A 75 -29.07 -1.93 -15.23
CA ALA A 75 -30.22 -1.17 -14.74
C ALA A 75 -30.89 -0.40 -15.86
N PHE A 76 -30.13 0.04 -16.86
CA PHE A 76 -30.74 0.68 -18.02
C PHE A 76 -31.69 -0.27 -18.73
N ASP A 77 -31.29 -1.54 -18.88
CA ASP A 77 -32.15 -2.53 -19.51
C ASP A 77 -33.48 -2.64 -18.77
N GLN A 78 -33.42 -2.69 -17.44
CA GLN A 78 -34.66 -2.81 -16.66
C GLN A 78 -35.49 -1.54 -16.77
N ALA A 79 -34.85 -0.38 -16.77
CA ALA A 79 -35.58 0.87 -16.91
C ALA A 79 -36.31 0.93 -18.25
N VAL A 80 -35.65 0.48 -19.33
CA VAL A 80 -36.27 0.49 -20.64
C VAL A 80 -37.49 -0.43 -20.65
N ARG A 81 -37.29 -1.70 -20.27
CA ARG A 81 -38.39 -2.65 -20.25
C ARG A 81 -39.50 -2.18 -19.31
N ASP A 82 -39.13 -1.62 -18.16
CA ASP A 82 -40.12 -1.23 -17.16
C ASP A 82 -41.12 -0.22 -17.70
N GLU A 83 -40.70 0.62 -18.65
CA GLU A 83 -41.51 1.75 -19.07
C GLU A 83 -41.97 1.69 -20.52
N ILE A 84 -41.24 1.03 -21.41
CA ILE A 84 -41.60 1.04 -22.82
C ILE A 84 -41.47 -0.35 -23.44
N ALA A 85 -41.71 -1.39 -22.64
CA ALA A 85 -41.72 -2.74 -23.20
C ALA A 85 -42.85 -2.90 -24.21
N ASP A 86 -44.02 -2.32 -23.92
CA ASP A 86 -45.15 -2.42 -24.85
CA ASP A 86 -45.14 -2.42 -24.84
C ASP A 86 -44.81 -1.81 -26.19
N LYS A 87 -44.38 -0.53 -26.19
CA LYS A 87 -44.09 0.15 -27.43
C LYS A 87 -43.04 -0.60 -28.25
N LEU A 88 -41.98 -1.07 -27.61
CA LEU A 88 -40.96 -1.83 -28.32
C LEU A 88 -41.57 -3.07 -28.99
N ARG A 89 -42.47 -3.75 -28.28
CA ARG A 89 -43.13 -4.92 -28.87
C ARG A 89 -43.99 -4.54 -30.07
N ASP A 90 -44.49 -3.30 -30.09
CA ASP A 90 -45.22 -2.79 -31.24
C ASP A 90 -44.33 -2.47 -32.43
N GLY A 91 -43.03 -2.77 -32.34
CA GLY A 91 -42.11 -2.49 -33.43
C GLY A 91 -41.48 -1.11 -33.38
N GLN A 92 -41.50 -0.45 -32.23
CA GLN A 92 -40.88 0.85 -32.08
C GLN A 92 -39.44 0.71 -31.63
N ARG A 93 -38.61 1.67 -32.03
CA ARG A 93 -37.19 1.69 -31.69
C ARG A 93 -36.82 3.08 -31.22
N PHE A 94 -35.91 3.15 -30.24
CA PHE A 94 -35.57 4.41 -29.60
C PHE A 94 -34.18 4.88 -29.99
N ALA A 95 -33.98 6.19 -29.88
CA ALA A 95 -32.69 6.82 -30.10
C ALA A 95 -32.15 7.31 -28.76
N CYS A 96 -30.91 6.96 -28.46
CA CYS A 96 -30.26 7.36 -27.22
C CYS A 96 -29.41 8.59 -27.49
N ILE A 97 -29.75 9.70 -26.85
CA ILE A 97 -28.93 10.90 -26.82
C ILE A 97 -28.19 10.88 -25.49
N THR A 98 -26.89 10.64 -25.55
CA THR A 98 -26.07 10.46 -24.35
C THR A 98 -25.12 11.65 -24.17
N HIS A 99 -24.68 11.83 -22.93
CA HIS A 99 -23.71 12.85 -22.56
C HIS A 99 -22.68 12.24 -21.64
N SER A 100 -21.41 12.44 -21.96
CA SER A 100 -20.27 12.00 -21.12
C SER A 100 -20.41 10.49 -20.90
N THR A 101 -20.37 10.00 -19.66
CA THR A 101 -20.34 8.57 -19.40
C THR A 101 -21.61 7.86 -19.85
N GLY A 102 -22.68 8.59 -20.16
CA GLY A 102 -23.87 7.95 -20.70
C GLY A 102 -23.59 7.17 -21.96
N GLY A 103 -22.62 7.61 -22.75
CA GLY A 103 -22.26 6.94 -23.97
C GLY A 103 -21.64 5.58 -23.70
N PRO A 104 -20.55 5.56 -22.94
CA PRO A 104 -19.98 4.28 -22.51
C PRO A 104 -21.00 3.35 -21.89
N ILE A 105 -21.99 3.91 -21.17
CA ILE A 105 -23.04 3.09 -20.58
C ILE A 105 -23.82 2.36 -21.67
N VAL A 106 -24.32 3.11 -22.65
CA VAL A 106 -25.19 2.52 -23.66
C VAL A 106 -24.42 1.52 -24.52
N ARG A 107 -23.18 1.85 -24.87
CA ARG A 107 -22.34 0.90 -25.60
C ARG A 107 -22.21 -0.41 -24.83
N LYS A 108 -21.96 -0.32 -23.52
CA LYS A 108 -21.84 -1.53 -22.71
C LYS A 108 -23.14 -2.30 -22.66
N TRP A 109 -24.28 -1.61 -22.75
CA TRP A 109 -25.56 -2.29 -22.69
C TRP A 109 -25.85 -3.07 -23.96
N ASP A 111 -23.45 -4.41 -25.70
CA ASP A 111 -22.53 -5.53 -25.59
C ASP A 111 -23.11 -6.64 -24.72
N LEU A 112 -23.80 -6.27 -23.65
CA LEU A 112 -24.34 -7.27 -22.74
C LEU A 112 -25.52 -8.02 -23.34
N TYR A 113 -26.32 -7.36 -24.19
CA TYR A 113 -27.61 -7.89 -24.57
C TYR A 113 -27.79 -8.16 -26.06
N PHE A 114 -26.96 -7.57 -26.94
CA PHE A 114 -27.25 -7.70 -28.37
C PHE A 114 -26.02 -7.61 -29.27
N LYS A 115 -24.83 -7.97 -28.77
CA LYS A 115 -23.65 -7.81 -29.61
C LYS A 115 -23.83 -8.55 -30.95
N ASN A 116 -24.07 -9.86 -30.89
CA ASN A 116 -24.04 -10.70 -32.07
C ASN A 116 -25.38 -10.78 -32.79
N ASN A 117 -26.33 -9.92 -32.45
CA ASN A 117 -27.56 -9.75 -33.24
C ASN A 117 -28.03 -8.31 -33.06
N LEU A 118 -27.17 -7.36 -33.47
CA LEU A 118 -27.55 -5.95 -33.42
C LEU A 118 -28.73 -5.65 -34.34
N ALA A 119 -29.01 -6.53 -35.31
CA ALA A 119 -30.09 -6.29 -36.25
C ALA A 119 -31.42 -6.02 -35.56
N LYS A 120 -31.58 -6.45 -34.31
CA LYS A 120 -32.80 -6.17 -33.57
C LYS A 120 -32.50 -5.80 -32.13
N CYS A 121 -31.45 -5.02 -31.92
CA CYS A 121 -31.37 -4.24 -30.70
C CYS A 121 -32.40 -3.12 -30.78
N PRO A 122 -33.16 -2.86 -29.71
CA PRO A 122 -34.20 -1.81 -29.80
C PRO A 122 -33.66 -0.43 -30.09
N LEU A 123 -32.34 -0.26 -30.11
CA LEU A 123 -31.73 1.03 -30.41
C LEU A 123 -31.60 1.21 -31.92
N SER A 124 -32.11 2.34 -32.42
CA SER A 124 -31.97 2.69 -33.83
C SER A 124 -30.93 3.78 -34.07
N HIS A 125 -30.72 4.67 -33.10
CA HIS A 125 -29.74 5.74 -33.23
C HIS A 125 -28.99 5.89 -31.91
N LEU A 126 -27.68 6.15 -32.00
CA LEU A 126 -26.86 6.44 -30.84
C LEU A 126 -26.04 7.68 -31.14
N ILE A 127 -26.46 8.83 -30.61
CA ILE A 127 -25.75 10.10 -30.78
C ILE A 127 -25.01 10.38 -29.49
N LEU A 129 -22.60 12.52 -27.21
CA LEU A 129 -22.03 13.83 -26.91
C LEU A 129 -20.85 13.68 -25.96
N ALA A 130 -19.66 14.06 -26.43
CA ALA A 130 -18.42 14.12 -25.66
C ALA A 130 -18.29 12.91 -24.72
N PRO A 131 -18.25 11.69 -25.24
CA PRO A 131 -18.07 10.53 -24.36
C PRO A 131 -16.62 10.16 -24.19
N ALA A 132 -16.19 9.95 -22.95
CA ALA A 132 -14.87 9.42 -22.66
C ALA A 132 -14.81 7.96 -23.11
N ASN A 133 -15.01 7.71 -24.40
CA ASN A 133 -15.06 6.34 -24.90
C ASN A 133 -13.73 5.62 -24.69
N HIS A 134 -12.61 6.36 -24.71
CA HIS A 134 -11.30 5.80 -24.40
C HIS A 134 -10.75 6.32 -23.07
N GLY A 135 -11.62 6.77 -22.18
CA GLY A 135 -11.23 7.17 -20.84
C GLY A 135 -11.05 8.67 -20.70
N SER A 136 -11.00 9.10 -19.45
CA SER A 136 -10.76 10.50 -19.10
C SER A 136 -9.51 10.57 -18.24
N ALA A 137 -8.59 11.45 -18.62
CA ALA A 137 -7.38 11.64 -17.84
C ALA A 137 -7.67 12.14 -16.43
N LEU A 138 -8.83 12.78 -16.24
CA LEU A 138 -9.18 13.28 -14.90
C LEU A 138 -9.43 12.14 -13.92
N ALA A 139 -9.82 10.96 -14.41
CA ALA A 139 -10.28 9.90 -13.53
C ALA A 139 -9.22 9.54 -12.50
N GLN A 140 -7.96 9.46 -12.92
CA GLN A 140 -6.89 9.05 -12.02
C GLN A 140 -6.68 10.03 -10.87
N LEU A 141 -7.15 11.27 -11.01
CA LEU A 141 -6.92 12.26 -9.97
C LEU A 141 -7.59 11.89 -8.65
N GLY A 142 -8.63 11.06 -8.69
CA GLY A 142 -9.25 10.55 -7.49
C GLY A 142 -10.64 11.12 -7.26
N LYS A 143 -11.32 10.54 -6.27
CA LYS A 143 -12.70 10.88 -5.97
C LYS A 143 -12.80 12.22 -5.24
N SER A 144 -12.09 12.37 -4.13
CA SER A 144 -12.19 13.60 -3.35
C SER A 144 -11.63 14.79 -4.13
N ARG A 145 -10.47 14.61 -4.77
CA ARG A 145 -9.85 15.74 -5.47
C ARG A 145 -10.72 16.20 -6.64
N LEU A 146 -11.44 15.29 -7.28
CA LEU A 146 -12.24 15.67 -8.44
C LEU A 146 -13.53 16.36 -8.03
N GLY A 147 -14.21 15.85 -6.99
CA GLY A 147 -15.42 16.50 -6.53
C GLY A 147 -15.22 17.95 -6.17
N ARG A 148 -13.99 18.32 -5.79
CA ARG A 148 -13.67 19.71 -5.48
C ARG A 148 -13.40 20.55 -6.71
N ILE A 149 -13.36 19.94 -7.89
CA ILE A 149 -12.95 20.65 -9.10
C ILE A 149 -14.16 21.33 -9.72
N LYS A 150 -13.88 22.38 -10.51
CA LYS A 150 -14.95 23.22 -11.05
C LYS A 150 -15.82 22.47 -12.04
N SER A 151 -15.28 21.44 -12.70
CA SER A 151 -16.09 20.59 -13.57
C SER A 151 -17.05 19.71 -12.77
N PHE A 152 -16.84 19.57 -11.46
CA PHE A 152 -17.70 18.74 -10.63
C PHE A 152 -18.46 19.53 -9.57
N PHE A 153 -18.35 20.86 -9.58
CA PHE A 153 -19.12 21.67 -8.63
C PHE A 153 -20.61 21.38 -8.73
N GLU A 154 -21.11 21.10 -9.94
CA GLU A 154 -22.54 20.99 -10.17
C GLU A 154 -23.15 19.72 -9.61
N GLY A 155 -22.35 18.79 -9.12
CA GLY A 155 -22.88 17.55 -8.58
C GLY A 155 -22.11 17.04 -7.38
N ILE A 156 -22.18 15.74 -7.15
CA ILE A 156 -21.47 15.12 -6.07
C ILE A 156 -20.26 14.36 -6.65
N GLU A 157 -19.39 13.89 -5.77
CA GLU A 157 -18.20 13.17 -6.19
C GLU A 157 -18.60 11.89 -6.94
N PRO A 158 -17.72 11.37 -7.78
CA PRO A 158 -18.08 10.22 -8.62
C PRO A 158 -17.74 8.87 -7.98
N GLY A 159 -18.48 7.86 -8.43
CA GLY A 159 -18.31 6.53 -7.85
C GLY A 159 -16.92 5.98 -8.09
N LYS A 160 -16.42 5.26 -7.09
CA LYS A 160 -15.09 4.67 -7.19
C LYS A 160 -14.99 3.71 -8.39
N CYS A 161 -16.03 2.91 -8.62
CA CYS A 161 -15.99 1.94 -9.71
C CYS A 161 -16.28 2.58 -11.05
N VAL A 162 -17.09 3.64 -11.09
CA VAL A 162 -17.21 4.42 -12.32
C VAL A 162 -15.87 5.04 -12.67
N LEU A 163 -15.16 5.57 -11.67
CA LEU A 163 -13.85 6.16 -11.90
C LEU A 163 -12.85 5.10 -12.36
N ASP A 164 -13.00 3.86 -11.88
CA ASP A 164 -12.15 2.77 -12.38
C ASP A 164 -12.40 2.50 -13.85
N TRP A 165 -13.61 2.81 -14.34
CA TRP A 165 -13.91 2.56 -15.75
C TRP A 165 -13.27 3.59 -16.67
N LEU A 166 -13.34 4.86 -16.31
CA LEU A 166 -12.89 5.94 -17.18
C LEU A 166 -11.42 6.27 -17.01
N GLU A 167 -10.69 5.53 -16.18
CA GLU A 167 -9.27 5.75 -16.04
C GLU A 167 -8.56 5.39 -17.35
N LEU A 168 -7.64 6.24 -17.78
CA LEU A 168 -6.86 5.95 -18.97
C LEU A 168 -6.18 4.60 -18.82
N GLY A 169 -6.17 3.83 -19.90
CA GLY A 169 -5.57 2.51 -19.86
C GLY A 169 -6.29 1.52 -18.97
N SER A 170 -7.59 1.71 -18.76
CA SER A 170 -8.35 0.82 -17.91
C SER A 170 -8.62 -0.51 -18.61
N ASP A 171 -8.80 -1.56 -17.80
CA ASP A 171 -9.04 -2.89 -18.36
C ASP A 171 -10.44 -3.00 -18.95
N SER A 173 -12.63 -0.62 -20.10
CA SER A 173 -12.80 0.11 -21.35
C SER A 173 -12.05 -0.57 -22.49
N TRP A 174 -10.90 -1.17 -22.19
CA TRP A 174 -10.20 -1.97 -23.18
C TRP A 174 -11.03 -3.18 -23.59
N GLN A 175 -11.60 -3.88 -22.60
CA GLN A 175 -12.42 -5.05 -22.91
C GLN A 175 -13.63 -4.65 -23.75
N LEU A 176 -14.24 -3.50 -23.46
CA LEU A 176 -15.42 -3.08 -24.20
C LEU A 176 -15.05 -2.64 -25.61
N ASN A 177 -13.93 -1.92 -25.76
CA ASN A 177 -13.58 -1.36 -27.06
C ASN A 177 -13.03 -2.42 -28.00
N GLU A 178 -12.25 -3.38 -27.49
CA GLU A 178 -11.81 -4.50 -28.32
CA GLU A 178 -11.82 -4.49 -28.33
C GLU A 178 -13.01 -5.29 -28.84
N SER A 179 -14.04 -5.45 -28.00
CA SER A 179 -15.25 -6.13 -28.45
C SER A 179 -15.97 -5.31 -29.52
N TRP A 180 -15.92 -3.99 -29.41
CA TRP A 180 -16.57 -3.13 -30.39
C TRP A 180 -15.82 -3.07 -31.72
N LEU A 181 -14.63 -3.66 -31.80
CA LEU A 181 -13.95 -3.77 -33.08
C LEU A 181 -14.78 -4.58 -34.07
N ASP A 182 -15.48 -5.61 -33.57
CA ASP A 182 -16.26 -6.50 -34.42
C ASP A 182 -17.66 -5.99 -34.71
N TYR A 183 -18.06 -4.86 -34.11
CA TYR A 183 -19.39 -4.33 -34.32
C TYR A 183 -19.56 -3.87 -35.77
N ASP A 184 -20.83 -3.67 -36.16
CA ASP A 184 -21.18 -3.12 -37.46
C ASP A 184 -22.58 -2.53 -37.38
N CYS A 185 -22.72 -1.39 -36.72
CA CYS A 185 -24.04 -0.82 -36.47
C CYS A 185 -24.76 -0.49 -37.77
N THR A 186 -24.06 0.16 -38.70
CA THR A 186 -24.71 0.65 -39.92
C THR A 186 -25.38 -0.49 -40.68
N ALA A 187 -24.65 -1.59 -40.88
CA ALA A 187 -25.21 -2.72 -41.61
C ALA A 187 -26.43 -3.32 -40.90
N ASN A 188 -26.55 -3.11 -39.59
CA ASN A 188 -27.64 -3.66 -38.81
C ASN A 188 -28.75 -2.64 -38.54
N GLY A 189 -28.86 -1.62 -39.38
CA GLY A 189 -29.89 -0.61 -39.20
C GLY A 189 -29.71 0.26 -37.98
N VAL A 190 -28.51 0.32 -37.42
CA VAL A 190 -28.22 1.11 -36.23
C VAL A 190 -27.21 2.18 -36.63
N TYR A 191 -27.61 3.45 -36.50
CA TYR A 191 -26.80 4.58 -36.91
C TYR A 191 -26.25 5.28 -35.67
N SER A 192 -24.93 5.21 -35.49
CA SER A 192 -24.26 5.80 -34.34
C SER A 192 -23.48 7.04 -34.77
N PHE A 193 -23.42 8.03 -33.87
CA PHE A 193 -22.72 9.27 -34.12
C PHE A 193 -22.01 9.73 -32.86
N VAL A 194 -20.83 10.31 -33.03
CA VAL A 194 -20.05 10.88 -31.95
C VAL A 194 -19.84 12.36 -32.25
N LEU A 195 -20.21 13.22 -31.31
CA LEU A 195 -20.06 14.66 -31.43
C LEU A 195 -19.48 15.22 -30.14
N THR A 196 -18.51 16.12 -30.28
CA THR A 196 -17.86 16.73 -29.12
C THR A 196 -17.32 18.10 -29.52
N GLY A 197 -16.75 18.80 -28.53
CA GLY A 197 -16.12 20.07 -28.77
C GLY A 197 -14.71 20.07 -28.19
N GLN A 198 -13.97 21.13 -28.49
CA GLN A 198 -12.59 21.26 -28.03
C GLN A 198 -12.30 22.63 -27.47
N LYS A 199 -13.33 23.30 -26.94
CA LYS A 199 -13.17 24.62 -26.35
C LYS A 199 -13.14 24.51 -24.83
N ILE A 200 -12.20 25.23 -24.22
CA ILE A 200 -12.07 25.27 -22.77
C ILE A 200 -12.91 26.42 -22.24
N ASP A 201 -13.83 26.13 -21.32
CA ASP A 201 -14.52 27.16 -20.56
C ASP A 201 -13.52 27.74 -19.57
N ARG A 202 -12.73 28.70 -20.04
CA ARG A 202 -11.58 29.16 -19.28
C ARG A 202 -11.96 29.73 -17.92
N GLN A 203 -13.24 30.02 -17.69
CA GLN A 203 -13.67 30.45 -16.36
C GLN A 203 -13.64 29.30 -15.36
N PHE A 204 -13.43 28.06 -15.82
CA PHE A 204 -13.42 26.89 -14.94
C PHE A 204 -12.12 26.11 -15.06
N TYR A 205 -11.02 26.79 -15.36
CA TYR A 205 -9.71 26.14 -15.41
C TYR A 205 -9.20 25.93 -14.00
N ASP A 206 -9.12 24.68 -13.56
CA ASP A 206 -8.55 24.38 -12.25
C ASP A 206 -7.06 24.68 -12.25
N ALA A 207 -6.62 25.49 -11.28
CA ALA A 207 -5.27 26.01 -11.30
C ALA A 207 -4.23 24.90 -11.16
N VAL A 208 -4.37 24.07 -10.13
CA VAL A 208 -3.35 23.07 -9.81
C VAL A 208 -3.62 21.75 -10.54
N ASN A 209 -4.39 21.81 -11.62
CA ASN A 209 -4.66 20.62 -12.44
C ASN A 209 -4.75 21.10 -13.89
N SER A 210 -3.71 20.83 -14.67
CA SER A 210 -3.64 21.34 -16.02
C SER A 210 -4.64 20.67 -16.96
N TYR A 211 -5.07 19.44 -16.64
CA TYR A 211 -5.99 18.75 -17.52
C TYR A 211 -7.25 19.58 -17.78
N THR A 212 -7.67 20.40 -16.80
CA THR A 212 -8.87 21.20 -16.94
C THR A 212 -8.74 22.32 -17.97
N GLY A 213 -7.59 22.45 -18.63
CA GLY A 213 -7.43 23.40 -19.71
C GLY A 213 -6.57 22.84 -20.81
N GLU A 214 -6.39 21.52 -20.81
CA GLU A 214 -5.51 20.87 -21.77
C GLU A 214 -6.04 21.04 -23.19
N SER A 215 -5.18 21.55 -24.07
CA SER A 215 -5.55 21.68 -25.47
C SER A 215 -5.84 20.32 -26.08
N GLY A 216 -6.74 20.30 -27.06
CA GLY A 216 -7.23 19.05 -27.58
C GLY A 216 -8.29 18.39 -26.73
N SER A 217 -8.77 19.08 -25.70
CA SER A 217 -9.81 18.57 -24.82
C SER A 217 -10.86 19.66 -24.62
N ASN A 218 -12.01 19.25 -24.08
CA ASN A 218 -13.06 20.18 -23.68
C ASN A 218 -13.05 20.43 -22.18
N GLY A 219 -11.87 20.32 -21.54
CA GLY A 219 -11.74 20.45 -20.12
C GLY A 219 -11.90 19.17 -19.34
N VAL A 220 -12.45 18.12 -19.96
CA VAL A 220 -12.72 16.87 -19.26
C VAL A 220 -12.25 15.68 -20.10
N VAL A 221 -12.75 15.58 -21.33
CA VAL A 221 -12.46 14.45 -22.21
C VAL A 221 -11.72 14.96 -23.44
N ARG A 222 -10.72 14.20 -23.87
CA ARG A 222 -9.94 14.56 -25.05
C ARG A 222 -10.71 14.21 -26.31
N VAL A 223 -10.52 15.03 -27.34
CA VAL A 223 -11.21 14.79 -28.61
C VAL A 223 -10.87 13.40 -29.14
N ALA A 224 -9.59 13.03 -29.09
CA ALA A 224 -9.18 11.72 -29.59
C ALA A 224 -9.84 10.58 -28.81
N ALA A 225 -10.12 10.80 -27.53
CA ALA A 225 -10.76 9.78 -26.72
C ALA A 225 -12.26 9.70 -26.93
N THR A 226 -12.87 10.66 -27.64
CA THR A 226 -14.28 10.57 -27.99
C THR A 226 -14.51 9.79 -29.28
N ASN A 227 -13.50 9.70 -30.14
CA ASN A 227 -13.68 9.10 -31.45
C ASN A 227 -13.88 7.60 -31.34
N ASN A 229 -13.76 5.88 -34.22
CA ASN A 229 -12.96 5.43 -35.37
C ASN A 229 -11.54 5.19 -34.86
N TYR A 230 -11.26 3.95 -34.46
CA TYR A 230 -9.97 3.62 -33.87
C TYR A 230 -9.52 2.24 -34.35
N SER A 231 -8.25 1.94 -34.07
CA SER A 231 -7.58 0.74 -34.53
C SER A 231 -7.04 -0.06 -33.35
N LEU A 232 -6.63 -1.29 -33.64
CA LEU A 232 -6.00 -2.16 -32.65
C LEU A 232 -4.86 -2.90 -33.34
N LEU A 233 -3.63 -2.50 -33.05
CA LEU A 233 -2.44 -3.10 -33.63
C LEU A 233 -1.83 -4.05 -32.59
N LYS A 234 -1.75 -5.33 -32.93
CA LYS A 234 -1.17 -6.35 -32.05
C LYS A 234 0.18 -6.75 -32.61
N LEU A 235 1.23 -6.47 -31.84
CA LEU A 235 2.61 -6.68 -32.27
C LEU A 235 3.19 -7.85 -31.48
N HIS A 236 3.43 -8.96 -32.18
CA HIS A 236 3.91 -10.19 -31.57
C HIS A 236 5.38 -10.40 -31.90
N GLN A 237 6.18 -10.74 -30.89
CA GLN A 237 7.60 -10.97 -31.08
C GLN A 237 7.83 -12.42 -31.53
N GLU A 238 8.76 -12.60 -32.46
CA GLU A 238 9.12 -13.93 -32.94
C GLU A 238 10.64 -14.01 -33.03
N GLY A 239 11.16 -15.23 -32.91
CA GLY A 239 12.59 -15.47 -32.97
C GLY A 239 13.01 -16.70 -32.20
N GLU A 243 17.06 -14.74 -34.26
CA GLU A 243 17.13 -13.29 -34.40
C GLU A 243 15.74 -12.67 -34.23
N SER A 244 15.64 -11.69 -33.33
CA SER A 244 14.34 -11.16 -32.95
C SER A 244 13.59 -10.59 -34.16
N LEU A 245 12.29 -10.90 -34.23
CA LEU A 245 11.43 -10.42 -35.30
C LEU A 245 10.12 -9.93 -34.71
N VAL A 246 9.42 -9.10 -35.48
CA VAL A 246 8.14 -8.53 -35.08
C VAL A 246 7.12 -8.77 -36.18
N VAL A 247 5.91 -9.20 -35.80
CA VAL A 247 4.81 -9.43 -36.71
C VAL A 247 3.68 -8.49 -36.34
N ALA A 248 3.32 -7.59 -37.25
CA ALA A 248 2.33 -6.56 -36.99
C ALA A 248 0.99 -6.95 -37.61
N LYS A 249 -0.08 -6.80 -36.83
CA LYS A 249 -1.43 -7.09 -37.29
C LYS A 249 -2.36 -6.05 -36.69
N THR A 251 -6.35 -4.09 -36.86
CA THR A 251 -7.74 -4.05 -37.28
C THR A 251 -8.31 -2.67 -36.93
N ARG A 252 -9.51 -2.39 -37.44
CA ARG A 252 -10.10 -1.07 -37.28
C ARG A 252 -11.61 -1.20 -37.14
N THR A 253 -12.20 -0.27 -36.39
CA THR A 253 -13.64 -0.24 -36.24
C THR A 253 -14.31 0.08 -37.57
N GLN A 254 -15.64 -0.04 -37.59
CA GLN A 254 -16.39 0.38 -38.76
C GLN A 254 -16.48 1.90 -38.79
N PRO A 255 -16.53 2.51 -39.97
CA PRO A 255 -16.68 3.97 -40.04
C PRO A 255 -17.93 4.42 -39.29
N ALA A 257 -19.95 8.28 -37.86
CA ALA A 257 -20.00 9.73 -37.93
C ALA A 257 -19.26 10.34 -36.74
N PHE A 258 -18.45 11.36 -37.01
CA PHE A 258 -17.61 11.99 -35.99
C PHE A 258 -17.52 13.48 -36.29
N GLY A 259 -17.95 14.30 -35.36
CA GLY A 259 -17.97 15.74 -35.56
C GLY A 259 -17.43 16.51 -34.37
N VAL A 260 -16.70 17.57 -34.68
CA VAL A 260 -16.16 18.49 -33.67
C VAL A 260 -16.80 19.85 -33.94
N LEU A 261 -17.76 20.24 -33.10
CA LEU A 261 -18.51 21.45 -33.30
C LEU A 261 -17.75 22.66 -32.77
N PRO A 262 -18.08 23.86 -33.24
CA PRO A 262 -17.28 25.03 -32.87
C PRO A 262 -17.63 25.56 -31.48
N GLY A 263 -16.58 25.88 -30.71
CA GLY A 263 -16.73 26.54 -29.44
C GLY A 263 -17.69 25.89 -28.47
N LEU A 264 -17.40 24.66 -28.06
CA LEU A 264 -18.23 23.94 -27.11
C LEU A 264 -17.33 23.26 -26.08
N SER A 265 -17.72 23.38 -24.81
CA SER A 265 -16.97 22.77 -23.72
C SER A 265 -17.57 21.39 -23.41
N HIS A 266 -17.30 20.86 -22.23
CA HIS A 266 -17.92 19.62 -21.78
C HIS A 266 -19.23 19.87 -21.05
N SER A 267 -19.26 20.86 -20.16
CA SER A 267 -20.45 21.15 -19.36
C SER A 267 -20.55 22.66 -19.19
N GLY A 268 -21.48 23.08 -18.33
CA GLY A 268 -21.68 24.50 -18.05
C GLY A 268 -22.79 25.12 -18.87
N LYS A 269 -23.53 26.05 -18.26
CA LYS A 269 -24.61 26.72 -18.97
C LYS A 269 -24.09 27.68 -20.04
N ASN A 270 -22.84 28.11 -19.94
CA ASN A 270 -22.32 29.07 -20.90
C ASN A 270 -22.12 28.43 -22.27
N ILE A 271 -21.40 27.32 -22.32
CA ILE A 271 -21.04 26.69 -23.59
C ILE A 271 -21.02 25.17 -23.46
N GLY A 272 -21.70 24.65 -22.45
CA GLY A 272 -21.82 23.22 -22.31
C GLY A 272 -22.40 22.60 -23.57
N ILE A 273 -21.76 21.54 -24.08
CA ILE A 273 -22.14 20.98 -25.37
C ILE A 273 -23.64 20.70 -25.43
N ILE A 274 -24.26 20.37 -24.30
CA ILE A 274 -25.70 20.17 -24.23
C ILE A 274 -26.29 21.05 -23.13
N ARG A 275 -25.50 21.32 -22.09
CA ARG A 275 -26.03 22.06 -20.95
C ARG A 275 -26.40 23.49 -21.33
N SER A 276 -25.73 24.06 -22.33
CA SER A 276 -25.94 25.46 -22.72
C SER A 276 -27.02 25.63 -23.79
N ILE A 277 -27.85 24.61 -24.00
CA ILE A 277 -28.89 24.66 -25.02
C ILE A 277 -30.17 25.16 -24.39
N THR A 278 -30.71 26.25 -24.94
CA THR A 278 -31.99 26.80 -24.52
C THR A 278 -32.95 26.79 -25.70
N ALA A 280 -34.30 29.31 -26.92
CA ALA A 280 -34.06 30.50 -27.73
C ALA A 280 -32.81 30.38 -28.60
N ASN A 281 -31.81 29.63 -28.16
CA ASN A 281 -30.56 29.49 -28.90
C ASN A 281 -30.44 28.15 -29.61
N ALA A 282 -31.45 27.29 -29.50
CA ALA A 282 -31.35 25.96 -30.11
C ALA A 282 -31.22 26.05 -31.62
N ALA A 283 -32.00 26.93 -32.25
CA ALA A 283 -31.98 27.03 -33.71
C ALA A 283 -30.57 27.28 -34.24
N THR A 284 -29.73 27.98 -33.47
CA THR A 284 -28.37 28.30 -33.88
C THR A 284 -27.33 27.45 -33.15
N HIS A 285 -27.72 26.71 -32.13
CA HIS A 285 -26.76 25.91 -31.37
C HIS A 285 -26.20 24.79 -32.24
N PRO A 286 -24.88 24.64 -32.34
CA PRO A 286 -24.35 23.54 -33.17
C PRO A 286 -24.85 22.17 -32.75
N THR A 287 -24.89 21.91 -31.45
CA THR A 287 -25.38 20.62 -30.94
C THR A 287 -26.80 20.35 -31.40
N ALA A 288 -27.71 21.30 -31.21
CA ALA A 288 -29.11 21.08 -31.57
C ALA A 288 -29.26 20.85 -33.07
N ILE A 289 -28.57 21.66 -33.88
CA ILE A 289 -28.68 21.53 -35.33
C ILE A 289 -28.30 20.12 -35.77
N TRP A 290 -27.12 19.65 -35.36
CA TRP A 290 -26.61 18.38 -35.87
C TRP A 290 -27.27 17.20 -35.19
N ILE A 291 -27.71 17.34 -33.93
CA ILE A 291 -28.50 16.26 -33.32
C ILE A 291 -29.80 16.06 -34.10
N LEU A 292 -30.42 17.17 -34.54
CA LEU A 292 -31.62 17.05 -35.36
C LEU A 292 -31.30 16.35 -36.68
N ARG A 293 -30.21 16.74 -37.33
N ARG A 293 -30.19 16.71 -37.32
CA ARG A 293 -29.81 16.08 -38.57
CA ARG A 293 -29.84 16.08 -38.58
C ARG A 293 -29.62 14.58 -38.34
C ARG A 293 -29.55 14.59 -38.39
N CYS A 294 -28.84 14.23 -37.32
CA CYS A 294 -28.53 12.83 -37.08
C CYS A 294 -29.80 12.00 -36.89
N LEU A 295 -30.76 12.51 -36.11
CA LEU A 295 -32.00 11.79 -35.90
C LEU A 295 -32.79 11.63 -37.20
N GLN A 296 -32.53 12.47 -38.20
CA GLN A 296 -33.24 12.41 -39.48
C GLN A 296 -32.68 11.35 -40.41
N VAL A 297 -31.55 10.73 -40.07
CA VAL A 297 -30.96 9.71 -40.94
C VAL A 297 -31.80 8.44 -40.84
N LYS A 298 -32.09 7.84 -42.01
CA LYS A 298 -32.81 6.58 -42.05
C LYS A 298 -32.28 5.67 -43.16
N SER A 299 -31.01 5.83 -43.54
CA SER A 299 -30.44 5.11 -44.66
C SER A 299 -28.93 5.15 -44.57
N ARG A 300 -28.28 4.20 -45.25
CA ARG A 300 -26.83 4.21 -45.30
C ARG A 300 -26.32 5.37 -46.15
N ASP A 301 -27.01 5.68 -47.25
CA ASP A 301 -26.64 6.82 -48.06
C ASP A 301 -26.78 8.13 -47.28
N SER A 302 -27.92 8.29 -46.61
CA SER A 302 -28.08 9.43 -45.70
C SER A 302 -26.99 9.41 -44.63
N TYR A 303 -26.65 8.23 -44.13
CA TYR A 303 -25.57 8.10 -43.16
C TYR A 303 -24.24 8.55 -43.78
N ASN A 304 -23.94 8.06 -44.99
CA ASN A 304 -22.72 8.48 -45.67
C ASN A 304 -22.67 9.99 -45.84
N LYS A 305 -23.75 10.58 -46.34
CA LYS A 305 -23.78 12.03 -46.55
C LYS A 305 -23.49 12.78 -45.27
N LEU A 306 -24.06 12.33 -44.15
CA LEU A 306 -23.79 12.98 -42.87
C LEU A 306 -22.35 12.79 -42.45
N VAL A 307 -21.73 11.66 -42.81
CA VAL A 307 -20.34 11.40 -42.42
C VAL A 307 -19.43 12.46 -43.03
N LYS A 308 -19.58 12.71 -44.33
CA LYS A 308 -18.75 13.72 -44.99
C LYS A 308 -19.06 15.12 -44.46
N GLU A 309 -20.35 15.48 -44.42
CA GLU A 309 -20.73 16.79 -43.91
C GLU A 309 -20.17 17.01 -42.51
N LEU A 310 -20.26 15.99 -41.65
CA LEU A 310 -19.76 16.13 -40.29
C LEU A 310 -18.24 16.29 -40.27
N ASP A 311 -17.52 15.49 -41.06
CA ASP A 311 -16.07 15.64 -41.13
C ASP A 311 -15.68 17.03 -41.60
N ASN A 312 -16.44 17.62 -42.52
CA ASN A 312 -16.18 18.99 -42.94
C ASN A 312 -16.31 19.95 -41.77
N ILE A 313 -17.33 19.77 -40.94
CA ILE A 313 -17.50 20.62 -39.76
C ILE A 313 -16.31 20.47 -38.83
N THR A 314 -15.74 19.26 -38.75
CA THR A 314 -14.57 19.05 -37.90
C THR A 314 -13.38 19.86 -38.41
N LYS A 315 -13.15 19.84 -39.72
CA LYS A 315 -12.02 20.57 -40.27
C LYS A 315 -12.23 22.08 -40.16
N GLU A 316 -13.45 22.55 -40.42
CA GLU A 316 -13.75 23.96 -40.21
C GLU A 316 -13.55 24.34 -38.75
N THR A 317 -14.09 23.54 -37.83
CA THR A 317 -14.00 23.86 -36.41
C THR A 317 -12.54 23.90 -35.96
N GLN A 318 -11.77 22.86 -36.28
CA GLN A 318 -10.39 22.80 -35.82
C GLN A 318 -9.49 23.81 -36.54
N LYS A 319 -9.92 24.33 -37.70
CA LYS A 319 -9.18 25.41 -38.34
C LYS A 319 -9.39 26.72 -37.60
N ASN A 320 -10.64 27.02 -37.23
CA ASN A 320 -10.95 28.30 -36.60
C ASN A 320 -10.47 28.36 -35.16
N GLU A 321 -10.47 27.23 -34.45
CA GLU A 321 -10.10 27.20 -33.04
C GLU A 321 -8.62 26.94 -32.83
N HIS A 322 -7.80 27.04 -33.88
CA HIS A 322 -6.37 26.73 -33.73
C HIS A 322 -5.68 27.73 -32.81
N LYS A 323 -6.11 28.98 -32.81
CA LYS A 323 -5.53 30.01 -31.94
C LYS A 323 -6.65 30.70 -31.18
N GLU A 324 -6.37 31.08 -29.94
CA GLU A 324 -7.29 31.83 -29.11
C GLU A 324 -6.51 32.91 -28.38
N PHE A 325 -6.96 34.16 -28.50
CA PHE A 325 -6.27 35.31 -27.92
C PHE A 325 -7.12 35.84 -26.78
N VAL A 326 -6.61 35.70 -25.55
CA VAL A 326 -7.28 36.18 -24.35
C VAL A 326 -6.48 37.37 -23.82
N LYS A 327 -7.13 38.52 -23.73
CA LYS A 327 -6.51 39.74 -23.21
C LYS A 327 -7.37 40.31 -22.10
N THR A 328 -6.73 40.76 -21.04
CA THR A 328 -7.37 41.40 -19.90
C THR A 328 -6.53 42.61 -19.50
N LEU A 329 -7.08 43.42 -18.60
CA LEU A 329 -6.33 44.52 -18.03
C LEU A 329 -5.10 44.05 -17.27
N VAL A 330 -4.94 42.74 -17.08
CA VAL A 330 -3.89 42.21 -16.21
C VAL A 330 -2.90 41.31 -16.94
N PHE A 331 -3.24 40.76 -18.10
CA PHE A 331 -2.40 39.79 -18.80
C PHE A 331 -2.90 39.63 -20.22
N THR A 332 -2.00 39.22 -21.10
CA THR A 332 -2.29 38.83 -22.46
C THR A 332 -1.78 37.41 -22.66
N ARG A 333 -2.58 36.56 -23.33
CA ARG A 333 -2.19 35.17 -23.49
C ARG A 333 -2.71 34.64 -24.82
N GLU A 334 -1.91 33.75 -25.40
CA GLU A 334 -2.27 33.05 -26.62
C GLU A 334 -2.31 31.56 -26.31
N TYR A 335 -3.41 30.91 -26.70
CA TYR A 335 -3.59 29.48 -26.49
C TYR A 335 -3.62 28.78 -27.84
N ILE A 336 -2.76 27.78 -28.01
CA ILE A 336 -2.64 27.04 -29.25
C ILE A 336 -3.27 25.67 -29.04
N THR A 337 -4.35 25.40 -29.77
CA THR A 337 -5.04 24.11 -29.76
C THR A 337 -4.87 23.51 -31.15
N ASN A 338 -4.09 22.43 -31.25
CA ASN A 338 -3.86 21.75 -32.52
C ASN A 338 -4.73 20.50 -32.60
N ARG A 339 -4.30 19.51 -33.37
CA ARG A 339 -4.97 18.22 -33.47
C ARG A 339 -4.04 17.15 -32.93
N TYR A 340 -4.59 16.24 -32.12
CA TYR A 340 -3.78 15.38 -31.27
C TYR A 340 -4.13 13.91 -31.51
N SER A 341 -3.29 13.05 -30.95
CA SER A 341 -3.44 11.60 -31.08
C SER A 341 -3.17 10.96 -29.73
N ILE A 343 -2.38 6.99 -27.66
CA ILE A 343 -2.12 5.56 -27.66
C ILE A 343 -2.52 5.00 -26.30
N ILE A 344 -2.90 3.73 -26.29
CA ILE A 344 -3.06 2.96 -25.07
C ILE A 344 -2.29 1.67 -25.29
N PHE A 345 -1.14 1.53 -24.64
CA PHE A 345 -0.28 0.36 -24.80
C PHE A 345 -0.69 -0.72 -23.80
N ARG A 346 -0.82 -1.95 -24.27
CA ARG A 346 -0.85 -3.12 -23.42
C ARG A 346 0.36 -3.98 -23.75
N LEU A 347 0.97 -4.56 -22.71
CA LEU A 347 2.18 -5.33 -22.87
C LEU A 347 2.07 -6.60 -22.06
N ILE A 348 2.13 -7.74 -22.75
CA ILE A 348 2.11 -9.05 -22.11
C ILE A 348 3.19 -9.91 -22.78
N ASP A 349 3.28 -11.17 -22.37
CA ASP A 349 4.19 -12.12 -22.97
C ASP A 349 3.42 -13.34 -23.46
N ASP A 350 4.13 -14.25 -24.12
CA ASP A 350 3.51 -15.42 -24.73
C ASP A 350 3.19 -16.53 -23.74
N ARG A 351 3.37 -16.29 -22.43
CA ARG A 351 2.97 -17.26 -21.42
C ARG A 351 1.75 -16.81 -20.64
N GLY A 352 1.20 -15.63 -20.92
CA GLY A 352 -0.04 -15.19 -20.34
C GLY A 352 0.11 -14.14 -19.25
N ASN A 353 1.32 -13.91 -18.77
CA ASN A 353 1.50 -12.93 -17.70
C ASN A 353 1.28 -11.52 -18.24
N HIS A 354 0.92 -10.63 -17.33
CA HIS A 354 0.72 -9.22 -17.63
C HIS A 354 1.85 -8.43 -16.99
N LEU A 355 2.61 -7.72 -17.82
CA LEU A 355 3.88 -7.14 -17.40
C LEU A 355 3.67 -5.76 -16.80
N ILE A 356 4.50 -5.44 -15.82
CA ILE A 356 4.39 -4.19 -15.08
C ILE A 356 5.61 -3.30 -15.22
N ASP A 357 6.78 -3.84 -15.54
CA ASP A 357 8.02 -3.07 -15.59
C ASP A 357 8.57 -3.11 -17.01
N TYR A 358 8.62 -1.95 -17.66
CA TYR A 358 9.14 -1.84 -19.01
C TYR A 358 9.35 -0.37 -19.34
N ASP A 359 10.25 -0.10 -20.27
CA ASP A 359 10.48 1.22 -20.82
C ASP A 359 10.06 1.23 -22.29
N LEU A 360 9.34 2.27 -22.69
CA LEU A 360 8.68 2.33 -23.98
C LEU A 360 9.08 3.59 -24.72
N TYR A 361 9.44 3.44 -25.99
CA TYR A 361 9.97 4.55 -26.78
C TYR A 361 9.19 4.72 -28.08
N LEU A 362 8.96 5.97 -28.45
CA LEU A 362 8.63 6.32 -29.83
C LEU A 362 9.93 6.49 -30.60
N THR A 363 9.88 6.25 -31.90
CA THR A 363 11.07 6.30 -32.74
C THR A 363 10.78 7.12 -33.99
N ALA A 364 11.85 7.58 -34.63
CA ALA A 364 11.75 8.37 -35.84
C ALA A 364 13.14 8.54 -36.43
N GLY A 365 13.18 8.85 -37.73
CA GLY A 365 14.43 9.09 -38.42
C GLY A 365 14.83 7.95 -39.34
N PRO A 366 15.99 8.09 -40.00
CA PRO A 366 16.47 7.04 -40.92
C PRO A 366 16.17 5.63 -40.45
N GLN A 367 16.86 5.12 -39.44
CA GLN A 367 16.48 3.87 -38.80
C GLN A 367 16.08 4.11 -37.35
N TYR A 368 15.31 5.18 -37.13
CA TYR A 368 14.44 5.26 -35.98
C TYR A 368 15.20 5.31 -34.66
N SER A 369 15.72 6.48 -34.33
CA SER A 369 16.30 6.73 -33.02
C SER A 369 15.22 7.22 -32.06
N GLU A 370 15.37 6.85 -30.79
CA GLU A 370 14.44 7.35 -29.78
C GLU A 370 14.68 8.82 -29.46
N GLN A 371 15.73 9.42 -30.02
CA GLN A 371 16.05 10.82 -29.78
C GLN A 371 15.80 11.70 -31.00
N ALA A 372 15.24 11.15 -32.07
CA ALA A 372 15.04 11.88 -33.31
C ALA A 372 13.63 12.43 -33.47
N LEU A 373 12.79 12.29 -32.45
CA LEU A 373 11.42 12.76 -32.56
C LEU A 373 11.39 14.29 -32.66
N PRO A 374 10.39 14.85 -33.35
CA PRO A 374 10.32 16.31 -33.46
C PRO A 374 10.03 16.97 -32.11
N ALA A 375 10.65 18.13 -31.89
CA ALA A 375 10.43 18.86 -30.65
C ALA A 375 8.97 19.29 -30.54
N GLY A 376 8.36 18.99 -29.40
CA GLY A 376 6.96 19.30 -29.18
C GLY A 376 5.98 18.19 -29.50
N PHE A 377 6.47 16.98 -29.78
CA PHE A 377 5.59 15.87 -30.08
C PHE A 377 4.72 15.46 -28.90
N PHE A 378 5.13 15.82 -27.68
CA PHE A 378 4.58 15.23 -26.47
C PHE A 378 3.66 16.21 -25.76
N VAL A 379 2.55 15.68 -25.25
CA VAL A 379 1.61 16.44 -24.44
C VAL A 379 1.44 15.84 -23.05
N ASP A 380 1.43 14.51 -22.96
CA ASP A 380 1.17 13.85 -21.68
C ASP A 380 1.28 12.34 -21.79
N ARG A 381 1.65 11.68 -20.70
CA ARG A 381 1.54 10.24 -20.57
C ARG A 381 0.96 9.92 -19.20
N GLN A 382 0.22 8.82 -19.12
CA GLN A 382 -0.42 8.39 -17.90
C GLN A 382 -0.30 6.87 -17.77
N ARG A 383 0.01 6.41 -16.58
CA ARG A 383 0.12 4.99 -16.28
C ARG A 383 -1.06 4.60 -15.40
N ASN A 384 -1.86 3.63 -15.85
CA ASN A 384 -3.07 3.25 -15.14
C ASN A 384 -2.73 2.73 -13.75
N LEU A 385 -3.61 3.03 -12.79
CA LEU A 385 -3.31 2.75 -11.39
C LEU A 385 -3.56 1.30 -11.01
N ASN A 386 -4.58 0.66 -11.59
CA ASN A 386 -4.88 -0.73 -11.27
C ASN A 386 -4.09 -1.70 -12.13
N ASN A 387 -3.85 -1.35 -13.39
CA ASN A 387 -2.96 -2.12 -14.27
C ASN A 387 -1.79 -1.19 -14.61
N ARG A 388 -0.68 -1.35 -13.88
CA ARG A 388 0.49 -0.51 -14.11
C ARG A 388 1.16 -0.79 -15.45
N GLY A 389 0.76 -1.84 -16.14
CA GLY A 389 1.27 -2.15 -17.46
C GLY A 389 0.50 -1.50 -18.60
N LYS A 390 -0.41 -0.58 -18.31
CA LYS A 390 -1.22 0.10 -19.32
C LYS A 390 -0.76 1.55 -19.40
N LEU A 391 -0.31 1.95 -20.59
CA LEU A 391 0.38 3.21 -20.81
C LEU A 391 -0.40 4.03 -21.83
N THR A 392 -0.87 5.20 -21.42
CA THR A 392 -1.61 6.11 -22.30
C THR A 392 -0.73 7.32 -22.61
N TYR A 393 -0.36 7.46 -23.88
CA TYR A 393 0.39 8.61 -24.35
C TYR A 393 -0.54 9.56 -25.11
N PHE A 394 -0.30 10.86 -24.96
CA PHE A 394 -1.08 11.90 -25.61
C PHE A 394 -0.11 12.82 -26.34
N LEU A 395 -0.30 12.98 -27.65
CA LEU A 395 0.72 13.59 -28.50
C LEU A 395 0.09 14.64 -29.42
N ASP A 396 0.97 15.38 -30.10
CA ASP A 396 0.58 16.44 -31.02
C ASP A 396 0.79 15.94 -32.44
N TYR A 397 -0.31 15.51 -33.08
CA TYR A 397 -0.19 14.94 -34.42
C TYR A 397 0.37 15.96 -35.41
N ASP A 398 -0.10 17.21 -35.35
CA ASP A 398 0.41 18.23 -36.24
C ASP A 398 1.93 18.29 -36.21
N ILE A 399 2.50 18.45 -35.01
CA ILE A 399 3.95 18.59 -34.89
C ILE A 399 4.66 17.29 -35.30
N GLU A 401 3.52 14.81 -37.45
CA GLU A 401 3.43 14.70 -38.90
C GLU A 401 4.24 15.78 -39.60
N GLY A 402 4.30 16.99 -39.02
CA GLY A 402 4.98 18.08 -39.68
C GLY A 402 6.47 17.84 -39.85
N GLY A 403 7.10 17.23 -38.84
CA GLY A 403 8.53 17.00 -38.89
C GLY A 403 8.90 15.67 -39.49
N ILE A 404 8.07 14.65 -39.25
CA ILE A 404 8.44 13.29 -39.67
C ILE A 404 8.23 13.09 -41.17
N ASN A 405 7.22 13.73 -41.76
CA ASN A 405 7.01 13.63 -43.20
C ASN A 405 7.85 14.71 -43.91
N THR A 406 9.16 14.51 -43.87
CA THR A 406 10.14 15.36 -44.56
C THR A 406 11.16 14.40 -45.24
N PRO A 407 11.97 14.99 -46.13
CA PRO A 407 13.01 14.12 -46.78
C PRO A 407 13.95 13.50 -45.79
N LYS A 408 14.56 14.27 -44.90
CA LYS A 408 15.51 13.73 -43.93
C LYS A 408 14.85 12.87 -42.85
N GLN A 410 11.79 11.00 -43.79
CA GLN A 410 11.22 9.95 -44.62
C GLN A 410 9.89 9.41 -44.08
N GLY A 411 9.22 10.18 -43.23
CA GLY A 411 7.93 9.78 -42.71
C GLY A 411 7.96 8.44 -42.00
N ASN A 412 8.79 8.32 -40.97
CA ASN A 412 8.95 7.07 -40.25
C ASN A 412 8.49 7.22 -38.81
N LEU A 413 8.08 6.09 -38.22
CA LEU A 413 7.72 6.04 -36.81
C LEU A 413 7.67 4.57 -36.39
N GLY A 414 8.09 4.30 -35.16
CA GLY A 414 8.08 2.95 -34.66
C GLY A 414 7.99 2.94 -33.15
N PHE A 415 8.00 1.72 -32.60
CA PHE A 415 7.99 1.52 -31.15
C PHE A 415 9.20 0.68 -30.76
N ARG A 416 9.79 1.01 -29.62
CA ARG A 416 10.82 0.18 -29.01
C ARG A 416 10.44 -0.03 -27.55
N VAL A 417 10.32 -1.30 -27.15
CA VAL A 417 9.97 -1.67 -25.79
C VAL A 417 11.16 -2.36 -25.15
N LYS A 418 11.50 -1.95 -23.93
CA LYS A 418 12.56 -2.57 -23.13
C LYS A 418 11.91 -3.06 -21.83
N ALA A 419 11.43 -4.30 -21.85
CA ALA A 419 10.85 -4.92 -20.67
C ALA A 419 11.93 -5.68 -19.92
N TYR A 420 11.86 -5.65 -18.59
CA TYR A 420 12.79 -6.36 -17.74
C TYR A 420 12.08 -7.50 -17.01
N PRO A 421 12.83 -8.45 -16.44
CA PRO A 421 14.29 -8.60 -16.48
C PRO A 421 14.86 -8.68 -17.89
N GLU A 422 15.95 -7.97 -18.14
CA GLU A 422 16.58 -7.98 -19.45
C GLU A 422 17.62 -9.08 -19.54
N SER A 423 18.14 -9.28 -20.74
CA SER A 423 19.21 -10.25 -20.95
C SER A 423 20.45 -9.85 -20.16
N SER A 424 21.11 -10.83 -19.56
CA SER A 424 22.29 -10.57 -18.74
C SER A 424 22.85 -11.91 -18.27
N ASP A 425 24.07 -11.85 -17.71
CA ASP A 425 24.62 -13.00 -17.03
C ASP A 425 23.72 -13.45 -15.88
N GLN A 426 22.81 -12.59 -15.42
CA GLN A 426 21.81 -12.96 -14.43
C GLN A 426 20.62 -13.70 -15.05
N ALA A 427 20.61 -13.83 -16.38
CA ALA A 427 19.46 -14.33 -17.15
C ALA A 427 18.48 -15.20 -16.38
N LEU A 428 18.48 -16.51 -16.64
CA LEU A 428 17.46 -17.43 -16.14
C LEU A 428 16.08 -17.08 -16.70
N ALA A 429 15.61 -15.85 -16.49
CA ALA A 429 14.35 -15.40 -17.05
C ALA A 429 14.48 -13.93 -17.42
N TYR A 430 14.07 -13.59 -18.65
CA TYR A 430 14.30 -12.25 -19.17
C TYR A 430 13.48 -12.07 -20.45
N TYR A 431 13.55 -10.85 -20.99
CA TYR A 431 12.96 -10.51 -22.27
C TYR A 431 14.03 -9.88 -23.16
N ARG A 432 13.76 -9.81 -24.45
CA ARG A 432 14.63 -9.15 -25.40
C ARG A 432 13.91 -7.95 -26.02
N LEU A 433 14.70 -6.97 -26.44
CA LEU A 433 14.14 -5.76 -27.04
C LEU A 433 13.23 -6.10 -28.20
N LEU A 434 12.21 -5.27 -28.39
CA LEU A 434 11.34 -5.31 -29.55
C LEU A 434 11.45 -3.98 -30.28
N ASP A 435 11.55 -4.03 -31.60
CA ASP A 435 11.63 -2.83 -32.43
C ASP A 435 10.63 -2.95 -33.57
N PHE A 436 9.51 -2.25 -33.44
CA PHE A 436 8.54 -2.14 -34.52
C PHE A 436 8.88 -0.91 -35.36
N HIS A 437 8.90 -1.08 -36.67
CA HIS A 437 9.41 -0.07 -37.60
C HIS A 437 8.35 0.19 -38.66
N SER A 438 7.71 1.36 -38.62
CA SER A 438 6.45 1.53 -39.32
C SER A 438 6.18 2.97 -39.74
N SER A 439 4.99 3.17 -40.31
CA SER A 439 4.18 4.39 -40.26
C SER A 439 4.33 5.37 -41.42
N LEU A 440 3.46 6.37 -41.43
CA LEU A 440 3.27 7.29 -42.55
C LEU A 440 4.53 7.69 -43.30
N LYS A 445 -0.82 3.15 -41.43
CA LYS A 445 -0.33 4.18 -40.52
C LYS A 445 -0.78 3.88 -39.08
N ILE A 446 0.04 4.29 -38.12
CA ILE A 446 -0.30 4.10 -36.71
C ILE A 446 -1.13 5.26 -36.19
N LEU A 447 -0.68 6.50 -36.41
CA LEU A 447 -1.35 7.68 -35.87
C LEU A 447 -2.38 8.22 -36.85
N HIS A 448 -3.43 8.81 -36.30
CA HIS A 448 -4.44 9.54 -37.06
C HIS A 448 -4.92 10.70 -36.21
N PRO A 449 -5.26 11.84 -36.82
CA PRO A 449 -5.71 12.99 -36.02
C PRO A 449 -7.06 12.74 -35.38
N ASN A 450 -7.19 13.16 -34.13
CA ASN A 450 -8.41 12.96 -33.36
C ASN A 450 -8.74 11.48 -33.17
N GLU A 451 -7.72 10.64 -33.07
CA GLU A 451 -7.94 9.20 -33.00
C GLU A 451 -7.04 8.58 -31.95
N THR A 452 -7.58 7.60 -31.23
CA THR A 452 -6.84 6.75 -30.32
C THR A 452 -6.52 5.43 -31.01
N VAL A 453 -5.42 4.81 -30.60
CA VAL A 453 -5.01 3.53 -31.18
C VAL A 453 -4.56 2.63 -30.04
N VAL A 455 -2.38 -0.39 -28.83
CA VAL A 455 -1.16 -1.10 -29.21
C VAL A 455 -0.93 -2.16 -28.14
N GLU A 456 -1.35 -3.40 -28.43
CA GLU A 456 -1.05 -4.53 -27.58
C GLU A 456 0.17 -5.24 -28.16
N ILE A 457 1.20 -5.41 -27.33
CA ILE A 457 2.47 -5.96 -27.79
C ILE A 457 2.75 -7.23 -26.97
N LEU A 459 5.22 -10.13 -25.93
CA LEU A 459 6.64 -10.43 -25.84
C LEU A 459 6.88 -11.93 -25.79
N GLN A 460 8.11 -12.32 -26.12
CA GLN A 460 8.56 -13.71 -26.02
C GLN A 460 9.31 -13.88 -24.70
N ARG A 461 8.70 -14.55 -23.74
CA ARG A 461 9.38 -14.81 -22.47
C ARG A 461 10.37 -15.95 -22.66
N ARG A 462 11.65 -15.66 -22.43
CA ARG A 462 12.70 -16.66 -22.54
C ARG A 462 13.08 -17.15 -21.15
N VAL A 463 13.34 -18.45 -21.05
CA VAL A 463 13.78 -19.09 -19.81
C VAL A 463 15.09 -19.81 -20.11
N ASP A 464 16.07 -19.66 -19.23
CA ASP A 464 17.33 -20.36 -19.39
C ASP A 464 17.18 -21.82 -18.99
N ARG A 465 18.11 -22.65 -19.47
CA ARG A 465 17.99 -24.09 -19.28
C ARG A 465 18.43 -24.55 -17.89
N THR A 466 19.25 -23.76 -17.19
CA THR A 466 19.60 -24.13 -15.82
C THR A 466 18.46 -23.93 -14.85
N VAL A 467 17.36 -23.29 -15.28
CA VAL A 467 16.17 -23.22 -14.44
C VAL A 467 15.72 -24.63 -14.07
N PHE A 468 15.99 -25.60 -14.94
CA PHE A 468 15.79 -27.01 -14.60
C PHE A 468 16.71 -27.85 -15.45
N ARG A 469 17.57 -28.64 -14.79
CA ARG A 469 18.40 -29.63 -15.45
C ARG A 469 18.34 -30.92 -14.65
N ILE A 470 18.54 -32.04 -15.34
CA ILE A 470 18.60 -33.35 -14.71
C ILE A 470 19.90 -34.02 -15.15
N SER A 471 20.55 -34.70 -14.22
CA SER A 471 21.82 -35.37 -14.47
C SER A 471 21.84 -36.69 -13.72
N ASN A 472 22.38 -37.74 -14.37
CA ASN A 472 22.46 -39.06 -13.79
C ASN A 472 23.74 -39.25 -12.98
N ASN A 473 24.43 -38.17 -12.61
CA ASN A 473 25.56 -38.24 -11.70
C ASN A 473 25.01 -38.24 -10.28
N LEU A 474 24.95 -39.43 -9.67
CA LEU A 474 24.34 -39.57 -8.35
C LEU A 474 25.20 -39.00 -7.24
N THR A 475 26.38 -38.45 -7.54
CA THR A 475 27.21 -37.81 -6.52
C THR A 475 26.60 -36.45 -6.18
N PRO A 476 26.11 -36.24 -4.95
CA PRO A 476 25.49 -34.95 -4.63
C PRO A 476 26.43 -33.78 -4.91
N ALA A 477 25.84 -32.66 -5.28
CA ALA A 477 26.59 -31.47 -5.63
C ALA A 477 25.72 -30.25 -5.42
N LYS A 478 26.38 -29.10 -5.25
CA LYS A 478 25.66 -27.84 -5.11
C LYS A 478 24.97 -27.48 -6.41
N ILE A 479 23.86 -26.75 -6.29
CA ILE A 479 23.02 -26.38 -7.43
C ILE A 479 23.42 -24.98 -7.87
N SER A 480 24.00 -24.88 -9.06
CA SER A 480 24.46 -23.60 -9.58
C SER A 480 23.31 -22.84 -10.23
N GLY A 481 23.23 -21.55 -9.95
CA GLY A 481 22.25 -20.69 -10.59
C GLY A 481 22.82 -19.97 -11.80
N LYS A 482 23.88 -20.53 -12.37
CA LYS A 482 24.54 -19.92 -13.52
C LYS A 482 23.81 -20.30 -14.80
N PRO A 483 23.30 -19.35 -15.58
CA PRO A 483 22.59 -19.71 -16.82
C PRO A 483 23.50 -20.41 -17.83
N THR A 484 22.86 -21.15 -18.74
CA THR A 484 23.59 -21.76 -19.85
C THR A 484 23.86 -20.77 -20.97
N GLY A 485 23.05 -19.72 -21.08
CA GLY A 485 23.06 -18.87 -22.24
C GLY A 485 22.23 -19.38 -23.39
N LYS A 486 21.52 -20.50 -23.21
CA LYS A 486 20.65 -21.09 -24.21
C LYS A 486 19.24 -21.19 -23.64
N LYS A 487 18.27 -20.61 -24.35
CA LYS A 487 16.90 -20.58 -23.87
C LYS A 487 16.21 -21.93 -24.06
N ILE A 488 15.07 -22.08 -23.40
CA ILE A 488 14.25 -23.28 -23.53
C ILE A 488 13.15 -23.01 -24.56
N ASP A 489 12.58 -24.09 -25.08
CA ASP A 489 11.47 -23.97 -26.02
C ASP A 489 10.20 -23.50 -25.29
N THR B 15 14.41 -50.65 -18.63
CA THR B 15 13.19 -50.07 -19.27
C THR B 15 12.62 -48.94 -18.42
N ILE B 17 13.15 -45.57 -16.07
CA ILE B 17 13.99 -44.44 -15.70
C ILE B 17 13.35 -43.77 -14.48
N VAL B 18 14.19 -43.17 -13.65
CA VAL B 18 13.74 -42.51 -12.43
C VAL B 18 14.35 -41.12 -12.39
N ILE B 19 13.53 -40.12 -12.10
CA ILE B 19 13.96 -38.73 -12.00
C ILE B 19 13.53 -38.19 -10.64
N PHE B 20 14.50 -37.68 -9.88
CA PHE B 20 14.22 -37.03 -8.61
C PHE B 20 13.97 -35.55 -8.82
N VAL B 21 13.03 -35.00 -8.05
CA VAL B 21 12.72 -33.57 -8.06
C VAL B 21 12.60 -33.10 -6.63
N HIS B 22 13.40 -32.12 -6.25
CA HIS B 22 13.46 -31.65 -4.87
C HIS B 22 12.41 -30.55 -4.65
N GLY B 23 12.49 -29.90 -3.49
CA GLY B 23 11.57 -28.85 -3.12
C GLY B 23 12.19 -27.47 -3.21
N TRP B 24 11.43 -26.49 -2.71
CA TRP B 24 11.85 -25.10 -2.80
C TRP B 24 12.89 -24.79 -1.74
N SER B 25 13.68 -23.74 -2.00
CA SER B 25 14.76 -23.32 -1.12
C SER B 25 15.83 -24.41 -0.98
N VAL B 26 15.98 -25.25 -2.00
CA VAL B 26 16.98 -26.30 -2.03
C VAL B 26 18.18 -25.79 -2.81
N THR B 27 19.39 -26.03 -2.27
CA THR B 27 20.62 -25.55 -2.89
C THR B 27 21.66 -26.65 -3.05
N HIS B 28 21.30 -27.91 -2.81
CA HIS B 28 22.24 -29.01 -2.92
C HIS B 28 21.45 -30.29 -3.16
N THR B 29 21.99 -31.18 -4.01
CA THR B 29 21.28 -32.38 -4.39
C THR B 29 21.32 -33.47 -3.33
N ASN B 30 22.09 -33.29 -2.26
CA ASN B 30 21.99 -34.18 -1.11
C ASN B 30 20.65 -34.05 -0.41
N THR B 31 19.80 -33.11 -0.85
CA THR B 31 18.44 -33.03 -0.33
C THR B 31 17.70 -34.35 -0.50
N TYR B 32 18.11 -35.16 -1.48
CA TYR B 32 17.51 -36.47 -1.72
C TYR B 32 18.04 -37.55 -0.80
N GLY B 33 18.84 -37.19 0.20
CA GLY B 33 19.46 -38.21 1.04
C GLY B 33 20.29 -39.14 0.18
N GLU B 34 20.24 -40.43 0.52
CA GLU B 34 20.91 -41.47 -0.26
C GLU B 34 19.93 -42.40 -0.95
N LEU B 35 18.67 -41.97 -1.09
CA LEU B 35 17.68 -42.81 -1.77
C LEU B 35 18.05 -43.11 -3.21
N PRO B 36 18.55 -42.15 -4.01
CA PRO B 36 18.94 -42.50 -5.39
C PRO B 36 19.92 -43.67 -5.46
N GLN B 37 21.01 -43.61 -4.70
CA GLN B 37 21.95 -44.72 -4.66
C GLN B 37 21.26 -46.02 -4.27
N TRP B 38 20.30 -45.95 -3.35
CA TRP B 38 19.62 -47.15 -2.89
C TRP B 38 18.86 -47.82 -4.03
N LEU B 39 18.06 -47.05 -4.77
CA LEU B 39 17.24 -47.64 -5.81
C LEU B 39 18.10 -48.25 -6.91
N GLU B 40 19.13 -47.52 -7.35
CA GLU B 40 20.10 -48.11 -8.27
C GLU B 40 20.68 -49.38 -7.68
N ASN B 41 21.02 -49.35 -6.40
CA ASN B 41 21.59 -50.53 -5.75
C ASN B 41 20.54 -51.62 -5.58
N GLN B 42 19.27 -51.25 -5.41
CA GLN B 42 18.21 -52.25 -5.33
C GLN B 42 17.94 -52.87 -6.69
N SER B 43 17.96 -52.05 -7.75
CA SER B 43 17.76 -52.59 -9.09
C SER B 43 18.85 -53.60 -9.44
N LYS B 44 20.07 -53.39 -8.95
CA LYS B 44 21.16 -54.34 -9.20
C LYS B 44 20.87 -55.70 -8.57
N GLN B 45 19.95 -55.78 -7.61
CA GLN B 45 19.62 -57.03 -6.95
C GLN B 45 18.30 -57.62 -7.44
N GLY B 46 17.76 -57.11 -8.54
CA GLY B 46 16.59 -57.70 -9.16
C GLY B 46 15.26 -57.22 -8.65
N LYS B 47 15.24 -56.23 -7.76
CA LYS B 47 14.00 -55.70 -7.22
C LYS B 47 13.44 -54.55 -8.05
N LEU B 48 14.24 -53.97 -8.94
CA LEU B 48 13.77 -52.97 -9.90
C LEU B 48 14.51 -53.20 -11.21
N ASP B 49 13.88 -52.78 -12.31
CA ASP B 49 14.45 -52.93 -13.65
C ASP B 49 14.94 -51.57 -14.12
N ILE B 50 15.98 -51.06 -13.45
CA ILE B 50 16.57 -49.76 -13.76
C ILE B 50 18.02 -50.00 -14.15
N GLN B 51 18.32 -49.83 -15.43
CA GLN B 51 19.68 -50.01 -15.91
C GLN B 51 20.60 -48.94 -15.34
N VAL B 52 21.90 -49.27 -15.27
CA VAL B 52 22.87 -48.33 -14.74
C VAL B 52 22.82 -47.05 -15.56
N GLY B 53 22.73 -45.92 -14.86
CA GLY B 53 22.65 -44.62 -15.51
C GLY B 53 21.26 -44.14 -15.82
N ASN B 54 20.22 -44.84 -15.37
CA ASN B 54 18.84 -44.45 -15.61
C ASN B 54 18.19 -43.80 -14.39
N ILE B 55 19.00 -43.39 -13.41
CA ILE B 55 18.52 -42.64 -12.25
C ILE B 55 19.11 -41.25 -12.33
N TYR B 56 18.25 -40.23 -12.35
CA TYR B 56 18.66 -38.85 -12.56
C TYR B 56 18.35 -38.02 -11.33
N LEU B 57 19.28 -37.13 -10.98
CA LEU B 57 19.08 -36.15 -9.92
C LEU B 57 18.63 -34.84 -10.56
N GLY B 58 17.42 -34.40 -10.20
CA GLY B 58 16.89 -33.16 -10.73
C GLY B 58 17.32 -31.98 -9.86
N ARG B 59 17.77 -30.91 -10.53
CA ARG B 59 18.09 -29.67 -9.86
C ARG B 59 17.40 -28.53 -10.60
N TYR B 60 16.60 -27.74 -9.89
CA TYR B 60 15.93 -26.59 -10.47
C TYR B 60 16.07 -25.40 -9.52
N ILE B 61 15.96 -24.21 -10.09
CA ILE B 61 16.23 -22.97 -9.37
C ILE B 61 14.92 -22.47 -8.78
N SER B 62 14.79 -22.59 -7.46
CA SER B 62 13.60 -22.16 -6.73
C SER B 62 13.83 -20.89 -5.94
N PHE B 63 15.05 -20.36 -5.92
CA PHE B 63 15.40 -19.19 -5.12
C PHE B 63 15.48 -17.92 -5.94
N ASP B 64 14.81 -17.88 -7.09
CA ASP B 64 14.85 -16.73 -7.98
C ASP B 64 13.50 -16.01 -7.97
N ASP B 65 13.53 -14.70 -7.75
CA ASP B 65 12.29 -13.93 -7.68
C ASP B 65 11.66 -13.74 -9.05
N THR B 66 12.42 -13.87 -10.13
CA THR B 66 11.89 -13.69 -11.48
C THR B 66 11.34 -14.96 -12.09
N VAL B 67 11.47 -16.10 -11.43
CA VAL B 67 11.09 -17.39 -12.00
C VAL B 67 9.76 -17.82 -11.39
N THR B 68 8.77 -18.03 -12.25
CA THR B 68 7.47 -18.53 -11.83
C THR B 68 7.47 -20.06 -11.85
N VAL B 69 6.37 -20.63 -11.34
CA VAL B 69 6.28 -22.09 -11.28
C VAL B 69 6.15 -22.68 -12.68
N ASP B 70 5.32 -22.07 -13.52
CA ASP B 70 5.16 -22.55 -14.90
C ASP B 70 6.52 -22.69 -15.57
N ASP B 71 7.35 -21.64 -15.49
CA ASP B 71 8.64 -21.64 -16.17
C ASP B 71 9.45 -22.89 -15.83
N ILE B 72 9.56 -23.22 -14.54
CA ILE B 72 10.31 -24.40 -14.15
C ILE B 72 9.65 -25.66 -14.72
N ALA B 73 8.33 -25.65 -14.86
CA ALA B 73 7.66 -26.77 -15.52
C ALA B 73 7.98 -26.79 -17.01
N ARG B 74 8.13 -25.62 -17.63
CA ARG B 74 8.63 -25.57 -19.00
C ARG B 74 10.06 -26.06 -19.08
N ALA B 75 10.90 -25.64 -18.13
CA ALA B 75 12.30 -26.05 -18.14
C ALA B 75 12.45 -27.53 -17.82
N PHE B 76 11.58 -28.09 -16.99
CA PHE B 76 11.60 -29.52 -16.75
C PHE B 76 11.37 -30.29 -18.04
N ASP B 77 10.39 -29.86 -18.84
CA ASP B 77 10.17 -30.46 -20.14
C ASP B 77 11.43 -30.40 -20.99
N GLN B 78 12.05 -29.22 -21.08
CA GLN B 78 13.29 -29.08 -21.83
C GLN B 78 14.38 -29.99 -21.29
N ALA B 79 14.45 -30.13 -19.96
CA ALA B 79 15.46 -30.99 -19.37
C ALA B 79 15.19 -32.47 -19.67
N VAL B 80 13.91 -32.86 -19.74
CA VAL B 80 13.59 -34.25 -20.01
C VAL B 80 13.95 -34.61 -21.45
N ARG B 81 13.39 -33.88 -22.42
CA ARG B 81 13.72 -34.12 -23.81
C ARG B 81 15.23 -34.06 -24.05
N ASP B 82 15.94 -33.25 -23.25
CA ASP B 82 17.36 -33.05 -23.50
C ASP B 82 18.16 -34.32 -23.26
N GLU B 83 17.97 -34.96 -22.11
CA GLU B 83 18.85 -36.04 -21.69
C GLU B 83 18.31 -37.43 -22.01
N ILE B 84 17.03 -37.57 -22.35
CA ILE B 84 16.46 -38.89 -22.51
C ILE B 84 15.39 -38.94 -23.61
N ALA B 85 15.53 -38.10 -24.63
CA ALA B 85 14.61 -38.18 -25.76
C ALA B 85 14.82 -39.47 -26.53
N ASP B 86 16.08 -39.91 -26.67
CA ASP B 86 16.34 -41.19 -27.33
C ASP B 86 15.69 -42.35 -26.59
N LYS B 87 15.80 -42.36 -25.26
CA LYS B 87 15.22 -43.44 -24.48
C LYS B 87 13.70 -43.43 -24.54
N LEU B 88 13.10 -42.24 -24.51
CA LEU B 88 11.65 -42.15 -24.62
C LEU B 88 11.17 -42.54 -26.02
N ARG B 89 12.02 -42.35 -27.03
CA ARG B 89 11.67 -42.83 -28.37
C ARG B 89 11.67 -44.35 -28.42
N ASP B 90 12.67 -44.98 -27.78
CA ASP B 90 12.68 -46.43 -27.71
C ASP B 90 11.50 -46.96 -26.91
N GLY B 91 10.96 -46.16 -26.01
CA GLY B 91 9.82 -46.57 -25.20
C GLY B 91 10.23 -47.09 -23.84
N GLN B 92 10.64 -46.18 -22.95
CA GLN B 92 11.07 -46.54 -21.60
C GLN B 92 10.16 -45.98 -20.53
N ARG B 93 9.84 -44.68 -20.59
CA ARG B 93 8.97 -44.03 -19.62
C ARG B 93 9.65 -43.99 -18.26
N PHE B 94 9.43 -42.92 -17.50
CA PHE B 94 10.14 -42.69 -16.25
C PHE B 94 9.15 -42.49 -15.11
N ALA B 95 9.65 -42.68 -13.89
CA ALA B 95 8.90 -42.45 -12.67
C ALA B 95 9.44 -41.21 -11.96
N CYS B 96 8.53 -40.44 -11.38
CA CYS B 96 8.88 -39.20 -10.70
C CYS B 96 8.80 -39.40 -9.19
N ILE B 97 9.91 -39.21 -8.50
CA ILE B 97 9.96 -39.21 -7.05
C ILE B 97 10.27 -37.78 -6.63
N THR B 98 9.25 -37.06 -6.18
CA THR B 98 9.37 -35.65 -5.87
C THR B 98 9.27 -35.42 -4.37
N HIS B 99 9.72 -34.24 -3.94
CA HIS B 99 9.65 -33.82 -2.55
C HIS B 99 9.30 -32.34 -2.53
N SER B 100 8.31 -31.99 -1.71
CA SER B 100 7.91 -30.59 -1.48
C SER B 100 7.47 -30.00 -2.82
N THR B 101 8.02 -28.87 -3.25
CA THR B 101 7.51 -28.19 -4.44
C THR B 101 7.65 -29.04 -5.69
N GLY B 102 8.56 -30.01 -5.71
CA GLY B 102 8.70 -30.88 -6.86
C GLY B 102 7.38 -31.50 -7.29
N GLY B 103 6.52 -31.83 -6.33
CA GLY B 103 5.23 -32.42 -6.63
C GLY B 103 4.37 -31.52 -7.48
N PRO B 104 4.00 -30.37 -6.93
CA PRO B 104 3.21 -29.41 -7.71
C PRO B 104 3.83 -29.04 -9.04
N ILE B 105 5.16 -28.97 -9.12
CA ILE B 105 5.83 -28.63 -10.39
C ILE B 105 5.48 -29.67 -11.45
N VAL B 106 5.63 -30.95 -11.12
CA VAL B 106 5.43 -31.98 -12.12
C VAL B 106 3.95 -32.10 -12.48
N ARG B 107 3.05 -31.85 -11.53
CA ARG B 107 1.63 -31.83 -11.85
C ARG B 107 1.32 -30.72 -12.84
N LYS B 108 1.96 -29.56 -12.68
CA LYS B 108 1.80 -28.48 -13.66
C LYS B 108 2.36 -28.90 -15.01
N TRP B 109 3.54 -29.52 -15.02
CA TRP B 109 4.15 -29.93 -16.29
C TRP B 109 3.24 -30.87 -17.06
N ASP B 111 -0.03 -30.94 -16.76
CA ASP B 111 -1.17 -30.14 -17.19
C ASP B 111 -0.80 -29.28 -18.40
N LEU B 112 0.44 -28.79 -18.45
CA LEU B 112 0.87 -27.96 -19.57
C LEU B 112 1.01 -28.76 -20.85
N TYR B 113 1.22 -30.08 -20.77
CA TYR B 113 1.60 -30.86 -21.92
C TYR B 113 0.76 -32.10 -22.17
N PHE B 114 -0.08 -32.54 -21.22
CA PHE B 114 -0.80 -33.80 -21.39
C PHE B 114 -2.13 -33.85 -20.66
N LYS B 115 -2.81 -32.71 -20.51
CA LYS B 115 -4.07 -32.71 -19.76
C LYS B 115 -5.07 -33.69 -20.39
N ASN B 116 -5.14 -33.73 -21.71
CA ASN B 116 -6.15 -34.53 -22.41
C ASN B 116 -5.56 -35.68 -23.20
N ASN B 117 -4.27 -35.96 -23.06
CA ASN B 117 -3.67 -37.18 -23.59
C ASN B 117 -2.64 -37.72 -22.58
N LEU B 118 -3.14 -38.05 -21.38
CA LEU B 118 -2.27 -38.61 -20.36
C LEU B 118 -1.73 -39.99 -20.76
N ALA B 119 -2.50 -40.74 -21.55
CA ALA B 119 -2.03 -42.05 -22.00
C ALA B 119 -0.75 -41.96 -22.82
N LYS B 120 -0.47 -40.80 -23.41
CA LYS B 120 0.75 -40.59 -24.19
C LYS B 120 1.79 -39.80 -23.42
N CYS B 121 1.61 -39.62 -22.13
CA CYS B 121 2.61 -38.92 -21.31
C CYS B 121 3.74 -39.88 -20.96
N PRO B 122 5.01 -39.48 -21.15
CA PRO B 122 6.12 -40.40 -20.89
C PRO B 122 6.29 -40.79 -19.43
N LEU B 123 5.52 -40.19 -18.51
CA LEU B 123 5.64 -40.53 -17.10
C LEU B 123 4.79 -41.75 -16.78
N SER B 124 5.41 -42.74 -16.13
CA SER B 124 4.72 -43.97 -15.77
C SER B 124 4.31 -44.01 -14.31
N HIS B 125 5.09 -43.40 -13.42
CA HIS B 125 4.73 -43.30 -12.01
C HIS B 125 5.11 -41.92 -11.50
N LEU B 126 4.36 -41.44 -10.51
CA LEU B 126 4.59 -40.14 -9.91
C LEU B 126 4.40 -40.31 -8.40
N ILE B 127 5.51 -40.33 -7.67
CA ILE B 127 5.53 -40.57 -6.24
C ILE B 127 5.87 -39.25 -5.55
N LEU B 129 6.38 -36.85 -2.28
CA LEU B 129 6.74 -36.85 -0.87
C LEU B 129 6.40 -35.50 -0.26
N ALA B 130 5.50 -35.50 0.72
CA ALA B 130 5.05 -34.31 1.44
C ALA B 130 4.84 -33.13 0.47
N PRO B 131 3.99 -33.31 -0.54
CA PRO B 131 3.74 -32.21 -1.47
C PRO B 131 2.78 -31.18 -0.90
N ALA B 132 3.13 -29.90 -1.09
CA ALA B 132 2.23 -28.82 -0.72
C ALA B 132 1.20 -28.62 -1.83
N ASN B 133 0.52 -29.71 -2.21
CA ASN B 133 -0.43 -29.65 -3.32
C ASN B 133 -1.49 -28.59 -3.10
N HIS B 134 -1.85 -28.33 -1.84
CA HIS B 134 -2.83 -27.29 -1.50
C HIS B 134 -2.21 -26.16 -0.71
N GLY B 135 -0.89 -26.03 -0.72
CA GLY B 135 -0.21 -24.86 -0.21
C GLY B 135 0.41 -25.10 1.16
N SER B 136 1.32 -24.20 1.52
CA SER B 136 1.96 -24.19 2.83
C SER B 136 1.61 -22.90 3.56
N ALA B 137 1.19 -23.03 4.82
CA ALA B 137 0.81 -21.85 5.58
C ALA B 137 1.97 -20.87 5.71
N LEU B 138 3.21 -21.38 5.79
CA LEU B 138 4.37 -20.51 5.95
C LEU B 138 4.66 -19.68 4.71
N ALA B 139 4.07 -19.99 3.56
CA ALA B 139 4.36 -19.24 2.35
C ALA B 139 3.94 -17.79 2.48
N GLN B 140 2.88 -17.51 3.26
CA GLN B 140 2.42 -16.14 3.45
C GLN B 140 3.39 -15.32 4.29
N LEU B 141 4.27 -15.98 5.06
CA LEU B 141 5.17 -15.24 5.93
C LEU B 141 6.11 -14.32 5.16
N GLY B 142 6.34 -14.59 3.88
CA GLY B 142 7.18 -13.76 3.04
C GLY B 142 8.49 -14.43 2.71
N LYS B 143 9.33 -13.68 1.99
CA LYS B 143 10.63 -14.20 1.56
C LYS B 143 11.71 -13.99 2.61
N SER B 144 11.67 -12.89 3.35
CA SER B 144 12.71 -12.56 4.32
C SER B 144 12.40 -13.12 5.70
N ARG B 145 11.17 -12.93 6.19
CA ARG B 145 10.80 -13.45 7.49
C ARG B 145 10.86 -14.97 7.54
N LEU B 146 10.66 -15.62 6.39
CA LEU B 146 10.68 -17.07 6.30
C LEU B 146 12.07 -17.60 5.97
N GLY B 147 12.88 -16.84 5.23
CA GLY B 147 14.25 -17.22 5.01
C GLY B 147 15.08 -17.24 6.28
N ARG B 148 14.64 -16.49 7.30
CA ARG B 148 15.32 -16.53 8.59
C ARG B 148 15.16 -17.88 9.27
N ILE B 149 14.06 -18.58 9.00
CA ILE B 149 13.81 -19.88 9.61
C ILE B 149 14.83 -20.87 9.07
N LYS B 150 15.59 -21.49 9.97
CA LYS B 150 16.72 -22.31 9.57
C LYS B 150 16.35 -23.39 8.57
N SER B 151 15.06 -23.72 8.44
CA SER B 151 14.64 -24.66 7.40
C SER B 151 14.98 -24.16 6.01
N PHE B 152 15.30 -22.88 5.87
CA PHE B 152 15.70 -22.29 4.59
C PHE B 152 17.07 -21.63 4.69
N PHE B 153 17.22 -20.62 5.55
CA PHE B 153 18.53 -20.11 5.93
C PHE B 153 19.27 -19.42 4.79
N GLU B 154 19.69 -18.18 5.04
CA GLU B 154 20.42 -17.35 4.08
C GLU B 154 20.08 -15.89 4.36
N GLY B 155 18.92 -15.66 4.96
CA GLY B 155 18.41 -14.31 5.17
C GLY B 155 17.16 -14.08 4.36
N ILE B 156 17.27 -14.33 3.05
CA ILE B 156 16.17 -14.14 2.10
C ILE B 156 16.29 -15.24 1.05
N GLU B 157 15.54 -16.34 1.22
CA GLU B 157 15.80 -17.53 0.44
C GLU B 157 14.91 -17.66 -0.80
N PRO B 158 13.71 -18.24 -0.69
CA PRO B 158 13.06 -18.78 -1.89
C PRO B 158 12.44 -17.71 -2.77
N GLY B 159 12.14 -18.13 -4.00
CA GLY B 159 11.62 -17.19 -4.98
C GLY B 159 10.25 -16.68 -4.60
N LYS B 160 10.01 -15.40 -4.91
CA LYS B 160 8.72 -14.79 -4.59
C LYS B 160 7.58 -15.44 -5.36
N CYS B 161 7.81 -15.76 -6.64
CA CYS B 161 6.74 -16.33 -7.45
C CYS B 161 6.41 -17.75 -7.03
N VAL B 162 7.43 -18.53 -6.64
CA VAL B 162 7.17 -19.84 -6.08
C VAL B 162 6.33 -19.73 -4.82
N LEU B 163 6.57 -18.68 -4.02
CA LEU B 163 5.85 -18.50 -2.77
C LEU B 163 4.44 -17.96 -2.99
N ASP B 164 4.22 -17.19 -4.06
CA ASP B 164 2.86 -16.85 -4.43
C ASP B 164 2.05 -18.10 -4.73
N TRP B 165 2.63 -19.04 -5.48
CA TRP B 165 1.95 -20.28 -5.81
C TRP B 165 1.56 -21.05 -4.54
N LEU B 166 2.51 -21.18 -3.62
CA LEU B 166 2.30 -22.02 -2.43
C LEU B 166 1.47 -21.34 -1.36
N GLU B 167 1.25 -20.03 -1.45
CA GLU B 167 0.42 -19.35 -0.47
C GLU B 167 -0.97 -19.97 -0.39
N LEU B 168 -1.43 -20.23 0.83
CA LEU B 168 -2.78 -20.76 1.01
C LEU B 168 -3.79 -19.85 0.31
N GLY B 169 -4.80 -20.46 -0.30
CA GLY B 169 -5.78 -19.69 -1.05
C GLY B 169 -5.17 -18.96 -2.23
N SER B 170 -4.27 -19.62 -2.96
CA SER B 170 -3.63 -19.04 -4.13
C SER B 170 -4.46 -19.32 -5.37
N ASP B 171 -4.55 -18.31 -6.25
CA ASP B 171 -5.32 -18.46 -7.47
C ASP B 171 -4.75 -19.58 -8.35
N SER B 173 -2.87 -22.09 -7.46
CA SER B 173 -3.13 -23.35 -6.79
C SER B 173 -4.53 -23.86 -7.12
N TRP B 174 -5.52 -22.98 -7.04
CA TRP B 174 -6.89 -23.37 -7.38
C TRP B 174 -7.01 -23.77 -8.84
N GLN B 175 -6.34 -23.04 -9.73
CA GLN B 175 -6.48 -23.31 -11.16
C GLN B 175 -5.96 -24.70 -11.50
N LEU B 176 -4.79 -25.07 -10.99
CA LEU B 176 -4.20 -26.36 -11.32
C LEU B 176 -4.96 -27.50 -10.67
N ASN B 177 -5.45 -27.29 -9.44
CA ASN B 177 -6.14 -28.37 -8.73
C ASN B 177 -7.55 -28.59 -9.22
N GLU B 178 -8.26 -27.52 -9.63
CA GLU B 178 -9.56 -27.71 -10.26
C GLU B 178 -9.41 -28.32 -11.65
N SER B 179 -8.34 -27.99 -12.36
CA SER B 179 -8.05 -28.65 -13.62
C SER B 179 -7.78 -30.13 -13.40
N TRP B 180 -7.12 -30.47 -12.28
CA TRP B 180 -6.83 -31.86 -11.97
C TRP B 180 -8.03 -32.64 -11.48
N LEU B 181 -9.17 -31.98 -11.24
CA LEU B 181 -10.38 -32.71 -10.88
C LEU B 181 -10.81 -33.67 -11.97
N ASP B 182 -10.47 -33.37 -13.22
CA ASP B 182 -10.89 -34.17 -14.36
C ASP B 182 -9.94 -35.33 -14.67
N TYR B 183 -8.77 -35.37 -14.05
CA TYR B 183 -7.77 -36.36 -14.40
C TYR B 183 -8.27 -37.77 -14.08
N ASP B 184 -7.68 -38.75 -14.78
CA ASP B 184 -7.81 -40.17 -14.44
C ASP B 184 -6.44 -40.78 -14.75
N CYS B 185 -5.53 -40.70 -13.78
CA CYS B 185 -4.19 -41.21 -13.98
C CYS B 185 -4.20 -42.73 -14.11
N THR B 186 -4.92 -43.42 -13.21
CA THR B 186 -4.95 -44.88 -13.23
C THR B 186 -5.48 -45.40 -14.56
N ALA B 187 -6.60 -44.83 -15.03
CA ALA B 187 -7.21 -45.31 -16.26
C ALA B 187 -6.30 -45.16 -17.48
N ASN B 188 -5.27 -44.32 -17.38
CA ASN B 188 -4.37 -44.06 -18.49
C ASN B 188 -2.98 -44.65 -18.28
N GLY B 189 -2.85 -45.60 -17.35
CA GLY B 189 -1.58 -46.23 -17.10
C GLY B 189 -0.61 -45.41 -16.29
N VAL B 190 -1.05 -44.31 -15.69
CA VAL B 190 -0.21 -43.47 -14.84
C VAL B 190 -0.59 -43.73 -13.40
N TYR B 191 0.35 -44.22 -12.60
CA TYR B 191 0.13 -44.56 -11.20
C TYR B 191 0.81 -43.52 -10.32
N SER B 192 0.00 -42.69 -9.66
CA SER B 192 0.50 -41.64 -8.79
C SER B 192 0.23 -42.01 -7.33
N PHE B 193 1.09 -41.47 -6.46
CA PHE B 193 1.00 -41.74 -5.02
C PHE B 193 1.38 -40.47 -4.26
N VAL B 194 0.92 -40.40 -3.02
CA VAL B 194 1.33 -39.35 -2.09
C VAL B 194 1.75 -40.00 -0.79
N LEU B 195 2.94 -39.65 -0.31
CA LEU B 195 3.46 -40.13 0.96
C LEU B 195 3.88 -38.91 1.78
N THR B 196 3.48 -38.89 3.05
CA THR B 196 3.76 -37.76 3.91
C THR B 196 3.88 -38.26 5.35
N GLY B 197 4.36 -37.36 6.22
CA GLY B 197 4.43 -37.64 7.63
C GLY B 197 3.90 -36.47 8.43
N GLN B 198 3.69 -36.71 9.73
CA GLN B 198 3.13 -35.70 10.62
C GLN B 198 3.94 -35.61 11.91
N LYS B 199 5.25 -35.74 11.81
CA LYS B 199 6.15 -35.62 12.95
C LYS B 199 6.93 -34.33 12.84
N ILE B 200 6.91 -33.54 13.91
CA ILE B 200 7.68 -32.31 13.98
C ILE B 200 9.08 -32.64 14.49
N ASP B 201 10.11 -32.29 13.72
CA ASP B 201 11.47 -32.33 14.23
C ASP B 201 11.61 -31.20 15.24
N ARG B 202 11.33 -31.48 16.51
CA ARG B 202 11.14 -30.44 17.51
C ARG B 202 12.38 -29.59 17.72
N GLN B 203 13.56 -30.06 17.29
CA GLN B 203 14.78 -29.29 17.49
C GLN B 203 14.89 -28.10 16.54
N PHE B 204 13.95 -27.95 15.59
CA PHE B 204 13.96 -26.85 14.64
C PHE B 204 12.66 -26.03 14.71
N TYR B 205 11.97 -26.07 15.84
CA TYR B 205 10.75 -25.29 16.03
C TYR B 205 11.11 -23.83 16.22
N ASP B 206 10.74 -22.98 15.26
CA ASP B 206 10.90 -21.54 15.42
C ASP B 206 9.78 -21.01 16.31
N ALA B 207 10.17 -20.43 17.46
CA ALA B 207 9.19 -20.12 18.49
C ALA B 207 8.20 -19.05 18.04
N VAL B 208 8.68 -18.03 17.32
CA VAL B 208 7.82 -16.91 16.93
C VAL B 208 7.17 -17.17 15.58
N ASN B 209 7.14 -18.44 15.16
CA ASN B 209 6.41 -18.88 13.97
C ASN B 209 5.82 -20.25 14.31
N SER B 210 4.58 -20.24 14.80
CA SER B 210 3.99 -21.46 15.34
C SER B 210 3.81 -22.53 14.28
N TYR B 211 3.59 -22.14 13.02
CA TYR B 211 3.34 -23.11 11.96
C TYR B 211 4.42 -24.19 11.90
N THR B 212 5.62 -23.92 12.42
CA THR B 212 6.69 -24.89 12.35
C THR B 212 6.45 -26.10 13.25
N GLY B 213 5.60 -25.96 14.26
CA GLY B 213 5.26 -27.08 15.12
C GLY B 213 3.77 -27.35 15.12
N GLU B 214 3.10 -26.97 14.04
CA GLU B 214 1.65 -27.10 13.96
C GLU B 214 1.24 -28.57 13.98
N SER B 215 0.28 -28.91 14.85
CA SER B 215 -0.26 -30.26 14.86
C SER B 215 -0.97 -30.54 13.55
N GLY B 216 -0.69 -31.70 12.96
CA GLY B 216 -1.18 -32.04 11.64
C GLY B 216 -0.21 -31.77 10.53
N SER B 217 1.00 -31.30 10.84
CA SER B 217 2.01 -30.98 9.84
C SER B 217 3.30 -31.71 10.19
N ASN B 218 4.21 -31.74 9.20
CA ASN B 218 5.59 -32.17 9.43
C ASN B 218 6.52 -30.99 9.60
N GLY B 219 5.99 -29.84 10.03
CA GLY B 219 6.76 -28.62 10.18
C GLY B 219 6.73 -27.70 8.99
N VAL B 220 6.08 -28.09 7.90
CA VAL B 220 6.10 -27.33 6.66
C VAL B 220 4.72 -27.39 6.00
N VAL B 221 4.33 -28.58 5.55
CA VAL B 221 3.07 -28.78 4.85
C VAL B 221 2.14 -29.58 5.75
N ARG B 222 0.87 -29.18 5.78
CA ARG B 222 -0.15 -29.95 6.47
C ARG B 222 -0.52 -31.16 5.63
N VAL B 223 -0.62 -32.32 6.27
CA VAL B 223 -0.89 -33.55 5.53
C VAL B 223 -2.18 -33.41 4.72
N ALA B 224 -3.17 -32.67 5.24
CA ALA B 224 -4.39 -32.45 4.49
C ALA B 224 -4.12 -31.73 3.17
N ALA B 225 -3.04 -30.95 3.11
CA ALA B 225 -2.65 -30.30 1.87
C ALA B 225 -1.88 -31.23 0.94
N THR B 226 -1.38 -32.35 1.45
CA THR B 226 -0.70 -33.33 0.63
C THR B 226 -1.68 -34.17 -0.17
N ASN B 227 -2.86 -34.46 0.39
CA ASN B 227 -3.74 -35.46 -0.18
C ASN B 227 -4.31 -35.00 -1.51
N ASN B 229 -6.85 -36.57 -2.85
CA ASN B 229 -8.27 -36.90 -2.78
C ASN B 229 -8.98 -35.71 -2.14
N TYR B 230 -9.76 -34.98 -2.93
CA TYR B 230 -10.45 -33.80 -2.43
C TYR B 230 -11.66 -33.54 -3.31
N SER B 231 -12.62 -32.81 -2.75
CA SER B 231 -13.86 -32.48 -3.43
C SER B 231 -13.94 -30.97 -3.68
N LEU B 232 -14.55 -30.62 -4.81
CA LEU B 232 -14.89 -29.24 -5.11
C LEU B 232 -16.39 -29.07 -4.93
N LEU B 233 -16.79 -28.18 -4.03
CA LEU B 233 -18.20 -27.93 -3.75
C LEU B 233 -18.55 -26.54 -4.25
N LYS B 234 -19.53 -26.48 -5.16
CA LYS B 234 -19.98 -25.23 -5.76
C LYS B 234 -21.37 -24.91 -5.23
N LEU B 235 -21.53 -23.72 -4.66
CA LEU B 235 -22.80 -23.26 -4.12
C LEU B 235 -23.23 -22.03 -4.90
N HIS B 236 -24.37 -22.13 -5.59
CA HIS B 236 -24.94 -21.04 -6.36
C HIS B 236 -26.19 -20.54 -5.67
N GLN B 237 -26.27 -19.22 -5.47
CA GLN B 237 -27.45 -18.61 -4.87
C GLN B 237 -28.54 -18.43 -5.91
N GLU B 238 -29.78 -18.72 -5.52
CA GLU B 238 -30.93 -18.62 -6.41
C GLU B 238 -32.08 -18.02 -5.62
N GLY B 239 -33.27 -17.99 -6.23
CA GLY B 239 -34.50 -17.71 -5.54
C GLY B 239 -35.18 -16.40 -5.87
N ASP B 240 -34.78 -15.72 -6.94
CA ASP B 240 -35.38 -14.42 -7.30
C ASP B 240 -35.30 -13.53 -6.06
N ASN B 241 -36.38 -12.85 -5.67
CA ASN B 241 -36.47 -12.20 -4.37
C ASN B 241 -37.06 -13.14 -3.32
N GLY B 242 -36.70 -14.42 -3.38
CA GLY B 242 -37.29 -15.45 -2.54
C GLY B 242 -38.30 -16.27 -3.34
N GLU B 243 -38.28 -17.61 -3.23
CA GLU B 243 -37.42 -18.38 -2.37
C GLU B 243 -36.91 -19.64 -3.07
N SER B 244 -35.78 -20.16 -2.60
CA SER B 244 -35.13 -21.35 -3.14
C SER B 244 -33.68 -21.36 -2.66
N LEU B 245 -32.93 -20.32 -3.06
CA LEU B 245 -31.61 -20.01 -2.52
C LEU B 245 -30.50 -20.87 -3.10
N VAL B 246 -29.95 -21.80 -2.32
CA VAL B 246 -28.67 -22.43 -2.66
C VAL B 246 -28.91 -23.78 -3.31
N VAL B 247 -28.22 -24.01 -4.43
CA VAL B 247 -28.17 -25.32 -5.09
C VAL B 247 -26.71 -25.77 -5.08
N ALA B 248 -26.47 -27.02 -4.72
CA ALA B 248 -25.13 -27.55 -4.56
C ALA B 248 -24.79 -28.51 -5.69
N LYS B 249 -23.51 -28.52 -6.06
CA LYS B 249 -22.99 -29.47 -7.03
C LYS B 249 -21.57 -29.81 -6.59
N THR B 251 -17.98 -32.34 -6.94
CA THR B 251 -17.14 -33.21 -7.76
C THR B 251 -15.94 -33.63 -6.94
N ARG B 252 -15.26 -34.69 -7.40
CA ARG B 252 -14.20 -35.31 -6.62
C ARG B 252 -13.13 -35.85 -7.57
N THR B 253 -11.87 -35.68 -7.18
CA THR B 253 -10.78 -36.27 -7.91
C THR B 253 -10.91 -37.80 -7.94
N GLN B 254 -10.21 -38.42 -8.86
CA GLN B 254 -10.12 -39.87 -8.85
C GLN B 254 -9.29 -40.32 -7.65
N PRO B 255 -9.63 -41.45 -7.03
CA PRO B 255 -8.87 -41.88 -5.85
C PRO B 255 -7.39 -42.02 -6.16
N ALA B 257 -3.56 -43.27 -4.28
CA ALA B 257 -2.84 -43.88 -3.18
C ALA B 257 -2.34 -42.80 -2.21
N PHE B 258 -2.83 -42.86 -0.98
CA PHE B 258 -2.49 -41.88 0.04
C PHE B 258 -2.01 -42.60 1.29
N GLY B 259 -0.86 -42.18 1.81
CA GLY B 259 -0.29 -42.79 2.99
C GLY B 259 0.47 -41.82 3.87
N VAL B 260 0.09 -41.72 5.13
CA VAL B 260 0.82 -40.93 6.13
C VAL B 260 1.71 -41.89 6.89
N LEU B 261 3.01 -41.83 6.63
CA LEU B 261 3.95 -42.79 7.18
C LEU B 261 4.39 -42.37 8.59
N PRO B 262 4.93 -43.30 9.37
CA PRO B 262 5.15 -43.03 10.80
C PRO B 262 6.45 -42.28 11.06
N GLY B 263 6.36 -41.25 11.90
CA GLY B 263 7.52 -40.55 12.41
C GLY B 263 8.48 -40.02 11.37
N LEU B 264 7.97 -39.22 10.43
CA LEU B 264 8.82 -38.61 9.41
C LEU B 264 8.44 -37.16 9.24
N SER B 265 9.41 -36.26 9.38
CA SER B 265 9.19 -34.84 9.24
C SER B 265 9.44 -34.42 7.79
N HIS B 266 9.49 -33.11 7.54
CA HIS B 266 9.64 -32.61 6.18
C HIS B 266 11.08 -32.71 5.69
N SER B 267 12.04 -32.25 6.49
CA SER B 267 13.44 -32.19 6.09
C SER B 267 14.32 -32.55 7.28
N GLY B 268 15.63 -32.47 7.08
CA GLY B 268 16.60 -32.75 8.12
C GLY B 268 17.17 -34.15 8.04
N LYS B 269 18.45 -34.30 8.38
CA LYS B 269 19.07 -35.63 8.36
C LYS B 269 18.40 -36.56 9.35
N ASN B 270 17.88 -36.03 10.46
CA ASN B 270 17.38 -36.88 11.54
C ASN B 270 16.14 -37.66 11.10
N ILE B 271 15.09 -36.94 10.69
CA ILE B 271 13.82 -37.59 10.38
C ILE B 271 13.17 -36.95 9.16
N GLY B 272 13.98 -36.37 8.28
CA GLY B 272 13.46 -35.83 7.04
C GLY B 272 12.91 -36.95 6.17
N ILE B 273 11.71 -36.74 5.61
CA ILE B 273 11.00 -37.82 4.91
C ILE B 273 11.90 -38.46 3.85
N ILE B 274 12.74 -37.67 3.20
CA ILE B 274 13.66 -38.18 2.20
C ILE B 274 15.09 -37.90 2.64
N ARG B 275 15.31 -36.75 3.29
CA ARG B 275 16.66 -36.35 3.67
C ARG B 275 17.29 -37.32 4.67
N SER B 276 16.49 -38.07 5.41
CA SER B 276 17.00 -38.95 6.46
C SER B 276 17.30 -40.36 5.96
N ILE B 277 17.28 -40.59 4.65
CA ILE B 277 17.49 -41.92 4.10
C ILE B 277 18.98 -42.12 3.86
N THR B 278 19.54 -43.17 4.45
CA THR B 278 20.91 -43.60 4.23
C THR B 278 20.91 -45.04 3.73
N ALA B 280 22.44 -47.34 5.16
CA ALA B 280 22.39 -48.20 6.33
C ALA B 280 20.97 -48.43 6.82
N ASN B 281 20.13 -47.40 6.74
CA ASN B 281 18.78 -47.45 7.29
C ASN B 281 17.69 -47.58 6.24
N ALA B 282 18.06 -47.68 4.95
CA ALA B 282 17.04 -47.72 3.91
C ALA B 282 16.16 -48.96 4.03
N ALA B 283 16.73 -50.08 4.46
CA ALA B 283 15.96 -51.31 4.56
C ALA B 283 14.79 -51.17 5.54
N THR B 284 14.93 -50.28 6.52
CA THR B 284 13.88 -50.07 7.52
C THR B 284 13.30 -48.66 7.48
N HIS B 285 13.66 -47.87 6.48
CA HIS B 285 13.10 -46.53 6.35
C HIS B 285 11.72 -46.60 5.72
N PRO B 286 10.66 -46.14 6.38
CA PRO B 286 9.32 -46.22 5.77
C PRO B 286 9.25 -45.66 4.36
N THR B 287 9.90 -44.51 4.12
CA THR B 287 9.88 -43.92 2.79
C THR B 287 10.56 -44.81 1.77
N ALA B 288 11.76 -45.30 2.10
CA ALA B 288 12.47 -46.20 1.20
C ALA B 288 11.64 -47.43 0.90
N ILE B 289 11.04 -48.03 1.93
CA ILE B 289 10.25 -49.25 1.75
C ILE B 289 9.10 -48.99 0.79
N TRP B 290 8.36 -47.89 1.02
CA TRP B 290 7.14 -47.66 0.27
C TRP B 290 7.40 -46.99 -1.07
N ILE B 291 8.49 -46.21 -1.19
CA ILE B 291 8.92 -45.76 -2.50
C ILE B 291 9.00 -46.94 -3.45
N LEU B 292 9.65 -48.01 -2.99
CA LEU B 292 9.89 -49.17 -3.85
C LEU B 292 8.59 -49.88 -4.19
N ARG B 293 7.74 -50.14 -3.19
CA ARG B 293 6.48 -50.84 -3.46
C ARG B 293 5.64 -50.09 -4.49
N CYS B 294 5.61 -48.76 -4.41
CA CYS B 294 4.92 -47.98 -5.42
C CYS B 294 5.59 -48.15 -6.79
N LEU B 295 6.92 -48.04 -6.82
CA LEU B 295 7.65 -48.22 -8.07
C LEU B 295 7.38 -49.59 -8.70
N GLN B 296 7.05 -50.58 -7.87
CA GLN B 296 6.78 -51.93 -8.36
C GLN B 296 5.40 -52.08 -8.98
N VAL B 297 4.53 -51.08 -8.87
CA VAL B 297 3.18 -51.20 -9.41
C VAL B 297 3.25 -51.24 -10.93
N LYS B 298 2.53 -52.21 -11.53
CA LYS B 298 2.49 -52.36 -12.97
C LYS B 298 1.11 -52.79 -13.46
N SER B 299 0.07 -52.52 -12.69
CA SER B 299 -1.28 -52.96 -13.05
C SER B 299 -2.29 -52.15 -12.26
N ARG B 300 -3.57 -52.36 -12.59
CA ARG B 300 -4.64 -51.67 -11.90
CA ARG B 300 -4.65 -51.66 -11.89
C ARG B 300 -4.97 -52.33 -10.56
N ASP B 301 -4.99 -53.67 -10.53
CA ASP B 301 -5.27 -54.36 -9.28
C ASP B 301 -4.12 -54.19 -8.28
N SER B 302 -2.89 -54.33 -8.75
CA SER B 302 -1.74 -54.05 -7.89
C SER B 302 -1.84 -52.65 -7.29
N TYR B 303 -2.20 -51.66 -8.11
CA TYR B 303 -2.37 -50.30 -7.62
C TYR B 303 -3.40 -50.26 -6.49
N ASN B 304 -4.59 -50.79 -6.74
CA ASN B 304 -5.66 -50.69 -5.75
C ASN B 304 -5.33 -51.44 -4.47
N LYS B 305 -4.56 -52.53 -4.58
CA LYS B 305 -4.13 -53.23 -3.38
C LYS B 305 -3.12 -52.38 -2.59
N LEU B 306 -2.32 -51.57 -3.28
CA LEU B 306 -1.42 -50.66 -2.59
C LEU B 306 -2.18 -49.52 -1.93
N VAL B 307 -3.29 -49.07 -2.53
CA VAL B 307 -4.07 -48.00 -1.95
C VAL B 307 -4.66 -48.44 -0.62
N LYS B 308 -5.26 -49.63 -0.59
CA LYS B 308 -5.85 -50.13 0.64
C LYS B 308 -4.80 -50.51 1.67
N GLU B 309 -3.58 -50.80 1.24
CA GLU B 309 -2.50 -51.02 2.20
C GLU B 309 -2.02 -49.71 2.80
N LEU B 310 -1.85 -48.68 1.97
CA LEU B 310 -1.33 -47.40 2.46
C LEU B 310 -2.28 -46.77 3.47
N ASP B 311 -3.58 -46.70 3.15
CA ASP B 311 -4.54 -46.11 4.07
C ASP B 311 -4.48 -46.80 5.43
N ASN B 312 -4.36 -48.13 5.42
CA ASN B 312 -4.23 -48.86 6.69
C ASN B 312 -3.05 -48.35 7.49
N ILE B 313 -1.94 -48.04 6.83
CA ILE B 313 -0.80 -47.48 7.53
C ILE B 313 -1.14 -46.10 8.06
N THR B 314 -1.75 -45.25 7.22
CA THR B 314 -2.15 -43.93 7.66
C THR B 314 -2.91 -43.99 8.98
N LYS B 315 -3.92 -44.87 9.05
CA LYS B 315 -4.65 -45.05 10.31
C LYS B 315 -3.70 -45.38 11.45
N GLU B 316 -2.75 -46.29 11.20
CA GLU B 316 -1.88 -46.77 12.26
C GLU B 316 -0.97 -45.68 12.78
N THR B 317 -0.33 -44.93 11.86
CA THR B 317 0.61 -43.89 12.30
C THR B 317 -0.12 -42.81 13.07
N GLN B 318 -1.24 -42.31 12.52
CA GLN B 318 -2.00 -41.27 13.20
C GLN B 318 -2.63 -41.77 14.49
N LYS B 319 -2.77 -43.09 14.67
CA LYS B 319 -3.20 -43.62 15.95
C LYS B 319 -2.02 -43.70 16.93
N ASN B 320 -0.84 -44.03 16.42
CA ASN B 320 0.33 -44.20 17.28
C ASN B 320 0.96 -42.86 17.66
N GLU B 321 0.86 -41.85 16.79
CA GLU B 321 1.42 -40.54 17.04
C GLU B 321 0.40 -39.56 17.63
N HIS B 322 -0.65 -40.08 18.25
CA HIS B 322 -1.70 -39.21 18.78
C HIS B 322 -1.23 -38.43 20.00
N LYS B 323 -0.52 -39.11 20.92
CA LYS B 323 -0.03 -38.50 22.15
C LYS B 323 1.48 -38.67 22.23
N GLU B 324 2.16 -37.62 22.65
CA GLU B 324 3.62 -37.61 22.72
C GLU B 324 4.06 -36.92 23.99
N PHE B 325 4.88 -37.61 24.78
CA PHE B 325 5.41 -37.07 26.04
C PHE B 325 6.93 -36.94 25.89
N VAL B 326 7.40 -35.70 25.72
CA VAL B 326 8.82 -35.39 25.65
C VAL B 326 9.22 -34.75 26.98
N LYS B 327 10.36 -35.19 27.53
CA LYS B 327 10.78 -34.77 28.85
C LYS B 327 12.25 -34.38 28.84
N THR B 328 12.53 -33.18 29.31
CA THR B 328 13.88 -32.69 29.56
C THR B 328 14.01 -32.42 31.05
N LEU B 329 15.26 -32.24 31.50
CA LEU B 329 15.49 -31.90 32.90
C LEU B 329 14.80 -30.60 33.31
N VAL B 330 14.24 -29.85 32.36
CA VAL B 330 13.67 -28.53 32.65
C VAL B 330 12.14 -28.56 32.57
N PHE B 331 11.55 -29.32 31.65
CA PHE B 331 10.12 -29.25 31.44
C PHE B 331 9.52 -30.63 31.18
N THR B 332 8.19 -30.70 31.25
CA THR B 332 7.39 -31.86 30.88
C THR B 332 6.27 -31.39 29.97
N ARG B 333 6.06 -32.08 28.86
CA ARG B 333 5.10 -31.62 27.87
C ARG B 333 4.42 -32.79 27.17
N GLU B 334 3.12 -32.66 26.94
CA GLU B 334 2.34 -33.59 26.13
C GLU B 334 1.81 -32.82 24.93
N TYR B 335 2.01 -33.38 23.74
CA TYR B 335 1.53 -32.78 22.49
C TYR B 335 0.48 -33.70 21.88
N ILE B 336 -0.68 -33.13 21.56
CA ILE B 336 -1.80 -33.87 20.99
C ILE B 336 -1.83 -33.64 19.49
N THR B 337 -1.82 -34.71 18.72
CA THR B 337 -1.91 -34.65 17.26
C THR B 337 -3.11 -35.47 16.83
N ASN B 338 -4.16 -34.78 16.36
CA ASN B 338 -5.38 -35.42 15.90
C ASN B 338 -5.34 -35.54 14.38
N ARG B 339 -6.50 -35.77 13.76
CA ARG B 339 -6.65 -35.79 12.31
C ARG B 339 -7.42 -34.53 11.90
N TYR B 340 -6.99 -33.92 10.80
CA TYR B 340 -7.42 -32.57 10.47
C TYR B 340 -7.96 -32.50 9.05
N SER B 341 -8.45 -31.31 8.71
CA SER B 341 -9.09 -31.04 7.43
C SER B 341 -8.76 -29.60 7.05
N ILE B 343 -10.32 -26.24 4.48
CA ILE B 343 -11.21 -25.62 3.52
C ILE B 343 -10.44 -24.50 2.82
N ILE B 344 -10.55 -24.46 1.49
CA ILE B 344 -10.20 -23.29 0.70
C ILE B 344 -11.52 -22.71 0.21
N PHE B 345 -11.86 -21.52 0.69
CA PHE B 345 -13.09 -20.85 0.29
C PHE B 345 -12.77 -19.83 -0.80
N ARG B 346 -13.51 -19.91 -1.90
CA ARG B 346 -13.57 -18.85 -2.89
C ARG B 346 -15.04 -18.45 -3.01
N LEU B 347 -15.30 -17.16 -3.12
CA LEU B 347 -16.66 -16.66 -3.24
C LEU B 347 -16.69 -15.62 -4.36
N ILE B 348 -17.48 -15.90 -5.39
CA ILE B 348 -17.64 -15.00 -6.53
C ILE B 348 -19.11 -14.57 -6.56
N ASP B 349 -19.49 -13.85 -7.62
CA ASP B 349 -20.90 -13.53 -7.86
C ASP B 349 -21.22 -13.81 -9.32
N ASP B 350 -22.51 -13.75 -9.63
CA ASP B 350 -22.99 -14.01 -10.98
C ASP B 350 -22.57 -12.94 -11.99
N ARG B 351 -21.73 -11.96 -11.64
CA ARG B 351 -21.34 -10.90 -12.57
C ARG B 351 -19.86 -10.92 -12.91
N GLY B 352 -19.07 -11.80 -12.31
CA GLY B 352 -17.65 -11.88 -12.56
C GLY B 352 -16.79 -11.24 -11.48
N ASN B 353 -17.37 -10.41 -10.63
CA ASN B 353 -16.59 -9.80 -9.56
C ASN B 353 -16.20 -10.86 -8.53
N HIS B 354 -14.97 -10.75 -8.03
CA HIS B 354 -14.49 -11.63 -6.97
C HIS B 354 -14.73 -10.95 -5.63
N LEU B 355 -15.59 -11.56 -4.80
CA LEU B 355 -15.92 -11.00 -3.50
C LEU B 355 -14.69 -11.03 -2.59
N ILE B 356 -14.34 -9.86 -2.04
CA ILE B 356 -13.26 -9.78 -1.06
C ILE B 356 -13.76 -9.38 0.32
N ASP B 357 -14.84 -8.61 0.42
CA ASP B 357 -15.42 -8.20 1.69
C ASP B 357 -16.61 -9.10 1.98
N TYR B 358 -16.49 -9.92 3.02
CA TYR B 358 -17.54 -10.87 3.39
C TYR B 358 -17.20 -11.42 4.77
N ASP B 359 -18.18 -12.11 5.36
CA ASP B 359 -17.99 -12.82 6.62
C ASP B 359 -18.53 -14.23 6.46
N LEU B 360 -17.72 -15.22 6.85
CA LEU B 360 -18.02 -16.63 6.62
C LEU B 360 -18.08 -17.35 7.97
N TYR B 361 -19.14 -18.14 8.16
CA TYR B 361 -19.35 -18.87 9.40
C TYR B 361 -19.54 -20.35 9.12
N LEU B 362 -18.92 -21.19 9.93
CA LEU B 362 -19.33 -22.57 10.06
C LEU B 362 -20.49 -22.64 11.05
N THR B 363 -21.47 -23.49 10.76
CA THR B 363 -22.67 -23.58 11.56
C THR B 363 -22.95 -25.03 11.93
N ALA B 364 -23.71 -25.22 13.00
CA ALA B 364 -24.11 -26.54 13.45
C ALA B 364 -25.28 -26.40 14.42
N GLY B 365 -25.79 -27.54 14.89
CA GLY B 365 -26.92 -27.56 15.79
C GLY B 365 -28.24 -27.83 15.08
N PRO B 366 -29.29 -28.10 15.87
CA PRO B 366 -30.63 -28.26 15.28
C PRO B 366 -31.02 -27.17 14.31
N GLN B 367 -30.44 -25.99 14.49
CA GLN B 367 -30.90 -24.75 13.87
C GLN B 367 -29.82 -24.12 13.01
N TYR B 368 -28.70 -24.82 12.83
CA TYR B 368 -27.54 -24.29 12.11
C TYR B 368 -27.18 -22.91 12.63
N SER B 369 -26.83 -22.89 13.91
CA SER B 369 -26.36 -21.67 14.57
C SER B 369 -24.84 -21.61 14.51
N GLU B 370 -24.32 -20.40 14.30
CA GLU B 370 -22.88 -20.19 14.20
C GLU B 370 -22.18 -20.24 15.55
N GLN B 371 -22.91 -20.41 16.65
CA GLN B 371 -22.33 -20.42 17.98
C GLN B 371 -22.33 -21.81 18.62
N ALA B 372 -22.50 -22.86 17.81
CA ALA B 372 -22.77 -24.18 18.33
C ALA B 372 -21.71 -25.22 18.02
N LEU B 373 -20.68 -24.89 17.25
CA LEU B 373 -19.71 -25.91 16.85
C LEU B 373 -18.89 -26.35 18.07
N PRO B 374 -18.53 -27.63 18.14
CA PRO B 374 -17.86 -28.15 19.34
C PRO B 374 -16.63 -27.34 19.73
N ALA B 375 -16.31 -27.40 21.02
CA ALA B 375 -15.17 -26.66 21.55
C ALA B 375 -13.87 -27.28 21.07
N GLY B 376 -13.03 -26.48 20.41
CA GLY B 376 -11.78 -26.95 19.86
C GLY B 376 -11.81 -27.28 18.38
N PHE B 377 -12.88 -26.91 17.67
CA PHE B 377 -12.99 -27.23 16.26
C PHE B 377 -11.99 -26.46 15.40
N PHE B 378 -11.43 -25.37 15.90
CA PHE B 378 -10.66 -24.44 15.10
C PHE B 378 -9.17 -24.59 15.36
N VAL B 379 -8.38 -24.50 14.28
CA VAL B 379 -6.93 -24.57 14.35
C VAL B 379 -6.27 -23.31 13.79
N ASP B 380 -6.75 -22.82 12.65
CA ASP B 380 -6.07 -21.72 11.99
C ASP B 380 -6.94 -21.16 10.88
N ARG B 381 -6.89 -19.83 10.71
CA ARG B 381 -7.54 -19.14 9.61
C ARG B 381 -6.51 -18.27 8.90
N GLN B 382 -6.38 -18.46 7.59
CA GLN B 382 -5.44 -17.69 6.78
C GLN B 382 -6.16 -17.13 5.55
N ARG B 383 -5.73 -15.94 5.14
CA ARG B 383 -6.33 -15.21 4.02
C ARG B 383 -5.22 -14.84 3.05
N ASN B 384 -5.42 -15.19 1.77
CA ASN B 384 -4.39 -14.95 0.78
C ASN B 384 -4.10 -13.47 0.63
N LEU B 385 -2.84 -13.14 0.38
CA LEU B 385 -2.43 -11.74 0.31
C LEU B 385 -2.78 -11.13 -1.05
N ASN B 386 -2.52 -11.85 -2.14
CA ASN B 386 -2.70 -11.27 -3.47
C ASN B 386 -4.17 -11.23 -3.86
N ASN B 387 -4.88 -12.35 -3.70
CA ASN B 387 -6.33 -12.39 -3.86
C ASN B 387 -6.92 -12.49 -2.47
N ARG B 388 -7.24 -11.33 -1.88
CA ARG B 388 -7.70 -11.31 -0.50
C ARG B 388 -8.96 -12.14 -0.32
N GLY B 389 -9.81 -12.21 -1.34
CA GLY B 389 -11.08 -12.90 -1.23
C GLY B 389 -10.99 -14.41 -1.18
N LYS B 390 -9.83 -14.95 -0.82
CA LYS B 390 -9.64 -16.39 -0.68
C LYS B 390 -9.29 -16.71 0.76
N LEU B 391 -9.97 -17.69 1.34
CA LEU B 391 -9.91 -17.99 2.76
C LEU B 391 -9.62 -19.47 2.95
N THR B 392 -8.64 -19.78 3.79
CA THR B 392 -8.24 -21.16 4.07
C THR B 392 -8.37 -21.43 5.56
N TYR B 393 -9.29 -22.33 5.92
CA TYR B 393 -9.50 -22.73 7.30
C TYR B 393 -8.84 -24.09 7.55
N PHE B 394 -8.22 -24.22 8.72
CA PHE B 394 -7.60 -25.46 9.18
C PHE B 394 -8.31 -25.88 10.45
N LEU B 395 -8.85 -27.10 10.46
CA LEU B 395 -9.80 -27.50 11.49
C LEU B 395 -9.48 -28.89 12.01
N ASP B 396 -10.01 -29.16 13.21
CA ASP B 396 -9.85 -30.45 13.88
C ASP B 396 -11.06 -31.31 13.52
N TYR B 397 -10.86 -32.24 12.58
CA TYR B 397 -11.97 -33.08 12.14
C TYR B 397 -12.44 -34.00 13.27
N ASP B 398 -11.50 -34.50 14.08
CA ASP B 398 -11.88 -35.42 15.14
C ASP B 398 -12.71 -34.73 16.21
N ILE B 399 -12.32 -33.53 16.63
CA ILE B 399 -13.13 -32.79 17.59
C ILE B 399 -14.48 -32.44 16.98
N GLU B 401 -16.17 -33.99 14.17
CA GLU B 401 -16.96 -35.21 14.00
C GLU B 401 -17.44 -35.76 15.33
N GLY B 402 -16.59 -35.69 16.36
CA GLY B 402 -17.00 -36.18 17.67
C GLY B 402 -18.22 -35.46 18.21
N GLY B 403 -18.14 -34.12 18.26
CA GLY B 403 -19.28 -33.34 18.74
C GLY B 403 -20.35 -33.12 17.69
N ILE B 404 -20.02 -33.27 16.42
CA ILE B 404 -21.01 -33.07 15.36
C ILE B 404 -21.99 -34.24 15.33
N ASN B 405 -21.47 -35.47 15.38
CA ASN B 405 -22.30 -36.67 15.20
C ASN B 405 -22.81 -37.16 16.55
N THR B 406 -23.88 -36.50 17.01
CA THR B 406 -24.61 -36.88 18.21
C THR B 406 -26.10 -36.79 17.90
N PRO B 407 -26.97 -37.29 18.78
CA PRO B 407 -28.40 -37.28 18.45
C PRO B 407 -29.01 -35.89 18.44
N LYS B 408 -28.65 -35.04 19.41
CA LYS B 408 -29.22 -33.71 19.53
C LYS B 408 -28.47 -32.65 18.74
N GLN B 410 -27.21 -33.95 15.60
CA GLN B 410 -27.70 -34.62 14.40
C GLN B 410 -26.68 -34.70 13.27
N GLY B 411 -25.42 -34.37 13.53
CA GLY B 411 -24.42 -34.42 12.48
C GLY B 411 -24.47 -33.25 11.53
N ASN B 412 -24.98 -32.10 11.97
CA ASN B 412 -25.16 -30.97 11.07
C ASN B 412 -23.89 -30.14 10.95
N LEU B 413 -23.67 -29.59 9.76
CA LEU B 413 -22.58 -28.64 9.52
C LEU B 413 -22.93 -27.84 8.27
N GLY B 414 -22.79 -26.52 8.35
CA GLY B 414 -23.17 -25.66 7.25
C GLY B 414 -22.26 -24.46 7.13
N PHE B 415 -22.48 -23.71 6.06
CA PHE B 415 -21.76 -22.48 5.77
C PHE B 415 -22.75 -21.32 5.65
N ARG B 416 -22.37 -20.16 6.21
CA ARG B 416 -23.16 -18.94 6.06
C ARG B 416 -22.21 -17.82 5.64
N VAL B 417 -22.43 -17.30 4.44
CA VAL B 417 -21.64 -16.19 3.90
C VAL B 417 -22.48 -14.93 3.99
N LYS B 418 -21.94 -13.91 4.65
CA LYS B 418 -22.55 -12.58 4.71
C LYS B 418 -21.67 -11.66 3.88
N ALA B 419 -21.94 -11.61 2.58
CA ALA B 419 -21.18 -10.75 1.68
C ALA B 419 -21.60 -9.30 1.86
N TYR B 420 -20.72 -8.40 1.49
CA TYR B 420 -20.95 -6.97 1.64
C TYR B 420 -20.75 -6.26 0.31
N PRO B 421 -21.42 -5.11 0.10
CA PRO B 421 -22.39 -4.51 1.02
C PRO B 421 -23.66 -5.33 1.22
N GLU B 422 -24.29 -5.12 2.36
CA GLU B 422 -25.41 -5.93 2.83
C GLU B 422 -26.73 -5.24 2.46
N SER B 423 -27.83 -5.94 2.76
CA SER B 423 -29.15 -5.39 2.50
C SER B 423 -29.45 -4.28 3.50
N SER B 424 -29.95 -3.15 3.01
CA SER B 424 -30.31 -2.02 3.85
C SER B 424 -31.33 -1.18 3.11
N ASP B 425 -31.88 -0.19 3.83
CA ASP B 425 -32.86 0.70 3.23
C ASP B 425 -32.26 1.68 2.23
N GLN B 426 -30.93 1.76 2.15
CA GLN B 426 -30.26 2.61 1.18
C GLN B 426 -29.41 1.83 0.20
N ALA B 427 -29.39 0.50 0.29
CA ALA B 427 -28.53 -0.30 -0.57
C ALA B 427 -29.01 -0.22 -2.02
N LEU B 428 -28.06 -0.13 -2.94
CA LEU B 428 -28.34 -0.09 -4.37
C LEU B 428 -27.72 -1.24 -5.13
N ALA B 429 -26.57 -1.77 -4.70
CA ALA B 429 -25.99 -2.98 -5.26
C ALA B 429 -25.41 -3.78 -4.10
N TYR B 430 -26.01 -4.92 -3.80
CA TYR B 430 -25.72 -5.64 -2.56
C TYR B 430 -25.97 -7.12 -2.74
N TYR B 431 -25.63 -7.88 -1.70
CA TYR B 431 -25.80 -9.33 -1.69
C TYR B 431 -26.65 -9.73 -0.49
N ARG B 432 -27.18 -10.95 -0.55
CA ARG B 432 -28.03 -11.49 0.49
C ARG B 432 -27.30 -12.58 1.27
N LEU B 433 -27.81 -12.86 2.46
CA LEU B 433 -27.24 -13.92 3.29
C LEU B 433 -27.43 -15.27 2.61
N LEU B 434 -26.33 -15.99 2.43
CA LEU B 434 -26.35 -17.33 1.86
C LEU B 434 -26.18 -18.35 2.98
N ASP B 435 -27.02 -19.38 2.98
CA ASP B 435 -27.01 -20.40 4.01
C ASP B 435 -27.08 -21.77 3.38
N PHE B 436 -26.18 -22.66 3.79
CA PHE B 436 -26.09 -24.02 3.27
C PHE B 436 -26.11 -24.99 4.44
N HIS B 437 -26.83 -26.10 4.25
CA HIS B 437 -27.12 -27.06 5.32
C HIS B 437 -26.82 -28.46 4.82
N SER B 438 -25.88 -29.14 5.45
CA SER B 438 -25.38 -30.41 4.93
C SER B 438 -24.86 -31.27 6.07
N SER B 439 -24.02 -32.25 5.73
CA SER B 439 -23.41 -33.17 6.69
C SER B 439 -24.45 -34.05 7.39
N LYS B 445 -21.44 -35.15 1.98
CA LYS B 445 -20.38 -35.14 2.97
C LYS B 445 -19.26 -34.20 2.55
N ILE B 446 -19.08 -33.14 3.33
CA ILE B 446 -18.16 -32.07 2.93
C ILE B 446 -16.73 -32.41 3.30
N LEU B 447 -16.47 -32.70 4.58
CA LEU B 447 -15.12 -32.84 5.07
C LEU B 447 -14.77 -34.31 5.32
N HIS B 448 -13.48 -34.60 5.16
CA HIS B 448 -12.93 -35.93 5.39
C HIS B 448 -11.63 -35.78 6.18
N PRO B 449 -11.23 -36.80 6.93
CA PRO B 449 -9.95 -36.72 7.65
C PRO B 449 -8.79 -36.67 6.68
N ASN B 450 -7.82 -35.80 6.99
CA ASN B 450 -6.60 -35.68 6.19
C ASN B 450 -6.91 -35.27 4.76
N GLU B 451 -7.88 -34.37 4.59
CA GLU B 451 -8.32 -33.96 3.27
C GLU B 451 -8.56 -32.46 3.23
N THR B 452 -8.31 -31.88 2.06
CA THR B 452 -8.64 -30.49 1.76
C THR B 452 -9.92 -30.45 0.95
N VAL B 453 -10.69 -29.38 1.12
CA VAL B 453 -11.92 -29.16 0.35
C VAL B 453 -11.86 -27.78 -0.27
N VAL B 455 -14.30 -24.98 -1.71
CA VAL B 455 -15.69 -24.53 -1.69
C VAL B 455 -15.76 -23.20 -2.44
N GLU B 456 -16.41 -23.21 -3.60
CA GLU B 456 -16.64 -22.00 -4.39
C GLU B 456 -18.09 -21.59 -4.23
N ILE B 457 -18.31 -20.36 -3.75
CA ILE B 457 -19.63 -19.88 -3.36
C ILE B 457 -19.99 -18.70 -4.26
N LEU B 459 -22.63 -15.84 -5.34
CA LEU B 459 -23.76 -15.06 -4.84
C LEU B 459 -24.39 -14.25 -5.97
N GLN B 460 -25.66 -13.88 -5.76
CA GLN B 460 -26.42 -13.11 -6.73
C GLN B 460 -26.25 -11.63 -6.42
N ARG B 461 -25.52 -10.92 -7.27
CA ARG B 461 -25.36 -9.48 -7.10
C ARG B 461 -26.69 -8.79 -7.40
N ARG B 462 -27.25 -8.11 -6.40
CA ARG B 462 -28.59 -7.53 -6.48
C ARG B 462 -28.47 -6.02 -6.66
N VAL B 463 -28.85 -5.55 -7.85
CA VAL B 463 -28.90 -4.13 -8.16
C VAL B 463 -30.35 -3.67 -8.08
N ASP B 464 -30.57 -2.52 -7.46
CA ASP B 464 -31.92 -1.98 -7.33
C ASP B 464 -32.29 -1.18 -8.57
N ARG B 465 -33.61 -1.08 -8.82
CA ARG B 465 -34.10 -0.40 -10.00
C ARG B 465 -33.75 1.09 -10.01
N THR B 466 -33.42 1.67 -8.85
CA THR B 466 -33.09 3.08 -8.81
C THR B 466 -31.77 3.41 -9.51
N VAL B 467 -30.88 2.43 -9.64
CA VAL B 467 -29.60 2.70 -10.31
C VAL B 467 -29.84 3.26 -11.70
N PHE B 468 -30.96 2.94 -12.33
CA PHE B 468 -31.32 3.54 -13.61
C PHE B 468 -32.84 3.60 -13.74
N ARG B 469 -33.34 4.81 -14.00
CA ARG B 469 -34.76 5.03 -14.25
C ARG B 469 -34.90 5.95 -15.45
N ILE B 470 -36.05 5.87 -16.11
CA ILE B 470 -36.40 6.77 -17.20
C ILE B 470 -37.82 7.28 -16.97
N SER B 471 -38.03 8.56 -17.28
CA SER B 471 -39.34 9.18 -17.11
C SER B 471 -39.52 10.23 -18.21
N ASN B 472 -40.66 10.21 -18.87
CA ASN B 472 -40.98 11.21 -19.87
C ASN B 472 -41.49 12.51 -19.27
N ASN B 473 -41.35 12.69 -17.96
CA ASN B 473 -41.65 13.96 -17.31
C ASN B 473 -40.49 14.90 -17.60
N LEU B 474 -40.65 15.74 -18.62
CA LEU B 474 -39.54 16.56 -19.11
C LEU B 474 -39.26 17.77 -18.22
N THR B 475 -39.98 17.94 -17.11
CA THR B 475 -39.64 19.01 -16.17
C THR B 475 -38.43 18.54 -15.35
N PRO B 476 -37.28 19.22 -15.45
CA PRO B 476 -36.07 18.70 -14.78
C PRO B 476 -36.26 18.54 -13.28
N ALA B 477 -35.54 17.58 -12.72
CA ALA B 477 -35.67 17.24 -11.31
C ALA B 477 -34.36 16.64 -10.81
N LYS B 478 -34.20 16.63 -9.50
CA LYS B 478 -33.03 16.03 -8.89
C LYS B 478 -33.03 14.52 -9.10
N ILE B 479 -31.83 13.95 -9.19
CA ILE B 479 -31.67 12.51 -9.34
C ILE B 479 -31.49 11.93 -7.94
N SER B 480 -32.55 11.31 -7.42
CA SER B 480 -32.52 10.79 -6.07
C SER B 480 -31.80 9.45 -6.02
N GLY B 481 -30.98 9.27 -4.98
CA GLY B 481 -30.40 7.98 -4.70
C GLY B 481 -31.34 7.14 -3.85
N LYS B 482 -32.64 7.26 -4.13
CA LYS B 482 -33.71 6.63 -3.36
C LYS B 482 -33.96 5.21 -3.85
N PRO B 483 -33.52 4.18 -3.11
CA PRO B 483 -33.76 2.81 -3.59
C PRO B 483 -35.24 2.48 -3.62
N THR B 484 -35.65 1.78 -4.68
CA THR B 484 -37.03 1.34 -4.81
C THR B 484 -37.34 0.08 -4.01
N GLY B 485 -36.33 -0.56 -3.42
CA GLY B 485 -36.55 -1.81 -2.74
C GLY B 485 -36.91 -2.97 -3.63
N LYS B 486 -36.77 -2.80 -4.95
CA LYS B 486 -37.08 -3.84 -5.92
C LYS B 486 -35.86 -4.09 -6.79
N LYS B 487 -35.47 -5.35 -6.92
CA LYS B 487 -34.32 -5.74 -7.70
C LYS B 487 -34.62 -5.68 -9.19
N ILE B 488 -33.56 -5.64 -10.00
CA ILE B 488 -33.67 -5.70 -11.45
C ILE B 488 -33.42 -7.13 -11.88
N ASP B 489 -33.91 -7.47 -13.09
CA ASP B 489 -33.69 -8.80 -13.65
C ASP B 489 -32.22 -8.96 -14.07
N THR C 15 51.37 22.01 5.75
CA THR C 15 50.42 22.74 6.64
C THR C 15 49.00 22.69 6.11
N ILE C 17 45.89 19.50 4.60
CA ILE C 17 45.48 18.18 4.16
C ILE C 17 44.24 18.35 3.30
N VAL C 18 44.09 17.46 2.31
CA VAL C 18 42.95 17.49 1.39
C VAL C 18 42.36 16.09 1.32
N ILE C 19 41.03 16.01 1.41
CA ILE C 19 40.32 14.75 1.36
C ILE C 19 39.20 14.89 0.33
N PHE C 20 39.18 13.99 -0.66
CA PHE C 20 38.14 13.97 -1.67
C PHE C 20 36.99 13.06 -1.20
N VAL C 21 35.76 13.48 -1.51
CA VAL C 21 34.56 12.72 -1.19
C VAL C 21 33.72 12.60 -2.46
N HIS C 22 33.30 11.39 -2.78
CA HIS C 22 32.60 11.12 -4.03
C HIS C 22 31.09 11.17 -3.84
N GLY C 23 30.35 10.86 -4.90
CA GLY C 23 28.91 10.87 -4.89
C GLY C 23 28.32 9.46 -4.87
N TRP C 24 27.00 9.42 -5.01
CA TRP C 24 26.27 8.16 -4.92
C TRP C 24 26.55 7.28 -6.14
N SER C 25 26.29 6.00 -5.96
CA SER C 25 26.46 5.01 -7.04
C SER C 25 27.86 5.04 -7.62
N VAL C 26 28.84 5.39 -6.80
CA VAL C 26 30.25 5.42 -7.21
C VAL C 26 30.92 4.16 -6.68
N THR C 27 31.54 3.41 -7.58
CA THR C 27 32.20 2.15 -7.22
C THR C 27 33.68 2.14 -7.57
N HIS C 28 34.23 3.26 -8.03
CA HIS C 28 35.63 3.32 -8.42
C HIS C 28 36.15 4.73 -8.12
N THR C 29 37.38 4.79 -7.61
CA THR C 29 37.95 6.06 -7.19
C THR C 29 38.16 7.02 -8.35
N ASN C 30 38.28 6.52 -9.58
CA ASN C 30 38.45 7.39 -10.73
C ASN C 30 37.35 8.43 -10.88
N THR C 31 36.29 8.34 -10.06
CA THR C 31 35.28 9.39 -10.03
C THR C 31 35.91 10.76 -9.87
N TYR C 32 37.05 10.85 -9.19
CA TYR C 32 37.74 12.10 -8.96
C TYR C 32 38.59 12.54 -10.15
N GLY C 33 38.49 11.86 -11.28
CA GLY C 33 39.32 12.22 -12.42
C GLY C 33 40.78 12.17 -12.06
N GLU C 34 41.55 13.14 -12.57
CA GLU C 34 42.97 13.26 -12.26
C GLU C 34 43.25 14.47 -11.36
N LEU C 35 42.22 15.11 -10.83
CA LEU C 35 42.41 16.25 -9.95
C LEU C 35 43.33 15.93 -8.77
N PRO C 36 43.24 14.77 -8.12
CA PRO C 36 44.14 14.52 -6.97
C PRO C 36 45.62 14.62 -7.33
N GLN C 37 46.05 13.95 -8.39
CA GLN C 37 47.43 14.08 -8.83
C GLN C 37 47.76 15.51 -9.23
N TRP C 38 46.76 16.26 -9.71
CA TRP C 38 47.00 17.64 -10.09
C TRP C 38 47.26 18.51 -8.86
N LEU C 39 46.55 18.26 -7.77
CA LEU C 39 46.78 19.03 -6.56
C LEU C 39 48.10 18.65 -5.88
N GLU C 40 48.58 17.43 -6.08
CA GLU C 40 49.90 17.06 -5.57
C GLU C 40 51.00 17.75 -6.37
N ASN C 41 50.82 17.84 -7.69
CA ASN C 41 51.83 18.50 -8.52
C ASN C 41 51.80 20.02 -8.33
N GLN C 42 50.61 20.60 -8.24
CA GLN C 42 50.50 22.03 -8.02
C GLN C 42 51.12 22.42 -6.69
N SER C 43 50.96 21.57 -5.67
CA SER C 43 51.59 21.85 -4.38
C SER C 43 53.11 21.73 -4.47
N LYS C 44 53.59 20.75 -5.23
CA LYS C 44 55.03 20.59 -5.39
C LYS C 44 55.64 21.81 -6.08
N GLN C 45 54.89 22.46 -6.96
CA GLN C 45 55.37 23.64 -7.67
C GLN C 45 55.30 24.91 -6.82
N GLY C 46 54.84 24.82 -5.58
CA GLY C 46 54.77 25.97 -4.70
C GLY C 46 53.46 26.72 -4.71
N LYS C 47 52.46 26.24 -5.44
CA LYS C 47 51.17 26.90 -5.49
C LYS C 47 50.24 26.49 -4.37
N LEU C 48 50.55 25.41 -3.66
CA LEU C 48 49.85 25.02 -2.44
C LEU C 48 50.87 24.45 -1.47
N ASP C 49 50.54 24.48 -0.18
CA ASP C 49 51.45 24.04 0.87
C ASP C 49 51.03 22.68 1.41
N ILE C 50 50.94 21.71 0.51
CA ILE C 50 50.53 20.34 0.85
C ILE C 50 51.76 19.45 0.81
N GLN C 51 52.02 18.76 1.92
CA GLN C 51 53.10 17.79 1.95
C GLN C 51 52.74 16.57 1.11
N VAL C 52 53.77 15.90 0.59
CA VAL C 52 53.55 14.67 -0.17
C VAL C 52 52.95 13.62 0.76
N GLY C 53 51.86 13.00 0.33
CA GLY C 53 51.16 12.04 1.14
C GLY C 53 50.03 12.61 1.98
N ASN C 54 49.71 13.89 1.82
CA ASN C 54 48.62 14.53 2.56
C ASN C 54 47.36 14.67 1.73
N ILE C 55 47.33 14.10 0.52
CA ILE C 55 46.13 14.04 -0.31
C ILE C 55 45.48 12.69 -0.09
N TYR C 56 44.17 12.69 0.20
CA TYR C 56 43.45 11.47 0.52
C TYR C 56 42.24 11.31 -0.38
N LEU C 57 41.97 10.06 -0.75
CA LEU C 57 40.78 9.71 -1.50
C LEU C 57 39.79 9.06 -0.55
N GLY C 58 38.65 9.70 -0.33
CA GLY C 58 37.60 9.14 0.50
C GLY C 58 36.72 8.22 -0.32
N ARG C 59 36.50 7.02 0.20
CA ARG C 59 35.61 6.04 -0.43
C ARG C 59 34.60 5.58 0.61
N TYR C 60 33.33 5.89 0.37
CA TYR C 60 32.23 5.48 1.24
C TYR C 60 31.22 4.68 0.42
N ILE C 61 30.46 3.85 1.12
CA ILE C 61 29.49 2.97 0.48
C ILE C 61 28.15 3.69 0.40
N SER C 62 27.68 3.89 -0.84
CA SER C 62 26.40 4.55 -1.09
C SER C 62 25.38 3.62 -1.76
N PHE C 63 25.77 2.39 -2.08
CA PHE C 63 24.91 1.46 -2.81
C PHE C 63 24.34 0.37 -1.90
N ASP C 64 24.35 0.57 -0.59
CA ASP C 64 23.83 -0.40 0.36
C ASP C 64 22.53 0.13 0.94
N ASP C 65 21.45 -0.64 0.79
CA ASP C 65 20.14 -0.18 1.23
C ASP C 65 20.07 0.01 2.74
N THR C 66 20.87 -0.75 3.49
CA THR C 66 20.85 -0.68 4.94
C THR C 66 21.77 0.41 5.49
N VAL C 67 22.57 1.05 4.65
CA VAL C 67 23.52 2.07 5.08
C VAL C 67 22.88 3.44 4.87
N THR C 68 22.88 4.26 5.91
CA THR C 68 22.25 5.56 5.90
C THR C 68 23.27 6.67 5.72
N VAL C 69 22.77 7.88 5.46
CA VAL C 69 23.64 9.05 5.42
C VAL C 69 24.20 9.34 6.81
N ASP C 70 23.38 9.11 7.84
CA ASP C 70 23.88 9.20 9.21
C ASP C 70 25.00 8.20 9.44
N ASP C 71 24.86 6.98 8.88
CA ASP C 71 25.93 5.99 8.99
C ASP C 71 27.21 6.49 8.33
N ILE C 72 27.09 7.00 7.11
CA ILE C 72 28.26 7.43 6.36
C ILE C 72 28.96 8.58 7.08
N ALA C 73 28.19 9.50 7.65
CA ALA C 73 28.78 10.61 8.39
C ALA C 73 29.54 10.10 9.61
N ARG C 74 28.87 9.29 10.44
CA ARG C 74 29.53 8.66 11.57
C ARG C 74 30.78 7.90 11.15
N ALA C 75 30.77 7.34 9.93
CA ALA C 75 31.93 6.59 9.45
C ALA C 75 33.04 7.52 8.98
N PHE C 76 32.69 8.65 8.35
CA PHE C 76 33.69 9.61 7.94
C PHE C 76 34.56 10.04 9.11
N ASP C 77 33.91 10.36 10.25
CA ASP C 77 34.66 10.75 11.43
C ASP C 77 35.64 9.67 11.84
N GLN C 78 35.21 8.42 11.84
CA GLN C 78 36.10 7.33 12.26
C GLN C 78 37.24 7.14 11.25
N ALA C 79 36.96 7.33 9.96
CA ALA C 79 38.01 7.21 8.96
C ALA C 79 39.04 8.33 9.11
N VAL C 80 38.58 9.54 9.38
CA VAL C 80 39.49 10.66 9.59
C VAL C 80 40.39 10.39 10.78
N ARG C 81 39.79 10.03 11.92
CA ARG C 81 40.58 9.75 13.11
C ARG C 81 41.51 8.55 12.89
N ASP C 82 41.05 7.56 12.14
CA ASP C 82 41.85 6.36 11.93
C ASP C 82 43.14 6.65 11.17
N GLU C 83 43.13 7.67 10.32
CA GLU C 83 44.24 7.90 9.40
C GLU C 83 45.07 9.14 9.71
N ILE C 84 44.48 10.19 10.27
CA ILE C 84 45.20 11.45 10.44
C ILE C 84 44.99 12.05 11.81
N ALA C 85 44.64 11.22 12.81
CA ALA C 85 44.58 11.72 14.17
C ALA C 85 45.91 12.33 14.59
N ASP C 86 47.01 11.73 14.14
CA ASP C 86 48.34 12.28 14.42
C ASP C 86 48.46 13.70 13.89
N LYS C 87 48.21 13.89 12.58
CA LYS C 87 48.44 15.19 11.97
C LYS C 87 47.45 16.24 12.48
N LEU C 88 46.23 15.82 12.83
CA LEU C 88 45.24 16.80 13.28
C LEU C 88 45.63 17.43 14.60
N ARG C 89 46.08 16.61 15.56
CA ARG C 89 46.57 17.15 16.82
C ARG C 89 47.84 17.98 16.63
N ASP C 90 48.59 17.73 15.57
CA ASP C 90 49.76 18.53 15.23
C ASP C 90 49.41 19.86 14.59
N GLY C 91 48.12 20.21 14.54
CA GLY C 91 47.70 21.50 14.02
C GLY C 91 47.83 21.60 12.51
N GLN C 92 47.12 20.74 11.79
CA GLN C 92 47.15 20.73 10.33
C GLN C 92 45.83 21.13 9.71
N ARG C 93 44.72 20.50 10.14
CA ARG C 93 43.40 20.79 9.58
C ARG C 93 43.34 20.41 8.10
N PHE C 94 42.19 19.95 7.63
CA PHE C 94 42.06 19.43 6.28
C PHE C 94 40.98 20.18 5.51
N ALA C 95 41.11 20.11 4.19
CA ALA C 95 40.14 20.71 3.26
C ALA C 95 39.44 19.60 2.50
N CYS C 96 38.12 19.62 2.50
CA CYS C 96 37.32 18.59 1.83
C CYS C 96 36.83 19.11 0.49
N ILE C 97 37.15 18.38 -0.58
CA ILE C 97 36.59 18.61 -1.90
C ILE C 97 35.57 17.52 -2.14
N THR C 98 34.29 17.89 -2.18
CA THR C 98 33.20 16.94 -2.31
C THR C 98 32.58 17.03 -3.71
N HIS C 99 31.94 15.94 -4.12
CA HIS C 99 31.20 15.89 -5.36
C HIS C 99 29.88 15.17 -5.11
N SER C 100 28.79 15.77 -5.56
CA SER C 100 27.46 15.17 -5.49
C SER C 100 27.13 14.92 -4.02
N THR C 101 26.63 13.74 -3.65
CA THR C 101 26.14 13.52 -2.28
C THR C 101 27.26 13.65 -1.24
N GLY C 102 28.51 13.56 -1.65
CA GLY C 102 29.60 13.76 -0.71
C GLY C 102 29.54 15.10 -0.01
N GLY C 103 28.96 16.10 -0.66
CA GLY C 103 28.79 17.39 -0.06
C GLY C 103 27.88 17.33 1.15
N PRO C 104 26.63 16.92 0.94
CA PRO C 104 25.72 16.73 2.08
C PRO C 104 26.31 15.87 3.19
N ILE C 105 27.11 14.86 2.84
CA ILE C 105 27.69 13.98 3.85
C ILE C 105 28.58 14.79 4.81
N VAL C 106 29.54 15.52 4.25
CA VAL C 106 30.40 16.35 5.09
C VAL C 106 29.58 17.36 5.86
N ARG C 107 28.53 17.90 5.22
CA ARG C 107 27.66 18.85 5.92
C ARG C 107 26.98 18.19 7.12
N LYS C 108 26.62 16.91 6.98
CA LYS C 108 26.03 16.19 8.11
C LYS C 108 27.07 15.92 9.18
N TRP C 109 28.22 15.38 8.78
CA TRP C 109 29.32 15.20 9.73
C TRP C 109 29.61 16.49 10.48
N ASP C 111 27.64 18.77 11.15
CA ASP C 111 26.54 19.01 12.08
C ASP C 111 26.54 18.04 13.26
N LEU C 112 27.17 16.86 13.11
CA LEU C 112 27.15 15.87 14.18
C LEU C 112 28.17 16.15 15.26
N TYR C 113 29.32 16.74 14.91
CA TYR C 113 30.45 16.84 15.82
C TYR C 113 30.88 18.25 16.14
N PHE C 114 30.47 19.25 15.37
CA PHE C 114 30.94 20.61 15.59
C PHE C 114 29.83 21.64 15.34
N LYS C 115 28.59 21.29 15.67
CA LYS C 115 27.49 22.23 15.48
C LYS C 115 27.69 23.48 16.34
N ASN C 116 27.92 23.29 17.63
CA ASN C 116 27.98 24.41 18.56
C ASN C 116 29.34 25.10 18.59
N ASN C 117 30.35 24.61 17.88
CA ASN C 117 31.69 25.17 17.96
C ASN C 117 32.47 24.88 16.69
N LEU C 118 32.26 25.69 15.66
CA LEU C 118 32.98 25.50 14.41
C LEU C 118 34.41 26.00 14.47
N ALA C 119 34.80 26.69 15.55
CA ALA C 119 36.19 27.11 15.69
C ALA C 119 37.12 25.94 16.01
N LYS C 120 36.56 24.81 16.48
CA LYS C 120 37.36 23.66 16.87
C LYS C 120 37.21 22.50 15.89
N CYS C 121 36.67 22.75 14.70
CA CYS C 121 36.51 21.70 13.69
C CYS C 121 37.79 21.59 12.86
N PRO C 122 38.30 20.39 12.61
CA PRO C 122 39.53 20.27 11.82
C PRO C 122 39.36 20.67 10.36
N LEU C 123 38.14 20.94 9.91
CA LEU C 123 37.89 21.34 8.54
C LEU C 123 38.15 22.82 8.37
N SER C 124 39.00 23.17 7.41
CA SER C 124 39.30 24.56 7.09
C SER C 124 38.64 25.03 5.80
N HIS C 125 38.52 24.16 4.80
CA HIS C 125 37.84 24.46 3.55
C HIS C 125 36.87 23.35 3.21
N LEU C 126 35.75 23.74 2.59
CA LEU C 126 34.80 22.79 2.02
C LEU C 126 34.40 23.29 0.64
N ILE C 127 34.90 22.62 -0.40
CA ILE C 127 34.57 22.96 -1.78
C ILE C 127 33.64 21.86 -2.30
N LEU C 129 31.23 20.21 -5.17
CA LEU C 129 31.02 20.09 -6.61
C LEU C 129 29.64 19.50 -6.87
N ALA C 130 28.72 20.33 -7.34
CA ALA C 130 27.38 19.92 -7.71
C ALA C 130 26.70 19.09 -6.62
N PRO C 131 26.72 19.54 -5.36
CA PRO C 131 25.96 18.83 -4.32
C PRO C 131 24.47 19.09 -4.47
N ALA C 132 23.68 18.04 -4.37
CA ALA C 132 22.23 18.19 -4.29
C ALA C 132 21.83 18.53 -2.85
N ASN C 133 22.34 19.68 -2.40
CA ASN C 133 22.13 20.11 -1.02
C ASN C 133 20.65 20.23 -0.68
N HIS C 134 19.81 20.53 -1.66
CA HIS C 134 18.37 20.64 -1.46
C HIS C 134 17.61 19.47 -2.08
N GLY C 135 18.32 18.47 -2.58
CA GLY C 135 17.70 17.29 -3.15
C GLY C 135 17.92 17.20 -4.65
N SER C 136 17.64 16.01 -5.17
CA SER C 136 17.70 15.74 -6.59
C SER C 136 16.36 15.18 -7.06
N ALA C 137 15.84 15.72 -8.16
CA ALA C 137 14.58 15.24 -8.70
C ALA C 137 14.68 13.79 -9.16
N LEU C 138 15.89 13.28 -9.38
CA LEU C 138 16.04 11.92 -9.87
C LEU C 138 15.76 10.89 -8.78
N ALA C 139 16.04 11.22 -7.52
CA ALA C 139 15.94 10.23 -6.46
C ALA C 139 14.57 9.57 -6.43
N GLN C 140 13.51 10.36 -6.65
CA GLN C 140 12.16 9.82 -6.59
C GLN C 140 11.96 8.69 -7.60
N LEU C 141 12.72 8.70 -8.70
CA LEU C 141 12.54 7.69 -9.75
C LEU C 141 12.64 6.27 -9.21
N GLY C 142 13.28 6.08 -8.07
CA GLY C 142 13.42 4.78 -7.46
C GLY C 142 14.80 4.19 -7.64
N LYS C 143 15.07 3.13 -6.87
CA LYS C 143 16.36 2.47 -6.94
C LYS C 143 16.55 1.75 -8.26
N SER C 144 15.55 1.00 -8.70
CA SER C 144 15.67 0.24 -9.94
C SER C 144 15.78 1.17 -11.14
N ARG C 145 14.87 2.14 -11.26
CA ARG C 145 14.84 2.99 -12.44
C ARG C 145 16.13 3.80 -12.58
N LEU C 146 16.68 4.26 -11.46
CA LEU C 146 17.90 5.07 -11.54
C LEU C 146 19.09 4.23 -11.97
N GLY C 147 19.21 3.01 -11.45
CA GLY C 147 20.31 2.14 -11.81
C GLY C 147 20.37 1.78 -13.27
N ARG C 148 19.32 2.04 -14.04
CA ARG C 148 19.31 1.76 -15.47
C ARG C 148 19.74 2.94 -16.31
N ILE C 149 20.09 4.06 -15.70
CA ILE C 149 20.62 5.21 -16.43
C ILE C 149 22.06 4.90 -16.81
N LYS C 150 22.31 4.77 -18.12
CA LYS C 150 23.57 4.26 -18.66
C LYS C 150 24.81 4.83 -17.97
N SER C 151 24.77 6.11 -17.60
CA SER C 151 25.94 6.71 -16.96
C SER C 151 26.27 5.99 -15.66
N PHE C 152 25.26 5.77 -14.81
CA PHE C 152 25.43 5.03 -13.57
C PHE C 152 25.07 3.56 -13.70
N PHE C 153 24.56 3.14 -14.86
CA PHE C 153 24.08 1.80 -15.17
C PHE C 153 24.45 0.70 -14.18
N GLU C 154 23.45 -0.10 -13.80
CA GLU C 154 23.66 -1.43 -13.26
C GLU C 154 22.34 -2.19 -13.22
N GLY C 155 21.25 -1.48 -12.92
CA GLY C 155 19.96 -2.11 -12.71
C GLY C 155 19.73 -2.29 -11.22
N ILE C 156 19.10 -1.29 -10.59
CA ILE C 156 19.02 -1.22 -9.13
C ILE C 156 20.44 -0.98 -8.61
N GLU C 157 20.71 0.21 -8.07
CA GLU C 157 22.04 0.53 -7.58
C GLU C 157 22.03 1.22 -6.22
N PRO C 158 21.56 2.46 -6.12
CA PRO C 158 21.83 3.24 -4.91
C PRO C 158 20.97 2.81 -3.73
N GLY C 159 21.53 2.97 -2.54
CA GLY C 159 20.80 2.64 -1.33
C GLY C 159 19.52 3.44 -1.24
N LYS C 160 18.45 2.78 -0.77
CA LYS C 160 17.16 3.47 -0.68
C LYS C 160 17.17 4.56 0.37
N CYS C 161 17.95 4.38 1.45
CA CYS C 161 18.09 5.44 2.43
C CYS C 161 18.85 6.63 1.87
N VAL C 162 19.75 6.39 0.91
CA VAL C 162 20.37 7.50 0.19
C VAL C 162 19.33 8.26 -0.62
N LEU C 163 18.47 7.52 -1.32
CA LEU C 163 17.38 8.16 -2.07
C LEU C 163 16.45 8.91 -1.14
N ASP C 164 16.15 8.34 0.03
CA ASP C 164 15.28 9.01 0.99
C ASP C 164 15.84 10.38 1.36
N TRP C 165 17.17 10.45 1.55
CA TRP C 165 17.77 11.73 1.87
C TRP C 165 17.76 12.67 0.67
N LEU C 166 17.90 12.13 -0.54
CA LEU C 166 18.11 12.96 -1.71
C LEU C 166 16.86 13.15 -2.56
N GLU C 167 15.71 12.63 -2.13
CA GLU C 167 14.45 12.97 -2.76
C GLU C 167 14.04 14.38 -2.35
N LEU C 168 13.57 15.16 -3.32
CA LEU C 168 13.23 16.55 -3.05
C LEU C 168 12.23 16.62 -1.90
N GLY C 169 12.50 17.53 -0.96
CA GLY C 169 11.59 17.78 0.14
C GLY C 169 11.60 16.75 1.24
N SER C 170 12.66 15.94 1.33
CA SER C 170 12.73 14.93 2.36
C SER C 170 12.88 15.55 3.74
N ASP C 171 12.43 14.83 4.75
CA ASP C 171 12.47 15.35 6.12
C ASP C 171 13.91 15.59 6.57
N SER C 173 17.00 16.08 4.88
CA SER C 173 17.66 17.24 4.29
C SER C 173 17.03 18.53 4.77
N TRP C 174 15.72 18.53 5.01
CA TRP C 174 15.07 19.68 5.61
C TRP C 174 15.61 19.94 7.01
N GLN C 175 15.75 18.89 7.81
CA GLN C 175 16.24 19.05 9.18
C GLN C 175 17.68 19.53 9.19
N LEU C 176 18.55 18.88 8.42
CA LEU C 176 19.95 19.30 8.38
C LEU C 176 20.07 20.76 8.01
N ASN C 177 19.25 21.23 7.08
CA ASN C 177 19.42 22.56 6.52
C ASN C 177 18.69 23.64 7.32
N GLU C 178 17.69 23.28 8.13
CA GLU C 178 17.20 24.22 9.13
C GLU C 178 18.29 24.50 10.16
N SER C 179 19.02 23.45 10.57
CA SER C 179 20.14 23.63 11.47
C SER C 179 21.19 24.56 10.88
N TRP C 180 21.24 24.68 9.55
CA TRP C 180 22.28 25.44 8.89
C TRP C 180 21.96 26.91 8.74
N LEU C 181 20.75 27.34 9.10
CA LEU C 181 20.47 28.76 9.20
C LEU C 181 21.15 29.38 10.42
N ASP C 182 21.65 28.57 11.34
CA ASP C 182 22.38 29.04 12.51
C ASP C 182 23.89 29.07 12.28
N TYR C 183 24.37 28.63 11.13
CA TYR C 183 25.80 28.50 10.89
C TYR C 183 26.41 29.82 10.44
N ASP C 184 27.72 29.91 10.57
CA ASP C 184 28.51 31.00 10.01
C ASP C 184 29.96 30.55 9.94
N CYS C 185 30.27 29.70 8.96
CA CYS C 185 31.60 29.07 8.90
C CYS C 185 32.71 30.11 8.78
N THR C 186 32.49 31.15 7.97
CA THR C 186 33.57 32.10 7.71
C THR C 186 34.02 32.79 9.00
N ALA C 187 33.07 33.27 9.80
CA ALA C 187 33.43 33.92 11.05
C ALA C 187 34.17 32.98 12.00
N ASN C 188 34.09 31.67 11.77
CA ASN C 188 34.79 30.68 12.59
C ASN C 188 36.01 30.11 11.89
N GLY C 189 36.53 30.80 10.87
CA GLY C 189 37.74 30.38 10.19
C GLY C 189 37.55 29.25 9.20
N VAL C 190 36.32 28.95 8.81
CA VAL C 190 36.03 27.88 7.85
C VAL C 190 35.47 28.53 6.59
N TYR C 191 36.05 28.19 5.45
CA TYR C 191 35.70 28.82 4.17
C TYR C 191 35.00 27.78 3.30
N SER C 192 33.72 28.00 3.04
CA SER C 192 32.86 27.07 2.33
C SER C 192 32.60 27.56 0.91
N PHE C 193 32.38 26.61 -0.01
CA PHE C 193 32.22 26.93 -1.42
C PHE C 193 31.29 25.93 -2.09
N VAL C 194 30.48 26.43 -3.04
CA VAL C 194 29.68 25.60 -3.91
C VAL C 194 30.06 25.94 -5.35
N LEU C 195 30.47 24.93 -6.12
CA LEU C 195 30.77 25.08 -7.53
C LEU C 195 29.99 24.03 -8.30
N THR C 196 29.22 24.47 -9.30
CA THR C 196 28.40 23.56 -10.10
C THR C 196 28.37 24.05 -11.54
N GLY C 197 27.69 23.28 -12.38
CA GLY C 197 27.47 23.66 -13.76
C GLY C 197 26.02 23.44 -14.16
N GLN C 198 25.72 23.79 -15.41
CA GLN C 198 24.37 23.62 -15.94
C GLN C 198 24.40 23.10 -17.37
N LYS C 199 25.37 22.24 -17.69
CA LYS C 199 25.51 21.68 -19.03
C LYS C 199 24.96 20.26 -19.05
N ILE C 200 24.17 19.97 -20.08
CA ILE C 200 23.64 18.63 -20.30
C ILE C 200 24.63 17.85 -21.15
N ASP C 201 25.10 16.71 -20.64
CA ASP C 201 25.79 15.73 -21.47
C ASP C 201 24.72 14.97 -22.25
N ARG C 202 24.60 15.27 -23.53
CA ARG C 202 23.40 14.90 -24.29
C ARG C 202 23.38 13.46 -24.76
N GLN C 203 24.51 12.74 -24.70
CA GLN C 203 24.45 11.31 -24.95
C GLN C 203 23.70 10.60 -23.83
N PHE C 204 23.96 10.99 -22.58
CA PHE C 204 23.36 10.34 -21.42
C PHE C 204 21.88 10.68 -21.24
N TYR C 205 21.28 11.42 -22.16
CA TYR C 205 19.86 11.74 -22.06
C TYR C 205 19.03 10.47 -22.09
N ASP C 206 18.19 10.30 -21.07
CA ASP C 206 17.24 9.19 -21.02
C ASP C 206 15.92 9.69 -21.60
N ALA C 207 15.43 9.02 -22.63
CA ALA C 207 14.23 9.48 -23.31
C ALA C 207 12.96 9.24 -22.49
N VAL C 208 12.99 8.32 -21.53
CA VAL C 208 11.83 8.04 -20.70
C VAL C 208 11.90 8.74 -19.35
N ASN C 209 12.89 9.61 -19.14
CA ASN C 209 13.02 10.36 -17.90
C ASN C 209 13.60 11.72 -18.26
N SER C 210 12.72 12.73 -18.38
CA SER C 210 13.12 14.01 -18.97
C SER C 210 14.04 14.83 -18.07
N TYR C 211 14.01 14.58 -16.76
CA TYR C 211 14.93 15.30 -15.87
C TYR C 211 16.37 15.20 -16.36
N THR C 212 16.71 14.11 -17.06
CA THR C 212 18.06 13.91 -17.57
C THR C 212 18.55 15.05 -18.46
N GLY C 213 17.67 15.93 -18.90
CA GLY C 213 18.07 17.09 -19.68
C GLY C 213 17.42 18.36 -19.19
N GLU C 214 16.93 18.36 -17.96
CA GLU C 214 16.15 19.49 -17.46
C GLU C 214 16.97 20.77 -17.45
N SER C 215 16.42 21.82 -18.04
CA SER C 215 17.07 23.13 -17.96
C SER C 215 17.15 23.59 -16.51
N GLY C 216 18.23 24.27 -16.18
CA GLY C 216 18.50 24.60 -14.80
C GLY C 216 19.15 23.50 -14.02
N SER C 217 19.75 22.52 -14.70
CA SER C 217 20.38 21.38 -14.06
C SER C 217 21.63 20.99 -14.83
N ASN C 218 22.44 20.13 -14.22
CA ASN C 218 23.60 19.53 -14.85
C ASN C 218 23.34 18.08 -15.25
N GLY C 219 22.07 17.71 -15.44
CA GLY C 219 21.68 16.36 -15.73
C GLY C 219 21.23 15.55 -14.54
N VAL C 220 21.58 15.99 -13.33
CA VAL C 220 21.25 15.27 -12.10
C VAL C 220 20.78 16.24 -11.03
N VAL C 221 21.53 17.32 -10.82
CA VAL C 221 21.23 18.30 -9.78
C VAL C 221 20.81 19.60 -10.46
N ARG C 222 19.84 20.28 -9.85
CA ARG C 222 19.41 21.59 -10.31
C ARG C 222 20.29 22.66 -9.68
N VAL C 223 20.57 23.72 -10.44
CA VAL C 223 21.50 24.74 -9.97
C VAL C 223 21.04 25.31 -8.64
N ALA C 224 19.74 25.58 -8.50
CA ALA C 224 19.20 26.11 -7.25
C ALA C 224 19.28 25.10 -6.11
N ALA C 225 19.52 23.83 -6.41
CA ALA C 225 19.60 22.81 -5.36
C ALA C 225 20.98 22.71 -4.74
N THR C 226 22.02 23.20 -5.42
CA THR C 226 23.38 23.17 -4.89
C THR C 226 23.71 24.40 -4.05
N ASN C 227 22.96 25.48 -4.21
CA ASN C 227 23.29 26.72 -3.54
C ASN C 227 23.04 26.62 -2.04
N ASN C 229 22.86 29.45 -0.33
CA ASN C 229 22.28 30.77 -0.08
C ASN C 229 20.78 30.65 -0.29
N TYR C 230 20.05 30.37 0.79
CA TYR C 230 18.61 30.18 0.74
C TYR C 230 17.98 30.83 1.96
N SER C 231 16.66 30.95 1.92
CA SER C 231 15.88 31.53 3.01
C SER C 231 14.84 30.53 3.47
N LEU C 232 14.59 30.50 4.78
CA LEU C 232 13.51 29.72 5.36
C LEU C 232 12.43 30.69 5.79
N LEU C 233 11.42 30.85 4.94
CA LEU C 233 10.31 31.75 5.20
C LEU C 233 9.22 30.98 5.93
N LYS C 234 8.80 31.50 7.10
CA LYS C 234 7.78 30.88 7.91
C LYS C 234 6.54 31.77 7.90
N LEU C 235 5.40 31.22 7.48
CA LEU C 235 4.12 31.93 7.46
C LEU C 235 3.18 31.29 8.45
N HIS C 236 2.88 32.01 9.52
CA HIS C 236 1.98 31.53 10.57
C HIS C 236 0.64 32.23 10.41
N GLN C 237 -0.41 31.46 10.12
CA GLN C 237 -1.76 31.99 10.00
C GLN C 237 -2.29 32.26 11.41
N GLU C 238 -2.51 33.53 11.74
CA GLU C 238 -3.08 33.91 13.01
C GLU C 238 -4.53 34.32 12.82
N GLY C 239 -5.19 34.67 13.91
CA GLY C 239 -6.59 35.04 13.86
C GLY C 239 -7.33 34.73 15.15
N GLY C 242 -12.09 35.21 13.42
CA GLY C 242 -12.79 35.50 12.18
C GLY C 242 -11.87 35.92 11.06
N GLU C 243 -10.92 36.82 11.36
CA GLU C 243 -10.02 37.37 10.35
C GLU C 243 -8.61 37.52 10.91
N SER C 244 -7.96 38.66 10.66
CA SER C 244 -6.62 38.99 11.18
C SER C 244 -5.53 38.30 10.35
N LEU C 245 -5.40 36.99 10.48
CA LEU C 245 -4.66 36.17 9.51
C LEU C 245 -3.14 36.25 9.63
N VAL C 246 -2.45 36.51 8.51
CA VAL C 246 -1.10 36.01 8.29
C VAL C 246 -0.05 36.80 9.07
N VAL C 247 1.01 36.09 9.46
CA VAL C 247 2.22 36.67 10.01
C VAL C 247 3.41 35.96 9.37
N ALA C 248 4.43 36.73 8.99
CA ALA C 248 5.55 36.22 8.23
C ALA C 248 6.85 36.38 9.02
N LYS C 249 7.77 35.44 8.80
CA LYS C 249 9.03 35.41 9.54
C LYS C 249 10.07 34.73 8.67
N THR C 251 14.15 33.91 7.82
CA THR C 251 15.55 33.82 8.20
C THR C 251 16.36 33.33 7.00
N ARG C 252 17.63 33.70 6.97
CA ARG C 252 18.49 33.42 5.81
C ARG C 252 19.89 33.06 6.27
N THR C 253 20.50 32.09 5.58
CA THR C 253 21.83 31.65 5.93
C THR C 253 22.86 32.76 5.69
N GLN C 254 24.02 32.62 6.32
CA GLN C 254 25.12 33.53 6.07
C GLN C 254 25.60 33.38 4.63
N PRO C 255 26.24 34.42 4.09
CA PRO C 255 26.71 34.33 2.71
C PRO C 255 27.66 33.16 2.50
N ALA C 257 30.12 31.17 -0.84
CA ALA C 257 30.64 31.26 -2.21
C ALA C 257 29.86 30.30 -3.10
N PHE C 258 29.25 30.84 -4.16
CA PHE C 258 28.46 30.06 -5.10
C PHE C 258 28.91 30.41 -6.51
N GLY C 259 29.38 29.41 -7.25
CA GLY C 259 29.84 29.61 -8.60
C GLY C 259 29.26 28.62 -9.59
N VAL C 260 28.77 29.13 -10.72
CA VAL C 260 28.24 28.31 -11.79
C VAL C 260 29.29 28.30 -12.91
N LEU C 261 30.00 27.19 -13.05
CA LEU C 261 31.11 27.10 -13.99
C LEU C 261 30.61 26.85 -15.41
N PRO C 262 31.44 27.15 -16.41
CA PRO C 262 31.00 26.99 -17.81
C PRO C 262 31.19 25.59 -18.38
N GLY C 263 30.15 25.09 -19.05
CA GLY C 263 30.24 23.88 -19.84
C GLY C 263 30.64 22.62 -19.10
N LEU C 264 30.01 22.36 -17.96
CA LEU C 264 30.32 21.19 -17.16
C LEU C 264 29.02 20.52 -16.73
N SER C 265 28.96 19.20 -16.87
CA SER C 265 27.80 18.43 -16.48
C SER C 265 28.04 17.80 -15.11
N HIS C 266 27.23 16.80 -14.76
CA HIS C 266 27.37 16.14 -13.47
C HIS C 266 28.55 15.17 -13.47
N SER C 267 28.59 14.27 -14.44
CA SER C 267 29.61 13.23 -14.49
C SER C 267 30.02 13.01 -15.95
N GLY C 268 30.81 11.98 -16.19
CA GLY C 268 31.26 11.66 -17.52
C GLY C 268 32.64 12.19 -17.85
N LYS C 269 33.44 11.39 -18.55
CA LYS C 269 34.79 11.82 -18.90
C LYS C 269 34.79 13.03 -19.84
N ASN C 270 33.72 13.22 -20.60
CA ASN C 270 33.70 14.33 -21.55
C ASN C 270 33.67 15.67 -20.84
N ILE C 271 32.63 15.92 -20.05
CA ILE C 271 32.43 17.22 -19.43
C ILE C 271 31.95 17.09 -17.99
N GLY C 272 32.32 16.00 -17.34
CA GLY C 272 32.04 15.85 -15.92
C GLY C 272 32.77 16.91 -15.11
N ILE C 273 32.06 17.56 -14.19
CA ILE C 273 32.62 18.72 -13.50
C ILE C 273 33.97 18.38 -12.88
N ILE C 274 34.13 17.16 -12.39
CA ILE C 274 35.40 16.70 -11.85
C ILE C 274 35.89 15.48 -12.62
N ARG C 275 34.95 14.71 -13.19
CA ARG C 275 35.33 13.46 -13.83
C ARG C 275 36.13 13.70 -15.11
N SER C 276 35.90 14.82 -15.78
CA SER C 276 36.57 15.12 -17.04
C SER C 276 37.88 15.86 -16.85
N ILE C 277 38.38 15.98 -15.62
CA ILE C 277 39.62 16.69 -15.35
C ILE C 277 40.79 15.75 -15.61
N THR C 278 41.73 16.20 -16.43
CA THR C 278 42.92 15.42 -16.78
C THR C 278 44.18 16.23 -16.47
N ALA C 280 46.36 17.05 -18.52
CA ALA C 280 46.67 17.94 -19.63
C ALA C 280 45.68 19.08 -19.79
N ASN C 281 44.43 18.91 -19.37
CA ASN C 281 43.42 19.95 -19.52
C ASN C 281 43.09 20.66 -18.21
N ALA C 282 43.79 20.34 -17.12
CA ALA C 282 43.47 20.93 -15.84
C ALA C 282 43.69 22.44 -15.83
N ALA C 283 44.77 22.90 -16.48
CA ALA C 283 45.07 24.33 -16.49
C ALA C 283 43.91 25.14 -17.04
N THR C 284 43.18 24.60 -18.02
CA THR C 284 42.06 25.29 -18.63
C THR C 284 40.71 24.79 -18.11
N HIS C 285 40.71 23.77 -17.26
CA HIS C 285 39.45 23.25 -16.73
C HIS C 285 38.90 24.23 -15.70
N PRO C 286 37.71 24.78 -15.90
CA PRO C 286 37.17 25.74 -14.92
C PRO C 286 37.16 25.20 -13.50
N THR C 287 36.97 23.90 -13.33
CA THR C 287 36.95 23.33 -11.98
C THR C 287 38.34 23.41 -11.34
N ALA C 288 39.34 22.80 -11.96
CA ALA C 288 40.69 22.85 -11.42
C ALA C 288 41.12 24.29 -11.13
N ILE C 289 40.74 25.22 -12.00
CA ILE C 289 41.13 26.61 -11.81
C ILE C 289 40.60 27.13 -10.48
N TRP C 290 39.28 27.01 -10.26
CA TRP C 290 38.66 27.59 -9.09
C TRP C 290 38.81 26.73 -7.84
N ILE C 291 39.10 25.43 -8.00
CA ILE C 291 39.46 24.62 -6.84
C ILE C 291 40.76 25.16 -6.23
N LEU C 292 41.73 25.50 -7.09
CA LEU C 292 42.99 26.05 -6.60
C LEU C 292 42.77 27.40 -5.93
N ARG C 293 41.94 28.25 -6.52
CA ARG C 293 41.64 29.53 -5.90
C ARG C 293 40.96 29.35 -4.55
N CYS C 294 39.99 28.45 -4.48
CA CYS C 294 39.30 28.20 -3.22
C CYS C 294 40.28 27.75 -2.13
N LEU C 295 41.20 26.85 -2.47
CA LEU C 295 42.16 26.39 -1.49
C LEU C 295 43.10 27.51 -1.05
N GLN C 296 43.36 28.48 -1.92
CA GLN C 296 44.28 29.56 -1.60
C GLN C 296 43.66 30.64 -0.73
N VAL C 297 42.37 30.58 -0.46
CA VAL C 297 41.72 31.55 0.41
C VAL C 297 42.18 31.31 1.84
N LYS C 298 42.53 32.40 2.54
CA LYS C 298 43.03 32.26 3.90
C LYS C 298 42.55 33.37 4.84
N SER C 299 41.50 34.11 4.46
CA SER C 299 41.05 35.21 5.30
C SER C 299 39.68 35.68 4.81
N ARG C 300 39.07 36.54 5.63
CA ARG C 300 37.78 37.13 5.27
CA ARG C 300 37.78 37.13 5.27
C ARG C 300 37.85 37.80 3.90
N ASP C 301 38.96 38.48 3.60
CA ASP C 301 39.05 39.23 2.35
C ASP C 301 39.15 38.28 1.15
N SER C 302 40.07 37.33 1.22
CA SER C 302 40.20 36.36 0.13
C SER C 302 38.87 35.69 -0.17
N TYR C 303 38.08 35.41 0.87
CA TYR C 303 36.80 34.76 0.68
C TYR C 303 35.79 35.68 0.00
N ASN C 304 35.77 36.95 0.38
CA ASN C 304 34.79 37.86 -0.18
C ASN C 304 35.11 38.22 -1.62
N LYS C 305 36.39 38.41 -1.94
CA LYS C 305 36.75 38.66 -3.33
C LYS C 305 36.52 37.43 -4.19
N LEU C 306 36.87 36.24 -3.66
CA LEU C 306 36.51 35.00 -4.34
C LEU C 306 35.01 34.94 -4.58
N VAL C 307 34.22 35.34 -3.58
CA VAL C 307 32.76 35.25 -3.69
C VAL C 307 32.26 36.05 -4.89
N LYS C 308 32.69 37.31 -5.00
CA LYS C 308 32.18 38.16 -6.07
C LYS C 308 32.68 37.70 -7.43
N GLU C 309 33.92 37.23 -7.51
CA GLU C 309 34.43 36.72 -8.79
C GLU C 309 33.60 35.54 -9.26
N LEU C 310 33.20 34.66 -8.34
CA LEU C 310 32.28 33.58 -8.72
C LEU C 310 30.95 34.14 -9.21
N ASP C 311 30.51 35.26 -8.63
CA ASP C 311 29.27 35.88 -9.09
C ASP C 311 29.40 36.35 -10.54
N ASN C 312 30.54 36.94 -10.88
CA ASN C 312 30.76 37.34 -12.27
C ASN C 312 30.80 36.13 -13.19
N ILE C 313 31.50 35.08 -12.77
CA ILE C 313 31.56 33.86 -13.58
C ILE C 313 30.17 33.25 -13.74
N THR C 314 29.33 33.38 -12.71
CA THR C 314 27.99 32.82 -12.80
C THR C 314 27.15 33.57 -13.84
N LYS C 315 27.19 34.90 -13.82
CA LYS C 315 26.44 35.68 -14.79
C LYS C 315 27.01 35.53 -16.19
N GLU C 316 28.34 35.47 -16.30
CA GLU C 316 28.97 35.25 -17.61
C GLU C 316 28.57 33.89 -18.17
N THR C 317 28.64 32.84 -17.34
CA THR C 317 28.29 31.51 -17.80
C THR C 317 26.83 31.44 -18.25
N GLN C 318 25.92 31.94 -17.41
CA GLN C 318 24.49 31.81 -17.69
C GLN C 318 24.04 32.70 -18.85
N LYS C 319 24.81 33.75 -19.18
CA LYS C 319 24.47 34.55 -20.35
C LYS C 319 24.93 33.88 -21.63
N ASN C 320 26.09 33.21 -21.60
CA ASN C 320 26.59 32.51 -22.78
C ASN C 320 25.86 31.19 -23.01
N GLU C 321 25.34 30.58 -21.94
CA GLU C 321 24.63 29.30 -22.03
C GLU C 321 23.11 29.49 -22.07
N HIS C 322 22.65 30.71 -22.36
CA HIS C 322 21.21 30.93 -22.47
C HIS C 322 20.62 30.18 -23.65
N LYS C 323 21.31 30.19 -24.78
CA LYS C 323 20.87 29.52 -25.99
C LYS C 323 21.95 28.55 -26.47
N GLU C 324 21.53 27.36 -26.85
CA GLU C 324 22.43 26.39 -27.47
C GLU C 324 21.68 25.70 -28.61
N PHE C 325 22.31 25.67 -29.77
CA PHE C 325 21.74 25.08 -30.97
C PHE C 325 22.48 23.79 -31.26
N VAL C 326 21.79 22.65 -31.16
CA VAL C 326 22.36 21.35 -31.46
C VAL C 326 22.04 21.01 -32.91
N LYS C 327 23.00 20.39 -33.59
CA LYS C 327 22.91 20.15 -35.03
C LYS C 327 23.14 18.68 -35.32
N THR C 328 22.29 18.13 -36.20
CA THR C 328 22.43 16.76 -36.65
C THR C 328 21.91 16.67 -38.07
N LEU C 329 22.47 15.75 -38.85
CA LEU C 329 21.99 15.54 -40.21
C LEU C 329 20.54 15.07 -40.25
N VAL C 330 19.93 14.79 -39.11
CA VAL C 330 18.54 14.39 -39.06
C VAL C 330 17.63 15.49 -38.52
N PHE C 331 18.16 16.44 -37.75
CA PHE C 331 17.34 17.49 -37.16
C PHE C 331 18.23 18.63 -36.70
N THR C 332 17.61 19.79 -36.51
CA THR C 332 18.25 20.95 -35.91
C THR C 332 17.34 21.47 -34.80
N ARG C 333 17.88 21.59 -33.59
CA ARG C 333 17.09 21.95 -32.42
C ARG C 333 17.74 23.10 -31.68
N GLU C 334 16.94 23.75 -30.84
CA GLU C 334 17.37 24.90 -30.03
C GLU C 334 17.06 24.60 -28.57
N TYR C 335 18.05 24.81 -27.70
CA TYR C 335 17.90 24.59 -26.27
C TYR C 335 18.03 25.92 -25.56
N ILE C 336 16.99 26.29 -24.82
CA ILE C 336 16.96 27.52 -24.04
C ILE C 336 17.07 27.15 -22.57
N THR C 337 18.07 27.70 -21.89
CA THR C 337 18.28 27.49 -20.47
C THR C 337 18.31 28.86 -19.79
N ASN C 338 17.37 29.08 -18.88
CA ASN C 338 17.28 30.31 -18.12
C ASN C 338 17.85 30.08 -16.72
N ARG C 339 17.42 30.91 -15.77
CA ARG C 339 17.75 30.75 -14.36
C ARG C 339 16.48 30.47 -13.59
N TYR C 340 16.54 29.51 -12.67
CA TYR C 340 15.34 28.91 -12.10
C TYR C 340 15.37 28.98 -10.58
N SER C 341 14.17 28.94 -9.99
CA SER C 341 13.98 29.08 -8.56
C SER C 341 13.19 27.90 -8.04
N ILE C 343 10.99 26.37 -4.69
CA ILE C 343 10.32 26.53 -3.40
C ILE C 343 10.04 25.13 -2.86
N ILE C 344 10.27 24.95 -1.56
CA ILE C 344 10.00 23.71 -0.87
C ILE C 344 9.02 24.03 0.25
N PHE C 345 7.81 23.49 0.16
CA PHE C 345 6.74 23.83 1.08
C PHE C 345 6.61 22.78 2.18
N ARG C 346 6.42 23.26 3.41
CA ARG C 346 6.13 22.42 4.57
C ARG C 346 4.86 22.95 5.21
N LEU C 347 3.89 22.09 5.44
CA LEU C 347 2.57 22.50 5.90
C LEU C 347 2.18 21.71 7.15
N ILE C 348 2.13 22.41 8.29
CA ILE C 348 1.70 21.85 9.55
C ILE C 348 0.63 22.78 10.15
N ASP C 349 0.17 22.44 11.34
CA ASP C 349 -0.85 23.21 12.04
C ASP C 349 -0.41 23.46 13.47
N ASP C 350 -1.19 24.27 14.18
CA ASP C 350 -0.89 24.65 15.56
C ASP C 350 -0.97 23.47 16.55
N ARG C 351 -1.06 22.21 16.11
CA ARG C 351 -1.11 21.08 17.02
C ARG C 351 0.03 20.09 16.80
N GLY C 352 0.87 20.31 15.79
CA GLY C 352 1.98 19.42 15.50
C GLY C 352 1.75 18.49 14.33
N ASN C 353 0.51 18.38 13.84
CA ASN C 353 0.23 17.49 12.73
C ASN C 353 0.88 18.00 11.46
N HIS C 354 1.15 17.06 10.54
CA HIS C 354 1.67 17.38 9.22
C HIS C 354 0.54 17.22 8.21
N LEU C 355 0.21 18.31 7.51
CA LEU C 355 -0.94 18.32 6.64
C LEU C 355 -0.59 17.71 5.28
N ILE C 356 -1.45 16.81 4.81
CA ILE C 356 -1.20 16.11 3.56
C ILE C 356 -2.19 16.47 2.47
N ASP C 357 -3.45 16.77 2.81
CA ASP C 357 -4.48 17.08 1.83
C ASP C 357 -4.70 18.59 1.81
N TYR C 358 -4.33 19.22 0.70
CA TYR C 358 -4.43 20.66 0.57
C TYR C 358 -4.14 21.03 -0.88
N ASP C 359 -4.55 22.24 -1.25
CA ASP C 359 -4.19 22.85 -2.51
C ASP C 359 -3.34 24.08 -2.25
N LEU C 360 -2.29 24.24 -3.05
CA LEU C 360 -1.35 25.35 -2.92
C LEU C 360 -1.37 26.15 -4.21
N TYR C 361 -1.30 27.47 -4.07
CA TYR C 361 -1.37 28.38 -5.21
C TYR C 361 -0.27 29.42 -5.11
N LEU C 362 0.44 29.64 -6.21
CA LEU C 362 1.14 30.89 -6.42
C LEU C 362 0.13 31.92 -6.89
N THR C 363 0.28 33.16 -6.43
CA THR C 363 -0.62 34.23 -6.81
C THR C 363 0.20 35.48 -7.16
N ALA C 364 -0.24 36.17 -8.21
CA ALA C 364 0.45 37.36 -8.69
C ALA C 364 -0.58 38.33 -9.24
N GLY C 365 -0.11 39.46 -9.74
CA GLY C 365 -0.97 40.49 -10.26
C GLY C 365 -1.41 41.45 -9.18
N PRO C 366 -2.09 42.53 -9.58
CA PRO C 366 -2.52 43.52 -8.57
C PRO C 366 -3.36 42.92 -7.45
N GLN C 367 -4.40 42.16 -7.80
CA GLN C 367 -5.24 41.51 -6.81
C GLN C 367 -4.65 40.20 -6.32
N TYR C 368 -3.39 39.92 -6.62
CA TYR C 368 -2.75 38.64 -6.28
C TYR C 368 -3.61 37.48 -6.78
N SER C 369 -3.88 37.50 -8.09
CA SER C 369 -4.73 36.50 -8.71
C SER C 369 -3.97 35.21 -8.90
N GLU C 370 -4.43 34.13 -8.27
CA GLU C 370 -3.84 32.82 -8.51
C GLU C 370 -3.92 32.42 -9.97
N GLN C 371 -4.73 33.11 -10.77
CA GLN C 371 -4.85 32.88 -12.20
C GLN C 371 -3.93 33.78 -13.01
N ALA C 372 -3.21 34.71 -12.37
CA ALA C 372 -2.42 35.70 -13.09
C ALA C 372 -0.94 35.33 -13.14
N PRO C 374 2.66 34.63 -14.80
CA PRO C 374 3.14 34.75 -16.19
C PRO C 374 3.28 33.40 -16.88
N ALA C 375 2.87 33.33 -18.14
CA ALA C 375 2.96 32.09 -18.90
C ALA C 375 4.40 31.60 -18.96
N GLY C 376 4.61 30.33 -18.64
CA GLY C 376 5.93 29.75 -18.58
C GLY C 376 6.60 29.82 -17.23
N PHE C 377 5.89 30.30 -16.21
CA PHE C 377 6.45 30.38 -14.86
C PHE C 377 6.88 29.02 -14.34
N PHE C 378 6.20 27.96 -14.74
CA PHE C 378 6.32 26.65 -14.12
C PHE C 378 7.22 25.74 -14.94
N VAL C 379 7.98 24.90 -14.24
CA VAL C 379 8.82 23.87 -14.87
C VAL C 379 8.48 22.49 -14.32
N ASP C 380 8.39 22.35 -13.00
CA ASP C 380 8.21 21.04 -12.40
C ASP C 380 7.60 21.15 -11.02
N ARG C 381 6.89 20.09 -10.62
CA ARG C 381 6.34 19.95 -9.28
C ARG C 381 6.60 18.51 -8.84
N GLN C 382 6.89 18.33 -7.55
CA GLN C 382 7.17 17.01 -7.01
C GLN C 382 6.61 16.91 -5.60
N ARG C 383 6.01 15.75 -5.30
CA ARG C 383 5.46 15.47 -3.98
C ARG C 383 6.28 14.34 -3.36
N ASN C 384 6.84 14.60 -2.19
CA ASN C 384 7.67 13.59 -1.52
C ASN C 384 6.85 12.33 -1.25
N LEU C 385 7.53 11.19 -1.30
CA LEU C 385 6.85 9.89 -1.18
C LEU C 385 6.64 9.45 0.26
N ASN C 386 7.50 9.88 1.18
CA ASN C 386 7.38 9.50 2.59
C ASN C 386 6.71 10.57 3.43
N ASN C 387 6.89 11.85 3.10
CA ASN C 387 6.21 12.96 3.75
C ASN C 387 5.30 13.60 2.70
N ARG C 388 4.01 13.25 2.75
CA ARG C 388 3.08 13.67 1.71
C ARG C 388 2.84 15.17 1.70
N GLY C 389 3.15 15.87 2.79
CA GLY C 389 2.90 17.29 2.89
C GLY C 389 4.01 18.18 2.40
N LYS C 390 5.05 17.62 1.79
CA LYS C 390 6.20 18.41 1.32
C LYS C 390 6.09 18.57 -0.18
N LEU C 391 5.94 19.81 -0.62
CA LEU C 391 5.64 20.16 -2.01
C LEU C 391 6.80 20.99 -2.56
N THR C 392 7.41 20.54 -3.64
CA THR C 392 8.58 21.17 -4.21
C THR C 392 8.22 21.79 -5.56
N TYR C 393 8.41 23.09 -5.68
CA TYR C 393 8.21 23.82 -6.92
C TYR C 393 9.54 24.00 -7.64
N PHE C 394 9.50 23.95 -8.97
CA PHE C 394 10.63 24.37 -9.80
C PHE C 394 10.09 25.36 -10.83
N LEU C 395 10.63 26.58 -10.81
CA LEU C 395 10.05 27.70 -11.53
C LEU C 395 11.13 28.42 -12.32
N ASP C 396 10.69 29.10 -13.38
CA ASP C 396 11.57 29.92 -14.20
C ASP C 396 11.58 31.34 -13.64
N TYR C 397 12.68 31.73 -13.01
CA TYR C 397 12.76 33.05 -12.39
C TYR C 397 12.70 34.16 -13.44
N ASP C 398 13.48 34.02 -14.51
CA ASP C 398 13.51 35.06 -15.53
C ASP C 398 12.11 35.32 -16.10
N ILE C 399 11.40 34.26 -16.47
CA ILE C 399 10.04 34.43 -16.97
C ILE C 399 9.15 35.01 -15.89
N GLU C 401 10.08 36.94 -12.99
CA GLU C 401 10.45 38.34 -12.81
C GLU C 401 10.01 39.19 -13.99
N GLY C 402 10.11 38.65 -15.20
CA GLY C 402 9.77 39.43 -16.39
C GLY C 402 8.30 39.75 -16.50
N GLY C 403 7.44 38.86 -16.00
CA GLY C 403 6.01 39.04 -16.17
C GLY C 403 5.33 39.81 -15.06
N ILE C 404 5.92 39.80 -13.87
CA ILE C 404 5.31 40.41 -12.69
C ILE C 404 5.83 41.83 -12.45
N ASN C 405 7.13 42.06 -12.65
CA ASN C 405 7.70 43.39 -12.45
C ASN C 405 7.45 44.27 -13.68
N THR C 406 6.18 44.47 -13.97
CA THR C 406 5.69 45.38 -15.00
C THR C 406 4.68 46.31 -14.37
N PRO C 407 4.30 47.38 -15.06
CA PRO C 407 3.34 48.32 -14.46
C PRO C 407 2.03 47.67 -14.06
N LYS C 408 1.41 46.88 -14.94
CA LYS C 408 0.10 46.33 -14.69
C LYS C 408 0.09 45.15 -13.73
N GLN C 410 2.60 45.15 -11.00
CA GLN C 410 3.06 45.77 -9.75
C GLN C 410 4.02 44.89 -8.97
N GLY C 411 4.69 43.95 -9.65
CA GLY C 411 5.71 43.14 -8.99
C GLY C 411 5.23 42.36 -7.80
N ASN C 412 3.93 42.07 -7.71
CA ASN C 412 3.37 41.40 -6.55
C ASN C 412 3.43 39.88 -6.73
N LEU C 413 3.66 39.18 -5.61
CA LEU C 413 3.65 37.72 -5.61
C LEU C 413 3.27 37.24 -4.22
N GLY C 414 2.36 36.27 -4.16
CA GLY C 414 1.90 35.74 -2.88
C GLY C 414 1.50 34.30 -3.01
N PHE C 415 1.04 33.73 -1.90
CA PHE C 415 0.59 32.35 -1.84
C PHE C 415 -0.88 32.30 -1.46
N ARG C 416 -1.46 31.12 -1.63
CA ARG C 416 -2.77 30.80 -1.05
C ARG C 416 -2.79 29.31 -0.79
N VAL C 417 -3.25 28.93 0.40
CA VAL C 417 -3.33 27.53 0.80
C VAL C 417 -4.69 27.29 1.43
N LYS C 418 -5.25 26.10 1.20
CA LYS C 418 -6.48 25.66 1.86
C LYS C 418 -6.30 24.18 2.19
N ALA C 419 -6.23 23.86 3.47
CA ALA C 419 -6.10 22.48 3.92
C ALA C 419 -7.49 21.87 4.13
N TYR C 420 -7.57 20.57 3.94
CA TYR C 420 -8.84 19.89 4.08
C TYR C 420 -8.91 19.13 5.40
N PRO C 421 -10.07 19.08 6.06
CA PRO C 421 -11.38 19.63 5.65
C PRO C 421 -11.45 21.14 5.55
N GLU C 422 -12.17 21.63 4.54
CA GLU C 422 -12.50 23.05 4.47
C GLU C 422 -13.66 23.35 5.42
N SER C 423 -13.94 24.64 5.60
CA SER C 423 -15.12 25.03 6.34
C SER C 423 -16.35 24.54 5.58
N SER C 424 -17.12 23.64 6.22
CA SER C 424 -18.20 22.94 5.56
C SER C 424 -19.48 23.06 6.37
N ASP C 425 -20.58 22.59 5.76
CA ASP C 425 -21.85 22.50 6.46
C ASP C 425 -21.81 21.48 7.60
N GLN C 426 -20.89 20.51 7.52
CA GLN C 426 -20.76 19.49 8.57
C GLN C 426 -19.40 19.49 9.23
N ALA C 427 -18.45 20.32 8.78
CA ALA C 427 -17.09 20.25 9.27
C ALA C 427 -17.02 20.53 10.76
N LEU C 428 -16.30 19.65 11.48
CA LEU C 428 -16.05 19.84 12.90
C LEU C 428 -14.58 20.07 13.23
N ALA C 429 -13.67 19.63 12.36
CA ALA C 429 -12.23 19.89 12.49
C ALA C 429 -11.72 20.24 11.11
N TYR C 430 -11.36 21.50 10.89
CA TYR C 430 -11.16 22.02 9.54
C TYR C 430 -10.08 23.09 9.58
N TYR C 431 -9.90 23.78 8.46
CA TYR C 431 -8.88 24.82 8.32
C TYR C 431 -9.47 25.99 7.54
N ARG C 432 -8.86 27.16 7.73
CA ARG C 432 -9.31 28.39 7.09
C ARG C 432 -8.29 28.81 6.04
N LEU C 433 -8.79 29.30 4.91
CA LEU C 433 -7.93 29.73 3.81
C LEU C 433 -6.94 30.78 4.28
N LEU C 434 -5.67 30.59 3.91
CA LEU C 434 -4.61 31.54 4.19
C LEU C 434 -4.19 32.24 2.90
N ASP C 435 -3.87 33.52 3.00
CA ASP C 435 -3.47 34.30 1.83
C ASP C 435 -2.28 35.19 2.19
N PHE C 436 -1.13 34.89 1.61
CA PHE C 436 0.10 35.66 1.81
C PHE C 436 0.31 36.58 0.61
N HIS C 437 0.73 37.81 0.90
CA HIS C 437 0.99 38.82 -0.12
C HIS C 437 2.38 39.39 0.13
N SER C 438 3.18 39.52 -0.92
CA SER C 438 4.58 39.90 -0.73
C SER C 438 5.23 40.19 -2.08
N SER C 439 6.53 40.53 -2.01
CA SER C 439 7.39 40.67 -3.17
C SER C 439 7.14 41.97 -3.93
N LYS C 445 11.02 39.50 -0.18
CA LYS C 445 11.35 38.86 -1.46
C LYS C 445 11.54 37.36 -1.26
N ILE C 446 10.64 36.57 -1.85
CA ILE C 446 10.68 35.12 -1.67
C ILE C 446 11.65 34.47 -2.67
N LEU C 447 11.55 34.86 -3.95
CA LEU C 447 12.29 34.21 -5.01
C LEU C 447 13.57 34.97 -5.35
N HIS C 448 14.63 34.21 -5.61
CA HIS C 448 15.87 34.71 -6.19
C HIS C 448 16.39 33.64 -7.13
N PRO C 449 17.01 34.02 -8.24
CA PRO C 449 17.50 33.01 -9.19
C PRO C 449 18.63 32.20 -8.60
N ASN C 450 18.71 30.94 -9.01
CA ASN C 450 19.71 29.98 -8.52
C ASN C 450 19.56 29.70 -7.03
N GLU C 451 18.39 29.99 -6.45
CA GLU C 451 18.19 29.86 -5.02
C GLU C 451 16.95 29.01 -4.74
N THR C 452 17.02 28.24 -3.65
CA THR C 452 15.88 27.55 -3.08
C THR C 452 15.38 28.38 -1.89
N VAL C 453 14.07 28.35 -1.67
CA VAL C 453 13.48 28.94 -0.48
C VAL C 453 12.57 27.91 0.17
N VAL C 455 9.57 27.09 2.60
CA VAL C 455 8.37 27.82 2.99
C VAL C 455 7.57 26.90 3.91
N GLU C 456 7.67 27.12 5.21
CA GLU C 456 6.87 26.41 6.20
C GLU C 456 5.66 27.26 6.55
N ILE C 457 4.48 26.65 6.54
CA ILE C 457 3.23 27.35 6.80
C ILE C 457 2.53 26.68 7.96
N LEU C 459 -0.85 26.39 9.75
CA LEU C 459 -2.28 26.65 9.67
C LEU C 459 -2.91 26.56 11.06
N GLN C 460 -4.03 27.25 11.23
CA GLN C 460 -4.77 27.26 12.49
C GLN C 460 -5.84 26.17 12.43
N ARG C 461 -5.63 25.09 13.17
CA ARG C 461 -6.61 24.02 13.24
C ARG C 461 -7.83 24.48 14.00
N ARG C 462 -8.97 24.55 13.33
CA ARG C 462 -10.21 25.04 13.93
C ARG C 462 -11.11 23.86 14.24
N VAL C 463 -11.60 23.80 15.49
CA VAL C 463 -12.50 22.76 15.94
C VAL C 463 -13.79 23.42 16.41
N ASP C 464 -14.92 22.87 16.00
CA ASP C 464 -16.23 23.36 16.40
C ASP C 464 -16.60 22.86 17.79
N ARG C 465 -17.41 23.65 18.51
CA ARG C 465 -17.76 23.29 19.88
C ARG C 465 -18.56 21.99 19.94
N THR C 466 -19.34 21.69 18.91
CA THR C 466 -20.15 20.48 18.92
C THR C 466 -19.30 19.24 19.22
N VAL C 467 -18.00 19.31 18.96
CA VAL C 467 -17.13 18.17 19.24
C VAL C 467 -17.24 17.75 20.70
N PHE C 468 -17.62 18.67 21.59
CA PHE C 468 -17.83 18.31 22.99
C PHE C 468 -18.75 19.34 23.62
N ARG C 469 -19.87 18.87 24.16
CA ARG C 469 -20.82 19.71 24.90
C ARG C 469 -21.22 18.98 26.18
N ILE C 470 -21.54 19.76 27.21
CA ILE C 470 -22.03 19.23 28.47
C ILE C 470 -23.30 19.97 28.84
N SER C 471 -24.27 19.25 29.41
CA SER C 471 -25.56 19.82 29.78
C SER C 471 -26.05 19.14 31.04
N ASN C 472 -26.70 19.91 31.91
CA ASN C 472 -27.30 19.36 33.13
C ASN C 472 -28.75 18.94 32.92
N ASN C 473 -29.20 18.83 31.66
CA ASN C 473 -30.49 18.21 31.35
C ASN C 473 -30.27 16.71 31.34
N LEU C 474 -30.65 16.04 32.43
CA LEU C 474 -30.31 14.65 32.64
C LEU C 474 -31.22 13.68 31.89
N THR C 475 -32.17 14.17 31.11
CA THR C 475 -32.99 13.29 30.29
C THR C 475 -32.19 12.85 29.07
N PRO C 476 -31.88 11.55 28.91
CA PRO C 476 -31.03 11.12 27.79
C PRO C 476 -31.55 11.62 26.45
N ALA C 477 -30.66 11.68 25.45
CA ALA C 477 -31.03 12.17 24.14
C ALA C 477 -29.94 11.77 23.14
N LYS C 478 -30.34 11.69 21.88
CA LYS C 478 -29.38 11.37 20.82
CA LYS C 478 -29.39 11.37 20.81
C LYS C 478 -28.37 12.50 20.67
N ILE C 479 -27.18 12.13 20.21
CA ILE C 479 -26.07 13.06 20.06
C ILE C 479 -25.98 13.45 18.60
N SER C 480 -26.27 14.73 18.31
CA SER C 480 -26.18 15.26 16.96
C SER C 480 -24.82 15.90 16.73
N GLY C 481 -24.23 15.61 15.57
CA GLY C 481 -22.92 16.13 15.24
C GLY C 481 -22.96 17.32 14.30
N LYS C 482 -24.04 18.09 14.35
CA LYS C 482 -24.16 19.26 13.48
C LYS C 482 -23.36 20.43 14.09
N PRO C 483 -22.56 21.13 13.31
CA PRO C 483 -21.69 22.17 13.90
C PRO C 483 -22.48 23.34 14.46
N THR C 484 -21.92 23.94 15.50
CA THR C 484 -22.53 25.12 16.11
C THR C 484 -22.15 26.42 15.42
N GLY C 485 -21.12 26.40 14.56
CA GLY C 485 -20.66 27.61 13.90
C GLY C 485 -19.70 28.44 14.71
N LYS C 486 -19.11 27.87 15.76
CA LYS C 486 -18.21 28.59 16.66
C LYS C 486 -16.95 27.74 16.84
N LYS C 487 -15.94 28.32 17.46
CA LYS C 487 -14.64 27.70 17.54
C LYS C 487 -14.17 27.68 18.98
N ILE C 488 -13.35 26.67 19.30
CA ILE C 488 -12.79 26.50 20.64
C ILE C 488 -11.41 27.14 20.68
N ASP C 489 -11.00 27.55 21.87
CA ASP C 489 -9.67 28.12 22.09
C ASP C 489 -8.60 27.04 21.92
N ALA D 13 -18.58 26.69 50.67
CA ALA D 13 -19.82 27.23 50.03
C ALA D 13 -19.89 26.77 48.58
N GLY D 14 -20.30 25.52 48.36
CA GLY D 14 -20.21 24.97 47.03
C GLY D 14 -21.11 23.80 46.71
N THR D 15 -20.75 22.62 47.22
CA THR D 15 -21.21 21.33 46.71
C THR D 15 -20.15 20.82 45.74
N ILE D 17 -19.47 19.10 41.65
CA ILE D 17 -20.02 18.97 40.31
C ILE D 17 -19.57 17.63 39.75
N VAL D 18 -20.43 17.02 38.94
CA VAL D 18 -20.13 15.73 38.32
C VAL D 18 -20.38 15.84 36.82
N ILE D 19 -19.49 15.25 36.03
CA ILE D 19 -19.56 15.31 34.57
C ILE D 19 -19.31 13.90 34.03
N PHE D 20 -20.31 13.35 33.35
CA PHE D 20 -20.16 12.09 32.66
C PHE D 20 -19.62 12.33 31.26
N VAL D 21 -18.64 11.51 30.87
CA VAL D 21 -18.18 11.46 29.48
C VAL D 21 -18.14 10.01 29.05
N HIS D 22 -18.66 9.74 27.86
CA HIS D 22 -18.89 8.38 27.41
C HIS D 22 -17.69 7.86 26.64
N GLY D 23 -17.84 6.67 26.04
CA GLY D 23 -16.82 6.10 25.18
C GLY D 23 -17.09 6.38 23.72
N TRP D 24 -16.38 5.66 22.87
CA TRP D 24 -16.59 5.76 21.44
C TRP D 24 -17.81 4.94 21.02
N SER D 25 -18.38 5.31 19.88
CA SER D 25 -19.53 4.66 19.25
C SER D 25 -20.85 5.14 19.85
N VAL D 26 -20.83 6.18 20.68
CA VAL D 26 -21.99 6.59 21.44
C VAL D 26 -22.75 7.65 20.65
N THR D 27 -24.00 7.36 20.34
CA THR D 27 -24.88 8.29 19.65
C THR D 27 -26.01 8.78 20.53
N HIS D 28 -26.13 8.29 21.75
CA HIS D 28 -27.22 8.63 22.65
C HIS D 28 -26.69 8.68 24.07
N THR D 29 -27.18 9.65 24.85
CA THR D 29 -26.68 9.86 26.21
C THR D 29 -27.21 8.83 27.19
N ASN D 30 -28.15 7.97 26.79
CA ASN D 30 -28.56 6.87 27.65
C ASN D 30 -27.44 5.85 27.84
N THR D 31 -26.32 6.03 27.15
CA THR D 31 -25.15 5.18 27.39
C THR D 31 -24.78 5.16 28.87
N TYR D 32 -25.04 6.24 29.58
CA TYR D 32 -24.76 6.33 31.01
C TYR D 32 -25.79 5.61 31.86
N GLY D 33 -26.70 4.85 31.24
CA GLY D 33 -27.76 4.22 32.02
C GLY D 33 -28.56 5.27 32.75
N GLU D 34 -28.91 4.96 34.00
CA GLU D 34 -29.62 5.89 34.87
C GLU D 34 -28.76 6.33 36.05
N LEU D 35 -27.45 6.13 35.95
CA LEU D 35 -26.55 6.59 37.02
C LEU D 35 -26.71 8.07 37.34
N PRO D 36 -26.87 8.97 36.38
CA PRO D 36 -26.98 10.40 36.75
C PRO D 36 -28.14 10.71 37.69
N GLN D 37 -29.35 10.25 37.37
CA GLN D 37 -30.48 10.51 38.27
C GLN D 37 -30.25 9.89 39.64
N TRP D 38 -29.58 8.74 39.69
CA TRP D 38 -29.28 8.12 40.97
C TRP D 38 -28.37 9.02 41.81
N LEU D 39 -27.30 9.54 41.19
CA LEU D 39 -26.42 10.45 41.91
C LEU D 39 -27.16 11.71 42.33
N GLU D 40 -28.12 12.17 41.53
CA GLU D 40 -28.91 13.34 41.92
C GLU D 40 -29.75 13.06 43.15
N ASN D 41 -30.44 11.92 43.17
CA ASN D 41 -31.29 11.58 44.31
C ASN D 41 -30.46 11.16 45.52
N GLN D 42 -29.32 10.52 45.29
CA GLN D 42 -28.45 10.16 46.41
C GLN D 42 -27.92 11.40 47.10
N SER D 43 -27.57 12.43 46.32
CA SER D 43 -27.19 13.71 46.91
C SER D 43 -28.35 14.31 47.69
N LYS D 44 -29.56 14.15 47.16
CA LYS D 44 -30.74 14.68 47.84
C LYS D 44 -30.98 14.01 49.19
N GLN D 45 -30.44 12.80 49.39
CA GLN D 45 -30.60 12.08 50.65
C GLN D 45 -29.42 12.28 51.58
N GLY D 46 -28.49 13.19 51.25
CA GLY D 46 -27.40 13.53 52.13
C GLY D 46 -26.15 12.70 51.96
N LYS D 47 -26.11 11.78 51.00
CA LYS D 47 -24.94 10.95 50.79
C LYS D 47 -23.91 11.61 49.89
N LEU D 48 -24.31 12.62 49.11
CA LEU D 48 -23.39 13.46 48.38
C LEU D 48 -23.85 14.90 48.50
N ASP D 49 -22.93 15.83 48.25
CA ASP D 49 -23.22 17.25 48.32
C ASP D 49 -23.19 17.83 46.90
N ILE D 50 -24.18 17.44 46.11
CA ILE D 50 -24.35 17.93 44.75
C ILE D 50 -25.64 18.72 44.68
N GLN D 51 -25.52 20.02 44.40
CA GLN D 51 -26.69 20.85 44.22
C GLN D 51 -27.41 20.45 42.92
N VAL D 52 -28.74 20.59 42.93
CA VAL D 52 -29.51 20.26 41.74
C VAL D 52 -29.04 21.11 40.58
N GLY D 53 -28.77 20.47 39.45
CA GLY D 53 -28.22 21.15 38.29
C GLY D 53 -26.72 21.16 38.21
N ASN D 54 -26.03 20.51 39.16
CA ASN D 54 -24.58 20.41 39.14
C ASN D 54 -24.11 19.06 38.62
N ILE D 55 -24.98 18.31 37.96
CA ILE D 55 -24.63 17.02 37.35
C ILE D 55 -24.84 17.16 35.86
N TYR D 56 -23.78 16.90 35.10
CA TYR D 56 -23.76 17.17 33.67
C TYR D 56 -23.52 15.88 32.88
N LEU D 57 -24.20 15.79 31.73
CA LEU D 57 -23.99 14.71 30.78
C LEU D 57 -23.14 15.23 29.63
N GLY D 58 -21.93 14.69 29.49
CA GLY D 58 -21.07 15.09 28.40
C GLY D 58 -21.38 14.29 27.14
N ARG D 59 -21.26 14.96 26.00
CA ARG D 59 -21.44 14.33 24.70
C ARG D 59 -20.37 14.84 23.76
N TYR D 60 -19.48 13.95 23.33
CA TYR D 60 -18.45 14.28 22.35
C TYR D 60 -18.62 13.38 21.12
N ILE D 61 -18.05 13.83 20.02
CA ILE D 61 -18.25 13.19 18.72
C ILE D 61 -17.11 12.18 18.53
N SER D 62 -17.46 10.89 18.54
CA SER D 62 -16.49 9.81 18.38
C SER D 62 -16.61 9.14 17.02
N PHE D 63 -17.54 9.56 16.17
CA PHE D 63 -17.82 8.89 14.90
C PHE D 63 -17.38 9.70 13.69
N ASP D 64 -16.56 10.72 13.88
CA ASP D 64 -16.09 11.57 12.79
C ASP D 64 -14.60 11.30 12.55
N ASP D 65 -14.26 10.99 11.30
CA ASP D 65 -12.88 10.66 10.97
C ASP D 65 -11.96 11.86 11.07
N THR D 66 -12.50 13.06 10.89
CA THR D 66 -11.69 14.27 10.91
C THR D 66 -11.33 14.73 12.32
N VAL D 67 -11.79 14.03 13.35
CA VAL D 67 -11.68 14.48 14.73
C VAL D 67 -10.71 13.57 15.46
N THR D 68 -9.66 14.17 16.02
CA THR D 68 -8.65 13.44 16.78
C THR D 68 -8.92 13.55 18.27
N VAL D 69 -8.22 12.72 19.04
CA VAL D 69 -8.37 12.74 20.49
C VAL D 69 -7.89 14.08 21.05
N ASP D 70 -6.87 14.67 20.45
CA ASP D 70 -6.43 15.99 20.89
C ASP D 70 -7.53 17.02 20.72
N ASP D 71 -8.31 16.91 19.64
CA ASP D 71 -9.42 17.83 19.42
C ASP D 71 -10.54 17.60 20.42
N ILE D 72 -10.75 16.36 20.85
CA ILE D 72 -11.76 16.09 21.86
C ILE D 72 -11.36 16.73 23.20
N ALA D 73 -10.10 16.52 23.59
CA ALA D 73 -9.61 17.12 24.83
C ALA D 73 -9.71 18.64 24.77
N ARG D 74 -9.29 19.23 23.66
CA ARG D 74 -9.43 20.67 23.47
C ARG D 74 -10.88 21.10 23.63
N ALA D 75 -11.80 20.37 22.99
CA ALA D 75 -13.21 20.76 23.05
C ALA D 75 -13.78 20.58 24.44
N PHE D 76 -13.32 19.56 25.18
CA PHE D 76 -13.79 19.37 26.55
C PHE D 76 -13.50 20.61 27.40
N ASP D 77 -12.26 21.10 27.35
CA ASP D 77 -11.91 22.29 28.10
C ASP D 77 -12.84 23.45 27.76
N GLN D 78 -13.13 23.64 26.47
CA GLN D 78 -14.03 24.73 26.08
C GLN D 78 -15.43 24.51 26.61
N ALA D 79 -15.91 23.26 26.57
CA ALA D 79 -17.25 22.97 27.07
C ALA D 79 -17.34 23.20 28.57
N VAL D 80 -16.32 22.78 29.32
CA VAL D 80 -16.31 23.00 30.76
C VAL D 80 -16.31 24.49 31.06
N ARG D 81 -15.52 25.26 30.31
CA ARG D 81 -15.46 26.70 30.52
C ARG D 81 -16.73 27.41 30.04
N ASP D 82 -17.48 26.78 29.13
CA ASP D 82 -18.70 27.40 28.63
C ASP D 82 -19.86 27.29 29.61
N GLU D 83 -19.88 26.23 30.43
CA GLU D 83 -21.04 25.91 31.25
C GLU D 83 -20.84 26.19 32.73
N ILE D 84 -19.64 25.98 33.27
CA ILE D 84 -19.41 26.14 34.70
C ILE D 84 -18.17 26.99 34.95
N ALA D 85 -18.05 28.11 34.23
CA ALA D 85 -16.91 29.00 34.44
C ALA D 85 -16.96 29.64 35.81
N ASP D 86 -18.07 30.32 36.13
CA ASP D 86 -18.16 31.05 37.39
C ASP D 86 -18.34 30.11 38.57
N LYS D 87 -18.89 28.91 38.36
CA LYS D 87 -18.93 27.92 39.43
C LYS D 87 -17.51 27.56 39.85
N LEU D 88 -16.63 27.31 38.87
CA LEU D 88 -15.25 26.98 39.19
C LEU D 88 -14.49 28.16 39.77
N ARG D 89 -14.83 29.39 39.34
CA ARG D 89 -14.20 30.57 39.91
C ARG D 89 -14.56 30.72 41.38
N ASP D 90 -15.81 30.41 41.74
CA ASP D 90 -16.27 30.57 43.11
C ASP D 90 -15.71 29.53 44.07
N GLY D 91 -14.84 28.64 43.58
CA GLY D 91 -14.25 27.63 44.45
C GLY D 91 -15.03 26.33 44.46
N GLN D 92 -15.37 25.83 43.27
CA GLN D 92 -16.00 24.53 43.11
C GLN D 92 -15.14 23.67 42.19
N ARG D 93 -15.16 22.36 42.43
CA ARG D 93 -14.40 21.41 41.65
C ARG D 93 -15.32 20.25 41.29
N PHE D 94 -15.08 19.65 40.11
CA PHE D 94 -15.98 18.66 39.56
C PHE D 94 -15.34 17.28 39.53
N ALA D 95 -16.20 16.26 39.67
CA ALA D 95 -15.79 14.87 39.60
C ALA D 95 -16.14 14.31 38.23
N CYS D 96 -15.20 13.61 37.61
CA CYS D 96 -15.40 13.04 36.29
C CYS D 96 -15.66 11.54 36.40
N ILE D 97 -16.74 11.09 35.76
CA ILE D 97 -17.07 9.68 35.67
C ILE D 97 -17.09 9.33 34.19
N THR D 98 -16.15 8.50 33.76
CA THR D 98 -15.96 8.20 32.35
C THR D 98 -16.19 6.73 32.08
N HIS D 99 -16.43 6.42 30.80
CA HIS D 99 -16.58 5.04 30.34
C HIS D 99 -15.88 4.90 29.00
N SER D 100 -15.09 3.85 28.86
CA SER D 100 -14.39 3.53 27.60
C SER D 100 -13.47 4.69 27.24
N THR D 101 -13.48 5.17 26.01
CA THR D 101 -12.46 6.13 25.57
C THR D 101 -12.54 7.45 26.33
N GLY D 102 -13.66 7.74 26.99
CA GLY D 102 -13.73 8.95 27.80
C GLY D 102 -12.64 9.03 28.84
N GLY D 103 -12.17 7.89 29.33
CA GLY D 103 -11.11 7.86 30.30
C GLY D 103 -9.85 8.51 29.79
N PRO D 104 -9.26 7.95 28.74
CA PRO D 104 -8.07 8.56 28.15
C PRO D 104 -8.25 10.02 27.77
N ILE D 105 -9.42 10.39 27.26
CA ILE D 105 -9.64 11.77 26.82
C ILE D 105 -9.38 12.74 27.96
N VAL D 106 -10.06 12.53 29.09
CA VAL D 106 -9.83 13.40 30.24
C VAL D 106 -8.35 13.37 30.63
N ARG D 107 -7.78 12.17 30.72
CA ARG D 107 -6.36 12.07 31.02
C ARG D 107 -5.53 12.89 30.04
N LYS D 108 -5.92 12.88 28.77
CA LYS D 108 -5.27 13.75 27.79
C LYS D 108 -5.51 15.22 28.11
N TRP D 109 -6.72 15.54 28.59
CA TRP D 109 -7.03 16.92 28.93
C TRP D 109 -6.14 17.42 30.07
N ASP D 111 -3.34 16.41 30.86
CA ASP D 111 -1.97 16.50 30.36
C ASP D 111 -1.77 17.75 29.51
N LEU D 112 -2.83 18.25 28.88
CA LEU D 112 -2.69 19.41 28.00
C LEU D 112 -2.72 20.72 28.78
N TYR D 113 -3.35 20.75 29.96
CA TYR D 113 -3.57 21.98 30.69
C TYR D 113 -3.00 21.98 32.11
N PHE D 114 -2.76 20.81 32.72
CA PHE D 114 -2.35 20.76 34.12
C PHE D 114 -1.29 19.68 34.34
N LYS D 115 -0.38 19.51 33.39
CA LYS D 115 0.58 18.41 33.52
C LYS D 115 1.38 18.51 34.82
N ASN D 116 1.83 19.71 35.18
CA ASN D 116 2.71 19.89 36.33
C ASN D 116 2.17 20.94 37.28
N ASN D 117 0.86 20.99 37.46
CA ASN D 117 0.25 21.79 38.51
C ASN D 117 -1.13 21.24 38.85
N LEU D 118 -1.18 19.95 39.17
CA LEU D 118 -2.46 19.32 39.50
C LEU D 118 -3.13 19.96 40.70
N ALA D 119 -2.37 20.64 41.56
CA ALA D 119 -2.98 21.40 42.63
C ALA D 119 -3.84 22.55 42.11
N LYS D 120 -3.71 22.90 40.83
CA LYS D 120 -4.51 23.95 40.21
C LYS D 120 -5.47 23.39 39.16
N CYS D 121 -5.77 22.09 39.22
CA CYS D 121 -6.72 21.49 38.30
C CYS D 121 -8.12 21.50 38.93
N PRO D 122 -9.15 21.99 38.23
CA PRO D 122 -10.48 22.05 38.84
C PRO D 122 -11.13 20.69 39.04
N LEU D 123 -10.50 19.61 38.62
CA LEU D 123 -11.04 18.27 38.79
C LEU D 123 -10.62 17.73 40.16
N SER D 124 -11.60 17.24 40.93
CA SER D 124 -11.34 16.69 42.25
C SER D 124 -11.43 15.18 42.30
N HIS D 125 -12.15 14.55 41.39
CA HIS D 125 -12.23 13.10 41.32
C HIS D 125 -12.29 12.67 39.86
N LEU D 126 -11.67 11.52 39.57
CA LEU D 126 -11.74 10.90 38.25
C LEU D 126 -12.05 9.42 38.47
N ILE D 127 -13.21 8.98 38.00
CA ILE D 127 -13.65 7.59 38.13
C ILE D 127 -13.83 7.05 36.72
N LEU D 129 -14.35 3.89 34.18
CA LEU D 129 -15.05 2.61 34.35
C LEU D 129 -14.42 1.51 33.50
N ALA D 130 -14.36 1.70 32.17
CA ALA D 130 -13.73 0.72 31.28
C ALA D 130 -12.75 1.41 30.34
N PRO D 131 -11.84 2.22 30.86
CA PRO D 131 -10.93 2.96 29.97
C PRO D 131 -9.94 2.02 29.30
N ALA D 132 -9.82 2.15 27.98
CA ALA D 132 -8.76 1.48 27.24
C ALA D 132 -7.47 2.30 27.33
N ASN D 133 -7.02 2.51 28.57
CA ASN D 133 -5.83 3.32 28.80
C ASN D 133 -4.63 2.80 28.02
N HIS D 134 -4.53 1.49 27.84
CA HIS D 134 -3.48 0.88 27.04
C HIS D 134 -3.98 0.39 25.69
N GLY D 135 -5.23 0.69 25.35
CA GLY D 135 -5.80 0.33 24.07
C GLY D 135 -6.69 -0.90 24.15
N SER D 136 -7.46 -1.10 23.08
CA SER D 136 -8.33 -2.26 22.91
C SER D 136 -7.90 -3.04 21.69
N ALA D 137 -7.83 -4.36 21.84
CA ALA D 137 -7.43 -5.20 20.70
C ALA D 137 -8.38 -5.04 19.53
N LEU D 138 -9.64 -4.65 19.80
CA LEU D 138 -10.61 -4.45 18.74
C LEU D 138 -10.30 -3.22 17.89
N ALA D 139 -9.46 -2.32 18.37
CA ALA D 139 -9.21 -1.08 17.63
C ALA D 139 -8.47 -1.36 16.33
N GLN D 140 -7.53 -2.31 16.34
CA GLN D 140 -6.84 -2.65 15.10
C GLN D 140 -7.81 -3.11 14.03
N LEU D 141 -8.90 -3.78 14.43
CA LEU D 141 -9.97 -4.12 13.51
C LEU D 141 -10.55 -2.81 12.95
N GLY D 142 -10.35 -2.58 11.66
CA GLY D 142 -10.73 -1.33 11.04
C GLY D 142 -12.12 -0.83 11.43
N LYS D 143 -12.35 0.47 11.23
CA LYS D 143 -13.62 1.07 11.62
C LYS D 143 -14.80 0.52 10.84
N SER D 144 -14.56 -0.21 9.75
CA SER D 144 -15.65 -0.85 9.01
C SER D 144 -16.03 -2.18 9.63
N ARG D 145 -15.04 -3.06 9.85
CA ARG D 145 -15.30 -4.32 10.52
C ARG D 145 -15.97 -4.10 11.87
N LEU D 146 -15.54 -3.05 12.57
CA LEU D 146 -15.95 -2.86 13.96
C LEU D 146 -17.35 -2.29 14.08
N GLY D 147 -17.80 -1.51 13.11
CA GLY D 147 -19.18 -1.08 13.09
C GLY D 147 -20.16 -2.19 12.81
N ARG D 148 -19.68 -3.33 12.31
CA ARG D 148 -20.50 -4.50 12.06
C ARG D 148 -20.64 -5.38 13.29
N ILE D 149 -19.94 -5.07 14.38
CA ILE D 149 -20.03 -5.87 15.60
C ILE D 149 -21.37 -5.61 16.27
N LYS D 150 -22.00 -6.68 16.78
CA LYS D 150 -23.34 -6.57 17.34
C LYS D 150 -23.37 -5.83 18.66
N SER D 151 -22.22 -5.67 19.33
CA SER D 151 -22.20 -4.99 20.62
C SER D 151 -22.76 -3.57 20.50
N PHE D 152 -22.09 -2.73 19.72
CA PHE D 152 -22.54 -1.36 19.47
C PHE D 152 -23.64 -1.29 18.41
N PHE D 153 -24.53 -2.27 18.40
CA PHE D 153 -25.72 -2.29 17.55
C PHE D 153 -26.34 -0.90 17.44
N GLU D 154 -26.43 -0.19 18.57
CA GLU D 154 -27.00 1.15 18.58
C GLU D 154 -26.05 2.20 18.02
N GLY D 155 -24.76 1.91 17.96
CA GLY D 155 -23.77 2.87 17.54
C GLY D 155 -23.38 2.73 16.07
N ILE D 156 -22.71 3.78 15.57
CA ILE D 156 -22.24 3.81 14.20
C ILE D 156 -20.73 3.62 14.21
N GLU D 157 -20.15 3.51 13.01
CA GLU D 157 -18.73 3.24 12.88
C GLU D 157 -17.92 4.36 13.52
N PRO D 158 -16.72 4.06 14.02
CA PRO D 158 -15.92 5.09 14.70
C PRO D 158 -15.34 6.10 13.73
N GLY D 159 -14.73 7.13 14.31
CA GLY D 159 -13.77 7.94 13.59
C GLY D 159 -12.41 7.26 13.60
N LYS D 160 -11.71 7.35 12.46
CA LYS D 160 -10.46 6.61 12.32
C LYS D 160 -9.41 7.10 13.32
N CYS D 161 -9.45 8.39 13.68
CA CYS D 161 -8.41 8.92 14.57
C CYS D 161 -8.57 8.38 15.98
N VAL D 162 -9.80 8.06 16.40
CA VAL D 162 -9.99 7.42 17.70
C VAL D 162 -9.39 6.02 17.69
N LEU D 163 -9.53 5.30 16.57
CA LEU D 163 -8.96 3.96 16.46
C LEU D 163 -7.45 4.01 16.58
N ASP D 164 -6.79 4.79 15.74
CA ASP D 164 -5.34 4.95 15.77
C ASP D 164 -4.88 5.12 17.22
N TRP D 165 -5.66 5.85 18.02
CA TRP D 165 -5.32 6.02 19.42
C TRP D 165 -5.61 4.78 20.23
N LEU D 166 -6.76 4.13 19.98
CA LEU D 166 -7.12 2.94 20.74
C LEU D 166 -6.31 1.72 20.32
N GLU D 167 -5.73 1.73 19.12
CA GLU D 167 -4.94 0.59 18.67
C GLU D 167 -3.84 0.27 19.67
N LEU D 168 -3.71 -1.01 20.01
CA LEU D 168 -2.68 -1.43 20.96
C LEU D 168 -1.31 -1.00 20.46
N GLY D 169 -0.52 -0.43 21.36
CA GLY D 169 0.83 -0.02 21.03
C GLY D 169 0.91 1.15 20.09
N SER D 170 -0.10 2.03 20.08
CA SER D 170 -0.02 3.23 19.26
C SER D 170 0.94 4.22 19.89
N ASP D 171 1.69 4.92 19.03
CA ASP D 171 2.66 5.89 19.52
C ASP D 171 2.02 6.85 20.52
N SER D 173 -0.59 6.55 22.37
CA SER D 173 -0.89 5.91 23.65
C SER D 173 0.37 5.81 24.50
N TRP D 174 1.50 5.51 23.87
CA TRP D 174 2.77 5.46 24.60
C TRP D 174 3.14 6.82 25.17
N GLN D 175 2.83 7.89 24.44
CA GLN D 175 3.25 9.22 24.87
C GLN D 175 2.49 9.68 26.11
N LEU D 176 1.16 9.78 26.00
CA LEU D 176 0.37 10.21 27.15
C LEU D 176 0.70 9.37 28.38
N ASN D 177 0.60 8.04 28.25
CA ASN D 177 0.79 7.18 29.40
C ASN D 177 2.24 7.16 29.88
N GLU D 178 3.21 7.52 29.03
CA GLU D 178 4.57 7.70 29.53
C GLU D 178 4.72 9.02 30.26
N SER D 179 3.98 10.05 29.85
CA SER D 179 3.98 11.31 30.59
C SER D 179 3.29 11.15 31.94
N TRP D 180 2.34 10.22 32.05
CA TRP D 180 1.65 9.98 33.32
C TRP D 180 2.53 9.29 34.35
N LEU D 181 3.77 8.93 34.00
CA LEU D 181 4.67 8.32 34.98
C LEU D 181 5.00 9.29 36.10
N ASP D 182 5.09 10.59 35.80
CA ASP D 182 5.49 11.58 36.78
C ASP D 182 4.33 12.21 37.51
N TYR D 183 3.11 11.72 37.30
CA TYR D 183 1.96 12.26 38.00
C TYR D 183 1.91 11.75 39.44
N ASP D 184 1.28 12.53 40.30
CA ASP D 184 0.99 12.14 41.68
C ASP D 184 -0.38 12.73 42.00
N CYS D 185 -1.43 12.06 41.53
CA CYS D 185 -2.79 12.56 41.75
C CYS D 185 -3.07 12.78 43.22
N THR D 186 -2.78 11.78 44.05
CA THR D 186 -3.11 11.87 45.46
C THR D 186 -2.41 13.04 46.14
N ALA D 187 -1.13 13.26 45.82
CA ALA D 187 -0.38 14.32 46.48
C ALA D 187 -0.89 15.71 46.12
N ASN D 188 -1.70 15.84 45.07
CA ASN D 188 -2.23 17.13 44.65
C ASN D 188 -3.73 17.25 44.89
N GLY D 189 -4.28 16.45 45.81
CA GLY D 189 -5.69 16.52 46.10
C GLY D 189 -6.60 16.01 45.01
N VAL D 190 -6.07 15.28 44.03
CA VAL D 190 -6.86 14.70 42.96
C VAL D 190 -6.94 13.20 43.22
N TYR D 191 -8.16 12.67 43.28
CA TYR D 191 -8.40 11.26 43.58
C TYR D 191 -8.91 10.57 42.34
N SER D 192 -8.08 9.72 41.74
CA SER D 192 -8.38 9.04 40.50
C SER D 192 -8.64 7.56 40.77
N PHE D 193 -9.46 6.95 39.91
CA PHE D 193 -9.90 5.59 40.13
C PHE D 193 -10.07 4.85 38.81
N VAL D 194 -9.89 3.53 38.86
CA VAL D 194 -10.15 2.64 37.73
C VAL D 194 -11.02 1.50 38.26
N LEU D 195 -12.27 1.44 37.80
CA LEU D 195 -13.23 0.42 38.22
C LEU D 195 -13.75 -0.29 36.98
N THR D 196 -13.28 -1.51 36.74
CA THR D 196 -13.61 -2.26 35.54
C THR D 196 -14.29 -3.59 35.89
N GLY D 197 -14.76 -4.28 34.85
CA GLY D 197 -15.29 -5.62 35.00
C GLY D 197 -14.67 -6.54 33.96
N GLN D 198 -14.95 -7.84 34.12
CA GLN D 198 -14.35 -8.85 33.25
C GLN D 198 -15.38 -9.87 32.77
N LYS D 199 -16.66 -9.50 32.72
CA LYS D 199 -17.70 -10.43 32.30
C LYS D 199 -17.97 -10.28 30.81
N ILE D 200 -18.07 -11.42 30.13
CA ILE D 200 -18.41 -11.46 28.71
C ILE D 200 -19.92 -11.56 28.59
N ASP D 201 -20.53 -10.60 27.91
CA ASP D 201 -21.95 -10.70 27.54
C ASP D 201 -22.01 -11.67 26.38
N ARG D 202 -22.16 -12.96 26.71
CA ARG D 202 -22.05 -14.03 25.73
C ARG D 202 -23.07 -13.92 24.60
N GLN D 203 -24.08 -13.05 24.73
CA GLN D 203 -25.14 -13.02 23.74
C GLN D 203 -24.71 -12.31 22.45
N PHE D 204 -23.78 -11.35 22.54
CA PHE D 204 -23.42 -10.53 21.39
C PHE D 204 -22.06 -10.93 20.79
N TYR D 205 -21.52 -12.07 21.18
CA TYR D 205 -20.23 -12.53 20.66
C TYR D 205 -20.27 -12.60 19.14
N ASP D 206 -19.35 -11.89 18.49
CA ASP D 206 -19.20 -11.96 17.04
C ASP D 206 -18.24 -13.10 16.73
N ALA D 207 -18.77 -14.19 16.19
CA ALA D 207 -17.98 -15.41 16.00
C ALA D 207 -16.84 -15.22 15.01
N VAL D 208 -16.90 -14.18 14.16
CA VAL D 208 -15.83 -13.90 13.22
C VAL D 208 -14.72 -13.07 13.84
N ASN D 209 -14.93 -12.52 15.03
CA ASN D 209 -13.89 -11.77 15.75
C ASN D 209 -13.89 -12.29 17.19
N SER D 210 -12.87 -13.09 17.54
CA SER D 210 -12.88 -13.76 18.83
C SER D 210 -12.49 -12.83 19.98
N TYR D 211 -11.86 -11.68 19.70
CA TYR D 211 -11.57 -10.72 20.74
C TYR D 211 -12.83 -10.33 21.50
N THR D 212 -13.97 -10.26 20.80
CA THR D 212 -15.20 -9.82 21.43
C THR D 212 -15.61 -10.70 22.60
N GLY D 213 -15.03 -11.89 22.71
CA GLY D 213 -15.29 -12.76 23.85
C GLY D 213 -14.01 -13.21 24.54
N GLU D 214 -12.97 -12.40 24.43
CA GLU D 214 -11.66 -12.79 24.94
C GLU D 214 -11.64 -12.88 26.45
N SER D 215 -11.03 -13.95 26.97
CA SER D 215 -10.85 -14.09 28.40
C SER D 215 -9.79 -13.10 28.89
N GLY D 216 -10.07 -12.47 30.03
CA GLY D 216 -9.27 -11.36 30.48
C GLY D 216 -9.78 -10.01 30.04
N SER D 217 -10.98 -9.94 29.47
CA SER D 217 -11.58 -8.70 29.03
C SER D 217 -13.06 -8.71 29.39
N ASN D 218 -13.74 -7.62 29.06
CA ASN D 218 -15.18 -7.51 29.22
C ASN D 218 -15.91 -7.54 27.89
N GLY D 219 -15.20 -7.82 26.80
CA GLY D 219 -15.74 -7.76 25.46
C GLY D 219 -15.10 -6.70 24.59
N VAL D 220 -14.48 -5.69 25.19
CA VAL D 220 -13.89 -4.59 24.43
C VAL D 220 -12.50 -4.27 24.97
N VAL D 221 -12.39 -4.12 26.30
CA VAL D 221 -11.14 -3.74 26.94
C VAL D 221 -10.66 -4.88 27.82
N ARG D 222 -9.39 -5.23 27.69
CA ARG D 222 -8.79 -6.24 28.57
C ARG D 222 -8.50 -5.63 29.93
N VAL D 223 -8.61 -6.47 30.97
CA VAL D 223 -8.38 -5.98 32.32
C VAL D 223 -6.99 -5.40 32.47
N ALA D 224 -6.01 -5.94 31.73
CA ALA D 224 -4.66 -5.42 31.80
C ALA D 224 -4.56 -4.00 31.25
N ALA D 225 -5.47 -3.61 30.36
CA ALA D 225 -5.38 -2.31 29.71
C ALA D 225 -6.04 -1.20 30.50
N THR D 226 -6.89 -1.52 31.49
CA THR D 226 -7.63 -0.50 32.22
C THR D 226 -6.77 0.18 33.28
N ASN D 227 -5.77 -0.52 33.80
CA ASN D 227 -5.15 -0.16 35.06
C ASN D 227 -4.03 0.86 34.86
N ASN D 229 -1.72 1.45 37.41
CA ASN D 229 -0.53 1.00 38.12
C ASN D 229 0.26 0.14 37.15
N TYR D 230 1.10 0.79 36.36
CA TYR D 230 1.95 0.12 35.37
C TYR D 230 3.36 0.67 35.49
N SER D 231 4.31 -0.04 34.88
CA SER D 231 5.70 0.34 34.90
C SER D 231 6.21 0.53 33.48
N LEU D 232 7.11 1.49 33.32
CA LEU D 232 7.89 1.65 32.10
C LEU D 232 9.24 0.97 32.33
N LEU D 233 9.67 0.16 31.36
CA LEU D 233 10.90 -0.62 31.47
C LEU D 233 11.82 -0.27 30.31
N LYS D 234 13.03 0.17 30.63
CA LYS D 234 14.03 0.55 29.64
C LYS D 234 15.18 -0.44 29.67
N LEU D 235 15.55 -0.97 28.52
CA LEU D 235 16.72 -1.85 28.37
C LEU D 235 17.65 -1.21 27.35
N HIS D 236 18.74 -0.61 27.84
CA HIS D 236 19.72 0.06 26.99
C HIS D 236 20.89 -0.89 26.73
N GLN D 237 21.13 -1.20 25.45
CA GLN D 237 22.24 -2.07 25.07
C GLN D 237 23.55 -1.30 25.14
N GLU D 238 24.51 -1.83 25.88
CA GLU D 238 25.80 -1.18 26.08
C GLU D 238 26.92 -2.19 25.87
N GLY D 239 28.14 -1.69 25.84
CA GLY D 239 29.32 -2.50 25.71
C GLY D 239 30.22 -2.05 24.57
N ASP D 240 31.39 -2.65 24.52
CA ASP D 240 32.36 -2.38 23.46
C ASP D 240 32.83 -3.68 22.81
N SER D 244 28.15 -8.28 24.99
CA SER D 244 26.98 -7.41 25.03
C SER D 244 26.35 -7.43 26.42
N LEU D 245 26.23 -6.26 27.03
CA LEU D 245 25.68 -6.12 28.37
C LEU D 245 24.44 -5.23 28.32
N VAL D 246 23.49 -5.51 29.22
CA VAL D 246 22.24 -4.78 29.30
C VAL D 246 22.21 -3.99 30.60
N VAL D 247 21.71 -2.76 30.54
CA VAL D 247 21.46 -1.94 31.72
C VAL D 247 19.99 -1.56 31.69
N ALA D 248 19.32 -1.68 32.84
CA ALA D 248 17.88 -1.55 32.93
C ALA D 248 17.51 -0.46 33.93
N LYS D 249 16.46 0.30 33.58
CA LYS D 249 15.91 1.34 34.45
C LYS D 249 14.40 1.17 34.47
N THR D 251 10.70 2.36 35.99
CA THR D 251 9.94 3.44 36.60
C THR D 251 8.47 3.02 36.65
N ARG D 252 7.75 3.57 37.64
CA ARG D 252 6.39 3.14 37.92
C ARG D 252 5.55 4.33 38.36
N THR D 253 4.26 4.29 38.01
CA THR D 253 3.34 5.33 38.40
C THR D 253 2.99 5.21 39.89
N GLN D 254 2.32 6.23 40.41
CA GLN D 254 1.86 6.18 41.79
C GLN D 254 0.65 5.27 41.90
N PRO D 255 0.45 4.65 43.07
CA PRO D 255 -0.70 3.73 43.22
C PRO D 255 -2.01 4.41 42.86
N ALA D 257 -6.29 3.57 42.64
CA ALA D 257 -7.41 2.67 42.92
C ALA D 257 -7.69 1.81 41.70
N PHE D 258 -7.70 0.50 41.90
CA PHE D 258 -7.93 -0.48 40.82
C PHE D 258 -8.99 -1.47 41.28
N GLY D 259 -10.05 -1.61 40.49
CA GLY D 259 -11.13 -2.49 40.85
C GLY D 259 -11.66 -3.33 39.70
N VAL D 260 -11.65 -4.65 39.86
CA VAL D 260 -12.28 -5.57 38.93
C VAL D 260 -13.60 -5.98 39.59
N LEU D 261 -14.68 -5.32 39.20
CA LEU D 261 -15.97 -5.52 39.85
C LEU D 261 -16.69 -6.73 39.28
N PRO D 262 -17.64 -7.30 40.02
CA PRO D 262 -18.21 -8.60 39.64
C PRO D 262 -19.38 -8.54 38.68
N GLY D 263 -19.32 -9.43 37.68
CA GLY D 263 -20.43 -9.65 36.77
C GLY D 263 -20.86 -8.44 35.98
N LEU D 264 -19.93 -7.78 35.30
CA LEU D 264 -20.23 -6.60 34.51
C LEU D 264 -19.44 -6.63 33.21
N SER D 265 -20.14 -6.46 32.09
CA SER D 265 -19.50 -6.40 30.79
C SER D 265 -19.18 -4.95 30.43
N HIS D 266 -18.87 -4.69 29.16
CA HIS D 266 -18.51 -3.35 28.74
C HIS D 266 -19.73 -2.46 28.57
N SER D 267 -20.74 -2.94 27.85
CA SER D 267 -21.94 -2.15 27.57
C SER D 267 -23.15 -3.07 27.54
N GLY D 268 -24.30 -2.49 27.25
CA GLY D 268 -25.54 -3.24 27.19
C GLY D 268 -26.35 -3.13 28.46
N LYS D 269 -27.67 -2.93 28.33
CA LYS D 269 -28.54 -2.82 29.49
C LYS D 269 -28.56 -4.09 30.32
N ASN D 270 -28.07 -5.21 29.79
CA ASN D 270 -28.11 -6.46 30.54
C ASN D 270 -27.06 -6.45 31.66
N ILE D 271 -25.81 -6.21 31.32
CA ILE D 271 -24.73 -6.27 32.31
C ILE D 271 -23.63 -5.26 32.00
N GLY D 272 -23.97 -4.20 31.28
CA GLY D 272 -23.02 -3.14 31.01
C GLY D 272 -22.56 -2.48 32.30
N ILE D 273 -21.24 -2.28 32.44
CA ILE D 273 -20.70 -1.76 33.70
C ILE D 273 -21.45 -0.51 34.13
N ILE D 274 -21.83 0.34 33.16
CA ILE D 274 -22.64 1.50 33.45
C ILE D 274 -23.96 1.49 32.69
N ARG D 275 -24.06 0.77 31.57
CA ARG D 275 -25.28 0.78 30.77
C ARG D 275 -26.42 0.05 31.48
N SER D 276 -26.11 -0.94 32.32
CA SER D 276 -27.13 -1.74 32.98
C SER D 276 -27.62 -1.14 34.28
N ILE D 277 -27.21 0.08 34.61
CA ILE D 277 -27.58 0.69 35.88
C ILE D 277 -28.97 1.31 35.76
N THR D 278 -29.89 0.83 36.58
CA THR D 278 -31.20 1.44 36.76
C THR D 278 -31.33 1.88 38.21
N ALA D 280 -33.82 1.07 40.11
CA ALA D 280 -34.38 -0.06 40.86
C ALA D 280 -33.28 -1.04 41.29
N ASN D 281 -32.18 -1.11 40.55
CA ASN D 281 -31.07 -2.00 40.86
C ASN D 281 -29.82 -1.26 41.31
N ALA D 282 -29.85 0.07 41.34
CA ALA D 282 -28.64 0.83 41.67
C ALA D 282 -28.14 0.50 43.07
N ALA D 283 -29.04 0.36 44.03
CA ALA D 283 -28.62 0.09 45.41
C ALA D 283 -27.79 -1.18 45.50
N THR D 284 -28.00 -2.12 44.58
CA THR D 284 -27.27 -3.39 44.58
C THR D 284 -26.36 -3.54 43.37
N HIS D 285 -26.16 -2.47 42.61
CA HIS D 285 -25.23 -2.52 41.48
C HIS D 285 -23.81 -2.26 41.97
N PRO D 286 -22.88 -3.20 41.77
CA PRO D 286 -21.51 -2.96 42.26
C PRO D 286 -20.90 -1.64 41.79
N THR D 287 -21.20 -1.23 40.55
CA THR D 287 -20.63 0.01 40.03
C THR D 287 -21.18 1.23 40.76
N ALA D 288 -22.49 1.24 41.01
CA ALA D 288 -23.08 2.35 41.76
C ALA D 288 -22.55 2.39 43.19
N ILE D 289 -22.40 1.23 43.83
CA ILE D 289 -21.91 1.18 45.20
C ILE D 289 -20.53 1.81 45.29
N TRP D 290 -19.62 1.39 44.41
CA TRP D 290 -18.23 1.82 44.52
C TRP D 290 -18.01 3.23 44.00
N ILE D 291 -18.75 3.63 42.95
CA ILE D 291 -18.68 5.02 42.51
C ILE D 291 -19.08 5.95 43.65
N LEU D 292 -20.16 5.62 44.35
CA LEU D 292 -20.57 6.43 45.49
C LEU D 292 -19.49 6.49 46.55
N ARG D 293 -18.74 5.39 46.72
CA ARG D 293 -17.64 5.40 47.68
C ARG D 293 -16.48 6.26 47.19
N CYS D 294 -16.12 6.16 45.91
CA CYS D 294 -15.06 6.98 45.38
C CYS D 294 -15.37 8.46 45.55
N LEU D 295 -16.59 8.87 45.18
CA LEU D 295 -16.97 10.27 45.25
C LEU D 295 -16.91 10.82 46.66
N GLN D 296 -16.96 9.95 47.67
CA GLN D 296 -16.90 10.38 49.07
C GLN D 296 -15.48 10.51 49.59
N VAL D 297 -14.47 10.11 48.81
CA VAL D 297 -13.09 10.23 49.25
C VAL D 297 -12.74 11.70 49.44
N LYS D 298 -12.16 12.01 50.61
CA LYS D 298 -11.85 13.40 50.96
C LYS D 298 -10.55 13.51 51.75
N SER D 299 -9.59 12.62 51.50
CA SER D 299 -8.34 12.63 52.23
C SER D 299 -7.40 11.62 51.61
N ARG D 300 -6.11 11.73 51.97
CA ARG D 300 -5.17 10.66 51.65
C ARG D 300 -5.55 9.37 52.37
N ASP D 301 -6.13 9.49 53.56
CA ASP D 301 -6.45 8.32 54.37
C ASP D 301 -7.57 7.50 53.74
N SER D 302 -8.73 8.13 53.53
CA SER D 302 -9.86 7.41 52.96
C SER D 302 -9.50 6.80 51.60
N TYR D 303 -8.72 7.52 50.81
CA TYR D 303 -8.32 7.00 49.49
C TYR D 303 -7.54 5.70 49.62
N ASN D 304 -6.45 5.73 50.39
CA ASN D 304 -5.60 4.56 50.51
C ASN D 304 -6.36 3.36 51.07
N LYS D 305 -7.35 3.60 51.92
CA LYS D 305 -8.14 2.51 52.46
C LYS D 305 -9.26 2.10 51.50
N LEU D 306 -9.62 2.95 50.55
CA LEU D 306 -10.56 2.56 49.50
C LEU D 306 -9.88 1.67 48.47
N VAL D 307 -8.60 1.94 48.15
CA VAL D 307 -7.90 1.08 47.21
C VAL D 307 -7.63 -0.28 47.85
N LYS D 308 -7.38 -0.31 49.17
CA LYS D 308 -7.26 -1.58 49.86
C LYS D 308 -8.54 -2.40 49.72
N GLU D 309 -9.70 -1.74 49.78
CA GLU D 309 -10.97 -2.44 49.60
C GLU D 309 -11.14 -2.91 48.17
N LEU D 310 -10.79 -2.07 47.20
CA LEU D 310 -10.93 -2.47 45.80
C LEU D 310 -10.04 -3.67 45.49
N ASP D 311 -8.84 -3.71 46.06
CA ASP D 311 -7.97 -4.87 45.88
C ASP D 311 -8.63 -6.13 46.40
N ASN D 312 -9.38 -6.02 47.50
CA ASN D 312 -10.07 -7.19 48.03
C ASN D 312 -11.20 -7.64 47.09
N ILE D 313 -11.98 -6.69 46.57
CA ILE D 313 -13.04 -7.06 45.64
C ILE D 313 -12.46 -7.60 44.35
N THR D 314 -11.43 -6.94 43.81
CA THR D 314 -10.74 -7.45 42.64
C THR D 314 -10.41 -8.92 42.81
N LYS D 315 -9.90 -9.30 43.99
CA LYS D 315 -9.52 -10.68 44.23
C LYS D 315 -10.74 -11.60 44.21
N GLU D 316 -11.75 -11.31 45.03
CA GLU D 316 -12.91 -12.19 45.11
C GLU D 316 -13.61 -12.31 43.77
N THR D 317 -13.65 -11.23 42.99
CA THR D 317 -14.32 -11.27 41.69
C THR D 317 -13.66 -12.30 40.78
N GLN D 318 -12.34 -12.32 40.72
CA GLN D 318 -11.63 -13.21 39.80
C GLN D 318 -11.53 -14.63 40.32
N LYS D 319 -11.78 -14.85 41.62
CA LYS D 319 -11.89 -16.22 42.12
C LYS D 319 -13.25 -16.83 41.82
N ASN D 320 -14.30 -16.00 41.79
CA ASN D 320 -15.64 -16.48 41.50
C ASN D 320 -15.90 -16.63 40.00
N GLU D 321 -15.17 -15.90 39.17
CA GLU D 321 -15.35 -15.94 37.72
C GLU D 321 -14.26 -16.73 37.01
N HIS D 322 -13.47 -17.51 37.76
CA HIS D 322 -12.43 -18.33 37.13
C HIS D 322 -13.04 -19.38 36.22
N LYS D 323 -14.19 -19.94 36.61
CA LYS D 323 -14.84 -21.02 35.86
C LYS D 323 -16.31 -20.70 35.69
N GLU D 324 -16.77 -20.68 34.45
CA GLU D 324 -18.18 -20.48 34.13
C GLU D 324 -18.64 -21.63 33.23
N PHE D 325 -19.86 -22.10 33.46
CA PHE D 325 -20.43 -23.22 32.72
C PHE D 325 -21.77 -22.79 32.16
N VAL D 326 -21.86 -22.73 30.82
CA VAL D 326 -23.11 -22.41 30.13
C VAL D 326 -23.67 -23.70 29.56
N LYS D 327 -24.94 -23.98 29.86
CA LYS D 327 -25.57 -25.25 29.51
C LYS D 327 -26.89 -24.98 28.79
N THR D 328 -26.97 -25.39 27.54
CA THR D 328 -28.20 -25.41 26.77
C THR D 328 -28.48 -26.83 26.33
N LEU D 329 -29.68 -27.05 25.78
CA LEU D 329 -30.04 -28.38 25.32
C LEU D 329 -29.14 -28.85 24.19
N VAL D 330 -28.42 -27.95 23.54
CA VAL D 330 -27.63 -28.31 22.37
C VAL D 330 -26.19 -28.64 22.75
N PHE D 331 -25.59 -27.88 23.67
CA PHE D 331 -24.17 -28.06 23.98
C PHE D 331 -23.89 -27.71 25.42
N THR D 332 -22.77 -28.24 25.93
CA THR D 332 -22.26 -27.94 27.25
C THR D 332 -20.86 -27.36 27.10
N ARG D 333 -20.58 -26.27 27.80
CA ARG D 333 -19.30 -25.59 27.66
C ARG D 333 -18.79 -25.12 29.02
N GLU D 334 -17.47 -25.01 29.11
CA GLU D 334 -16.78 -24.50 30.29
C GLU D 334 -15.77 -23.46 29.85
N TYR D 335 -15.84 -22.27 30.44
CA TYR D 335 -14.96 -21.17 30.09
C TYR D 335 -14.04 -20.87 31.26
N ILE D 336 -12.74 -20.80 30.99
CA ILE D 336 -11.72 -20.54 31.99
C ILE D 336 -11.18 -19.13 31.77
N THR D 337 -11.23 -18.31 32.82
CA THR D 337 -10.68 -16.96 32.79
C THR D 337 -9.76 -16.79 33.99
N ASN D 338 -8.50 -16.47 33.74
CA ASN D 338 -7.50 -16.29 34.77
C ASN D 338 -7.11 -14.80 34.86
N ARG D 339 -5.93 -14.53 35.39
CA ARG D 339 -5.37 -13.18 35.45
C ARG D 339 -4.24 -13.07 34.44
N TYR D 340 -4.19 -11.93 33.74
CA TYR D 340 -3.32 -11.76 32.60
C TYR D 340 -2.50 -10.49 32.74
N SER D 341 -1.44 -10.42 31.95
CA SER D 341 -0.55 -9.26 31.92
C SER D 341 -0.30 -8.86 30.47
N ILE D 343 2.32 -6.88 27.84
CA ILE D 343 3.64 -6.31 27.55
C ILE D 343 3.52 -5.50 26.26
N ILE D 344 3.97 -4.26 26.30
CA ILE D 344 3.95 -3.36 25.16
C ILE D 344 5.40 -3.04 24.80
N PHE D 345 5.87 -3.62 23.70
CA PHE D 345 7.27 -3.50 23.31
C PHE D 345 7.46 -2.36 22.33
N ARG D 346 8.37 -1.45 22.67
CA ARG D 346 8.87 -0.43 21.75
C ARG D 346 10.36 -0.68 21.53
N LEU D 347 10.81 -0.53 20.29
CA LEU D 347 12.18 -0.86 19.92
C LEU D 347 12.78 0.31 19.14
N ILE D 348 13.82 0.90 19.71
CA ILE D 348 14.57 1.99 19.08
C ILE D 348 16.04 1.60 19.08
N ASP D 349 16.87 2.49 18.52
CA ASP D 349 18.32 2.33 18.55
C ASP D 349 18.93 3.64 19.01
N ASP D 350 20.24 3.61 19.25
CA ASP D 350 20.94 4.78 19.78
C ASP D 350 21.11 5.90 18.77
N ARG D 351 20.50 5.82 17.58
CA ARG D 351 20.61 6.86 16.57
C ARG D 351 19.30 7.59 16.32
N GLY D 352 18.20 7.17 16.96
CA GLY D 352 16.91 7.76 16.77
C GLY D 352 15.98 6.98 15.86
N ASN D 353 16.51 6.03 15.09
CA ASN D 353 15.68 5.23 14.22
C ASN D 353 14.82 4.27 15.03
N HIS D 354 13.65 3.93 14.48
CA HIS D 354 12.73 3.00 15.14
C HIS D 354 12.87 1.63 14.49
N LEU D 355 13.32 0.65 15.26
CA LEU D 355 13.50 -0.70 14.75
C LEU D 355 12.14 -1.34 14.49
N ILE D 356 11.88 -1.67 13.22
CA ILE D 356 10.65 -2.35 12.86
C ILE D 356 10.88 -3.83 12.55
N ASP D 357 12.05 -4.20 12.02
CA ASP D 357 12.34 -5.58 11.64
C ASP D 357 13.21 -6.20 12.72
N TYR D 358 12.68 -7.23 13.37
CA TYR D 358 13.33 -7.87 14.50
C TYR D 358 12.43 -9.05 14.86
N ASP D 359 12.92 -9.87 15.77
CA ASP D 359 12.10 -10.89 16.41
C ASP D 359 12.37 -10.87 17.90
N LEU D 360 11.35 -11.22 18.65
CA LEU D 360 11.34 -11.08 20.09
C LEU D 360 10.97 -12.41 20.73
N TYR D 361 11.82 -12.90 21.63
CA TYR D 361 11.58 -14.16 22.31
C TYR D 361 11.54 -13.91 23.82
N LEU D 362 10.41 -14.23 24.44
CA LEU D 362 10.37 -14.42 25.88
C LEU D 362 11.08 -15.72 26.21
N THR D 363 11.96 -15.69 27.20
CA THR D 363 12.69 -16.88 27.62
C THR D 363 12.56 -17.04 29.12
N ALA D 364 12.57 -18.30 29.56
CA ALA D 364 12.40 -18.62 30.96
C ALA D 364 13.17 -19.89 31.27
N GLY D 365 13.11 -20.31 32.54
CA GLY D 365 13.82 -21.47 32.99
C GLY D 365 15.31 -21.20 33.14
N PRO D 366 16.04 -22.16 33.72
CA PRO D 366 17.50 -22.02 33.77
C PRO D 366 18.06 -21.92 32.37
N GLN D 367 19.07 -21.06 32.22
CA GLN D 367 19.74 -20.79 30.95
C GLN D 367 18.86 -20.00 29.98
N TYR D 368 17.69 -19.55 30.42
CA TYR D 368 16.87 -18.61 29.67
C TYR D 368 16.69 -19.03 28.21
N SER D 369 15.92 -20.10 28.05
CA SER D 369 15.64 -20.69 26.75
C SER D 369 14.27 -20.24 26.26
N GLU D 370 14.21 -19.83 24.99
CA GLU D 370 12.93 -19.44 24.40
C GLU D 370 11.97 -20.62 24.31
N GLN D 371 12.49 -21.84 24.28
CA GLN D 371 11.66 -23.03 24.15
C GLN D 371 11.27 -23.63 25.49
N ALA D 372 11.35 -22.85 26.57
CA ALA D 372 11.03 -23.34 27.91
C ALA D 372 9.86 -22.62 28.55
N LEU D 373 9.21 -21.69 27.84
CA LEU D 373 8.09 -20.98 28.44
C LEU D 373 7.00 -21.97 28.84
N PRO D 374 6.28 -21.71 29.94
CA PRO D 374 5.25 -22.66 30.37
C PRO D 374 4.15 -22.80 29.33
N ALA D 375 3.68 -24.03 29.15
CA ALA D 375 2.65 -24.30 28.16
C ALA D 375 1.36 -23.55 28.52
N GLY D 376 0.84 -22.80 27.55
CA GLY D 376 -0.31 -21.96 27.78
C GLY D 376 0.01 -20.54 28.19
N PHE D 377 1.28 -20.15 28.16
CA PHE D 377 1.66 -18.80 28.58
C PHE D 377 1.06 -17.74 27.68
N PHE D 378 0.81 -18.07 26.42
CA PHE D 378 0.47 -17.10 25.39
C PHE D 378 -1.04 -17.03 25.20
N VAL D 379 -1.55 -15.81 24.98
CA VAL D 379 -2.94 -15.59 24.65
C VAL D 379 -3.11 -14.87 23.32
N ASP D 380 -2.30 -13.85 23.07
CA ASP D 380 -2.46 -13.06 21.85
C ASP D 380 -1.26 -12.15 21.65
N ARG D 381 -0.96 -11.88 20.39
CA ARG D 381 0.07 -10.93 20.00
C ARG D 381 -0.48 -10.04 18.89
N GLN D 382 -0.08 -8.78 18.90
CA GLN D 382 -0.52 -7.84 17.89
C GLN D 382 0.60 -6.86 17.58
N ARG D 383 0.78 -6.57 16.30
CA ARG D 383 1.74 -5.58 15.81
C ARG D 383 0.96 -4.36 15.35
N ASN D 384 1.29 -3.19 15.90
CA ASN D 384 0.59 -1.97 15.53
C ASN D 384 0.70 -1.73 14.03
N LEU D 385 -0.40 -1.26 13.43
CA LEU D 385 -0.45 -1.09 11.98
C LEU D 385 0.36 0.13 11.55
N ASN D 386 0.20 1.25 12.24
CA ASN D 386 0.86 2.48 11.82
C ASN D 386 2.33 2.52 12.24
N ASN D 387 2.68 1.87 13.36
CA ASN D 387 4.07 1.76 13.79
C ASN D 387 4.39 0.28 13.89
N ARG D 388 5.03 -0.26 12.85
CA ARG D 388 5.32 -1.68 12.81
C ARG D 388 6.25 -2.13 13.93
N GLY D 389 7.01 -1.22 14.51
CA GLY D 389 7.95 -1.56 15.56
C GLY D 389 7.35 -1.76 16.93
N LYS D 390 6.02 -1.68 17.07
CA LYS D 390 5.36 -1.81 18.36
C LYS D 390 4.71 -3.18 18.44
N LEU D 391 5.04 -3.93 19.48
CA LEU D 391 4.59 -5.31 19.67
C LEU D 391 3.94 -5.42 21.04
N THR D 392 2.66 -5.78 21.06
CA THR D 392 1.91 -5.96 22.30
C THR D 392 1.62 -7.44 22.48
N TYR D 393 2.14 -8.01 23.57
CA TYR D 393 1.90 -9.40 23.93
C TYR D 393 0.88 -9.46 25.05
N PHE D 394 -0.06 -10.40 24.94
CA PHE D 394 -1.05 -10.65 26.00
C PHE D 394 -0.81 -12.05 26.54
N LEU D 395 -0.53 -12.14 27.84
CA LEU D 395 -0.05 -13.36 28.46
C LEU D 395 -0.88 -13.69 29.69
N ASP D 396 -0.95 -14.99 30.01
CA ASP D 396 -1.64 -15.47 31.20
C ASP D 396 -0.66 -15.47 32.36
N TYR D 397 -0.91 -14.63 33.36
CA TYR D 397 0.02 -14.52 34.48
C TYR D 397 0.02 -15.78 35.34
N ASP D 398 -1.17 -16.34 35.61
CA ASP D 398 -1.25 -17.48 36.51
C ASP D 398 -0.52 -18.69 35.94
N ILE D 399 -0.80 -19.03 34.68
CA ILE D 399 -0.12 -20.17 34.06
C ILE D 399 1.38 -19.96 34.06
N GLU D 401 3.33 -17.69 36.04
CA GLU D 401 3.81 -17.69 37.41
C GLU D 401 3.78 -19.10 38.00
N GLY D 402 2.78 -19.88 37.65
CA GLY D 402 2.73 -21.26 38.13
C GLY D 402 3.85 -22.11 37.58
N GLY D 403 4.17 -21.93 36.30
CA GLY D 403 5.22 -22.73 35.68
C GLY D 403 6.62 -22.22 35.90
N ILE D 404 6.79 -20.95 36.26
CA ILE D 404 8.12 -20.37 36.38
C ILE D 404 8.56 -20.28 37.83
N ASN D 405 7.62 -20.11 38.75
CA ASN D 405 7.95 -20.03 40.18
C ASN D 405 7.90 -21.42 40.81
N THR D 406 8.68 -22.33 40.22
CA THR D 406 8.87 -23.69 40.69
C THR D 406 10.35 -23.97 40.78
N PRO D 407 10.75 -24.97 41.57
CA PRO D 407 12.17 -25.32 41.67
C PRO D 407 12.90 -25.40 40.34
N LYS D 408 12.42 -26.25 39.44
CA LYS D 408 13.16 -26.53 38.21
C LYS D 408 13.30 -25.31 37.31
N GLN D 410 13.56 -21.97 38.50
CA GLN D 410 14.35 -20.95 39.18
C GLN D 410 13.72 -19.55 39.09
N GLY D 411 12.45 -19.48 38.76
CA GLY D 411 11.74 -18.21 38.75
C GLY D 411 12.23 -17.23 37.70
N ASN D 412 12.79 -17.72 36.61
CA ASN D 412 13.49 -16.87 35.66
C ASN D 412 12.60 -16.46 34.50
N LEU D 413 12.81 -15.23 34.03
CA LEU D 413 12.14 -14.74 32.83
C LEU D 413 12.99 -13.66 32.19
N GLY D 414 13.22 -13.77 30.88
CA GLY D 414 14.06 -12.82 30.17
C GLY D 414 13.51 -12.50 28.80
N PHE D 415 14.28 -11.71 28.06
CA PHE D 415 13.91 -11.28 26.72
C PHE D 415 15.10 -11.48 25.78
N ARG D 416 14.79 -11.75 24.51
CA ARG D 416 15.81 -11.88 23.48
C ARG D 416 15.29 -11.23 22.21
N VAL D 417 15.93 -10.14 21.78
CA VAL D 417 15.60 -9.46 20.54
C VAL D 417 16.81 -9.57 19.60
N LYS D 418 16.54 -9.80 18.32
CA LYS D 418 17.60 -10.02 17.34
C LYS D 418 17.91 -8.79 16.50
N ALA D 419 16.87 -8.10 16.01
CA ALA D 419 17.05 -6.85 15.26
C ALA D 419 17.79 -7.10 13.95
N TYR D 420 17.42 -6.37 12.90
CA TYR D 420 17.97 -6.60 11.59
C TYR D 420 18.40 -5.29 10.93
N PRO D 421 19.42 -5.35 10.06
CA PRO D 421 20.18 -6.56 9.72
C PRO D 421 21.08 -7.05 10.86
N GLU D 422 21.25 -8.36 10.94
CA GLU D 422 21.99 -8.97 12.02
C GLU D 422 23.48 -9.06 11.68
N SER D 423 24.27 -9.55 12.64
CA SER D 423 25.67 -9.83 12.38
C SER D 423 25.77 -10.90 11.29
N SER D 424 26.58 -10.62 10.27
CA SER D 424 26.70 -11.51 9.12
C SER D 424 27.89 -11.05 8.29
N ASP D 425 28.16 -11.78 7.21
CA ASP D 425 29.16 -11.34 6.23
C ASP D 425 28.67 -10.13 5.44
N GLN D 426 27.40 -9.77 5.55
CA GLN D 426 26.88 -8.54 4.97
C GLN D 426 27.44 -7.35 5.76
N ALA D 427 27.00 -7.23 7.01
CA ALA D 427 27.61 -6.30 7.99
C ALA D 427 27.40 -4.86 7.50
N LEU D 428 28.41 -3.99 7.64
CA LEU D 428 28.35 -2.59 7.24
C LEU D 428 27.45 -1.78 8.16
N ALA D 429 26.22 -2.23 8.41
CA ALA D 429 25.32 -1.55 9.34
C ALA D 429 24.33 -2.57 9.86
N TYR D 430 24.47 -2.97 11.12
CA TYR D 430 23.77 -4.14 11.65
C TYR D 430 23.54 -3.95 13.14
N TYR D 431 23.01 -5.00 13.78
CA TYR D 431 22.65 -4.96 15.18
C TYR D 431 23.11 -6.24 15.87
N ARG D 432 23.24 -6.16 17.19
CA ARG D 432 23.75 -7.26 18.00
C ARG D 432 22.65 -7.81 18.89
N LEU D 433 22.76 -9.11 19.20
CA LEU D 433 21.78 -9.79 20.03
C LEU D 433 21.71 -9.17 21.41
N LEU D 434 20.49 -8.95 21.89
CA LEU D 434 20.25 -8.42 23.23
C LEU D 434 19.64 -9.52 24.09
N ASP D 435 20.31 -9.84 25.19
CA ASP D 435 19.86 -10.88 26.11
C ASP D 435 19.68 -10.27 27.50
N PHE D 436 18.44 -10.26 27.97
CA PHE D 436 18.09 -9.71 29.28
C PHE D 436 17.49 -10.81 30.14
N HIS D 437 17.89 -10.84 31.41
CA HIS D 437 17.51 -11.90 32.34
C HIS D 437 17.03 -11.31 33.65
N SER D 438 15.91 -11.84 34.17
CA SER D 438 15.37 -11.38 35.45
C SER D 438 14.03 -12.00 35.82
N SER D 439 13.32 -11.33 36.75
CA SER D 439 11.87 -11.34 36.88
C SER D 439 11.32 -12.37 37.86
N LEU D 440 10.22 -13.06 37.48
CA LEU D 440 9.21 -13.54 38.43
C LEU D 440 9.78 -14.00 39.75
N ALA D 441 10.37 -13.06 40.50
CA ALA D 441 10.88 -13.34 41.83
C ALA D 441 9.94 -12.86 42.93
N ASP D 442 8.99 -11.97 42.61
CA ASP D 442 8.05 -11.31 43.51
C ASP D 442 8.72 -10.14 44.22
N ILE D 443 10.04 -9.98 44.13
CA ILE D 443 10.73 -8.84 44.71
C ILE D 443 10.81 -7.73 43.67
N HIS D 444 11.43 -8.03 42.52
CA HIS D 444 11.56 -7.08 41.42
C HIS D 444 11.20 -7.77 40.10
N LYS D 445 9.99 -8.33 40.05
CA LYS D 445 9.53 -8.97 38.84
C LYS D 445 9.05 -7.92 37.83
N ILE D 446 8.80 -8.38 36.61
CA ILE D 446 8.43 -7.49 35.51
C ILE D 446 6.96 -7.63 35.15
N LEU D 447 6.34 -8.78 35.40
CA LEU D 447 4.92 -8.98 35.11
C LEU D 447 4.14 -9.01 36.42
N HIS D 448 3.09 -8.21 36.48
CA HIS D 448 2.16 -8.18 37.59
C HIS D 448 0.77 -8.55 37.10
N PRO D 449 0.01 -9.34 37.85
CA PRO D 449 -1.31 -9.75 37.37
C PRO D 449 -2.24 -8.56 37.18
N ASN D 450 -3.05 -8.62 36.12
CA ASN D 450 -3.98 -7.53 35.78
C ASN D 450 -3.24 -6.22 35.53
N GLU D 451 -2.07 -6.32 34.90
CA GLU D 451 -1.22 -5.15 34.69
C GLU D 451 -0.64 -5.16 33.29
N THR D 452 -0.47 -3.96 32.75
CA THR D 452 0.29 -3.74 31.53
C THR D 452 1.69 -3.27 31.89
N VAL D 453 2.69 -3.75 31.15
CA VAL D 453 4.06 -3.31 31.32
C VAL D 453 4.56 -2.76 29.99
N VAL D 455 7.79 -1.81 27.72
CA VAL D 455 9.18 -2.21 27.56
C VAL D 455 9.73 -1.50 26.34
N GLU D 456 10.69 -0.60 26.56
CA GLU D 456 11.37 0.11 25.49
C GLU D 456 12.77 -0.49 25.33
N ILE D 457 13.08 -0.95 24.12
CA ILE D 457 14.32 -1.68 23.84
C ILE D 457 15.19 -0.81 22.94
N LEU D 459 18.63 -0.74 20.94
CA LEU D 459 19.73 -1.53 20.40
C LEU D 459 20.88 -0.62 19.99
N GLN D 460 22.09 -1.17 20.01
CA GLN D 460 23.29 -0.45 19.60
C GLN D 460 23.48 -0.65 18.09
N ARG D 461 23.18 0.39 17.31
CA ARG D 461 23.40 0.33 15.88
C ARG D 461 24.90 0.32 15.60
N ARG D 462 25.37 -0.73 14.93
CA ARG D 462 26.79 -0.92 14.66
C ARG D 462 27.06 -0.72 13.18
N VAL D 463 28.00 0.16 12.86
CA VAL D 463 28.41 0.44 11.49
C VAL D 463 29.86 0.00 11.33
N ASP D 464 30.15 -0.72 10.25
CA ASP D 464 31.50 -1.18 9.99
C ASP D 464 32.35 -0.07 9.38
N ARG D 465 33.65 -0.13 9.62
CA ARG D 465 34.56 0.90 9.14
C ARG D 465 34.58 0.99 7.62
N THR D 466 34.13 -0.05 6.93
CA THR D 466 34.17 -0.04 5.46
C THR D 466 33.22 0.98 4.86
N VAL D 467 32.20 1.42 5.63
CA VAL D 467 31.26 2.41 5.10
C VAL D 467 31.98 3.70 4.72
N PHE D 468 33.17 3.94 5.26
CA PHE D 468 33.96 5.11 4.86
C PHE D 468 35.42 4.86 5.17
N ARG D 469 36.27 4.95 4.15
CA ARG D 469 37.71 4.85 4.30
C ARG D 469 38.37 5.99 3.55
N ILE D 470 39.58 6.34 3.96
CA ILE D 470 40.41 7.31 3.27
C ILE D 470 41.82 6.75 3.14
N SER D 471 42.46 7.04 2.01
CA SER D 471 43.82 6.58 1.75
C SER D 471 44.52 7.60 0.88
N ASN D 472 45.82 7.78 1.13
CA ASN D 472 46.63 8.69 0.33
C ASN D 472 47.32 7.98 -0.84
N ASN D 473 46.98 6.72 -1.10
CA ASN D 473 47.42 6.04 -2.32
C ASN D 473 46.54 6.52 -3.47
N LEU D 474 47.03 7.49 -4.21
CA LEU D 474 46.21 8.23 -5.18
C LEU D 474 45.96 7.48 -6.47
N THR D 475 46.35 6.22 -6.57
CA THR D 475 46.05 5.42 -7.75
C THR D 475 44.60 4.95 -7.69
N PRO D 476 43.74 5.34 -8.63
CA PRO D 476 42.33 4.90 -8.56
C PRO D 476 42.21 3.39 -8.51
N ALA D 477 41.15 2.92 -7.83
CA ALA D 477 40.92 1.50 -7.65
C ALA D 477 39.45 1.26 -7.38
N LYS D 478 39.03 0.02 -7.56
CA LYS D 478 37.65 -0.36 -7.27
C LYS D 478 37.37 -0.22 -5.78
N ILE D 479 36.13 0.16 -5.46
CA ILE D 479 35.69 0.30 -4.08
C ILE D 479 35.03 -0.99 -3.64
N SER D 480 35.58 -1.63 -2.62
CA SER D 480 35.07 -2.90 -2.12
C SER D 480 34.15 -2.67 -0.93
N GLY D 481 32.98 -3.32 -0.95
CA GLY D 481 32.07 -3.25 0.16
C GLY D 481 32.31 -4.37 1.16
N LYS D 482 33.52 -4.92 1.14
CA LYS D 482 33.86 -6.04 2.02
C LYS D 482 33.95 -5.54 3.45
N PRO D 483 33.15 -6.07 4.37
CA PRO D 483 33.16 -5.53 5.75
C PRO D 483 34.49 -5.76 6.43
N THR D 484 34.92 -4.75 7.19
CA THR D 484 36.13 -4.87 7.99
C THR D 484 35.96 -5.85 9.14
N GLY D 485 34.73 -6.11 9.57
CA GLY D 485 34.49 -6.86 10.78
C GLY D 485 34.74 -6.09 12.06
N LYS D 486 35.08 -4.81 11.96
CA LYS D 486 35.33 -3.98 13.13
C LYS D 486 34.48 -2.72 13.04
N LYS D 487 34.03 -2.25 14.20
CA LYS D 487 32.99 -1.25 14.30
C LYS D 487 33.57 0.15 14.42
N ILE D 488 32.70 1.15 14.22
CA ILE D 488 33.05 2.56 14.40
C ILE D 488 32.35 3.08 15.64
N ASP D 489 33.01 4.00 16.34
CA ASP D 489 32.48 4.57 17.57
C ASP D 489 31.12 5.22 17.33
#